data_9GE8
#
_entry.id   9GE8
#
_cell.length_a   1.00
_cell.length_b   1.00
_cell.length_c   1.00
_cell.angle_alpha   90.00
_cell.angle_beta   90.00
_cell.angle_gamma   90.00
#
_symmetry.space_group_name_H-M   'P 1'
#
loop_
_entity.id
_entity.type
_entity.pdbx_description
1 polymer 'Uncharacterized ABC transporter permease YbbP'
2 polymer 'Uncharacterized ABC transporter ATP-binding protein YbbA'
3 polymer 'Thioesterase 1/protease 1/lysophospholipase L1'
4 non-polymer 'PHOSPHOAMINOPHOSPHONIC ACID-ADENYLATE ESTER'
5 non-polymer 'MAGNESIUM ION'
#
loop_
_entity_poly.entity_id
_entity_poly.type
_entity_poly.pdbx_seq_one_letter_code
_entity_poly.pdbx_strand_id
1 'polypeptide(L)'
;MIARWFWREWRSPSLLIVWLALSLAVACVLALGNISDRMEKGLSQQSREFMAGDRALRSSREVPQAWLEEAQKRGLKVGK
QLTFATMTFAGDTPQLANVKAVDDIYPMYGDLQTNPPGLKPQAGSVLLAPRLMALLNLKTGDTIDVGDATLRIAGEVIQE
PDSGFNPFQMAPRLMMNLADVDKTGAVQPGSRVTWRYKFGGNENQLDGYEKWLLPQLKPEQRWYGLEQDEGALGRSMERS
QQFLLLSALLTLLLAVAAVAVAMNHYCRSRYDLVAILKTLGAGRAQLRKLIVGQWLMVLTLSAVTGGAIGLLFENVLMVL
LKPVLPAALPPASLWPWLWALGTMTVISLLVGLRPYRLLLATQPLRVLRNDVVANVWPLKFYLPIVSVVVVLLLAGLMGG
SMLLWAVLAGAVVLALLCGVLGWMLLNVLRRMTLKSLPLRLAVSRLLRQPWSTLSQLSAFSLSFMLLALLLVLRGDLLDR
WQQQLPPESPNYFLINIATEQVAPLKAFLAEHQIVPESFYPVVRARLTAINDKPTEGNEDEALNRELNLTWQNTRPDHNP
IVAGNWPPKADEVSMEEGLAKRLNVALGDTVTFMGDTQEFRAKVTSLRKVDWESLRPNFYFIFPEGALDGQPQSWLTSFR
WENGNGMLTQLNRQFPTISLLDIGAILKQVGQVLEQVSRALEVMVVLVTACGMLLLLAQVQVGMRQRHQELVVWRTLGAG
KKLLRTTLWCEFAMLGFVSGLVAAIGAETALAVLQAKVFDFPWEPDWRLWIVLPCSGALLLSLFGGWLGARLVKGKALFR
QFAG
;
A
2 'polypeptide(L)'
;MGSSHHHHHHSQDPMPAENIVEVHHLKKSVGQGEHELSILTGVELVVKRGETIALVGESGSGKSTLLAILAGLDDGSSGE
VSLVGQPLHNMDEEARAKLRAKHVGFVFQSFMLIPTLNALENVELPALLRGESSAESRNGAKALLEQLGLGKRLDHLPAQ
LSGGEQQRVALARAFNGRPDVLFADEPTGNLDRQTGDKIADLLFSLNREHGTTLIMVTHDLQLAARCDRCLRLVNGQLQE
EA
;
B,C
3 'polypeptide(L)'
;ADTLLILGDALSAGYRMSASAAWPALLNDKWQSKTSVVNASISGDTSQQGLARLPALLKQHQPRWVLVELGGNDGLRGFQ
PQQTEQTLRQILQDVKAANAEPLLMQIRLPANYGRRYNEAFSAIYPKLAKEFDVPLLPFFMEEVYLKPQWMQDDGIHPNR
DAQPFIADWMAKQLQPLVNHDS
;
T
#
loop_
_chem_comp.id
_chem_comp.type
_chem_comp.name
_chem_comp.formula
ANP non-polymer 'PHOSPHOAMINOPHOSPHONIC ACID-ADENYLATE ESTER' 'C10 H17 N6 O12 P3'
MG non-polymer 'MAGNESIUM ION' 'Mg 2'
#
# COMPACT_ATOMS: atom_id res chain seq x y z
N MET A 1 -5.25 -40.56 1.45
CA MET A 1 -4.87 -40.42 2.84
C MET A 1 -4.85 -38.95 3.24
N ILE A 2 -3.80 -38.23 2.82
CA ILE A 2 -3.69 -36.81 3.10
C ILE A 2 -4.72 -35.98 2.34
N ALA A 3 -5.35 -36.55 1.32
CA ALA A 3 -6.43 -35.85 0.63
C ALA A 3 -7.59 -35.58 1.59
N ARG A 4 -7.98 -36.58 2.37
CA ARG A 4 -9.02 -36.38 3.38
C ARG A 4 -8.54 -35.41 4.44
N TRP A 5 -7.27 -35.49 4.82
CA TRP A 5 -6.66 -34.52 5.73
C TRP A 5 -6.93 -33.10 5.25
N PHE A 6 -6.51 -32.79 4.03
CA PHE A 6 -6.63 -31.43 3.51
C PHE A 6 -8.10 -31.04 3.35
N TRP A 7 -8.94 -31.97 2.89
CA TRP A 7 -10.35 -31.66 2.70
C TRP A 7 -11.01 -31.29 4.03
N ARG A 8 -10.70 -32.02 5.10
CA ARG A 8 -11.27 -31.71 6.40
C ARG A 8 -10.68 -30.40 6.95
N GLU A 9 -9.37 -30.20 6.77
CA GLU A 9 -8.74 -28.99 7.29
C GLU A 9 -9.24 -27.74 6.58
N TRP A 10 -9.62 -27.86 5.31
CA TRP A 10 -10.15 -26.70 4.59
C TRP A 10 -11.43 -26.20 5.23
N ARG A 11 -12.18 -27.07 5.90
CA ARG A 11 -13.37 -26.67 6.64
C ARG A 11 -13.06 -26.09 8.00
N SER A 12 -11.84 -26.26 8.51
CA SER A 12 -11.49 -25.74 9.81
C SER A 12 -11.49 -24.21 9.77
N PRO A 13 -11.95 -23.55 10.84
CA PRO A 13 -12.10 -22.09 10.78
C PRO A 13 -10.79 -21.34 10.59
N SER A 14 -9.74 -21.73 11.31
CA SER A 14 -8.47 -21.01 11.22
C SER A 14 -7.87 -21.13 9.82
N LEU A 15 -7.80 -22.36 9.30
CA LEU A 15 -7.28 -22.53 7.94
C LEU A 15 -8.17 -21.83 6.93
N LEU A 16 -9.49 -21.85 7.16
CA LEU A 16 -10.41 -21.19 6.24
C LEU A 16 -10.14 -19.68 6.18
N ILE A 17 -9.99 -19.04 7.35
CA ILE A 17 -9.79 -17.60 7.35
C ILE A 17 -8.41 -17.25 6.78
N VAL A 18 -7.40 -18.07 7.08
CA VAL A 18 -6.06 -17.81 6.53
C VAL A 18 -6.09 -17.91 5.01
N TRP A 19 -6.73 -18.96 4.49
CA TRP A 19 -6.81 -19.12 3.04
C TRP A 19 -7.63 -18.01 2.40
N LEU A 20 -8.71 -17.60 3.05
CA LEU A 20 -9.50 -16.49 2.52
C LEU A 20 -8.68 -15.21 2.45
N ALA A 21 -7.92 -14.91 3.51
CA ALA A 21 -7.09 -13.71 3.50
C ALA A 21 -6.02 -13.78 2.42
N LEU A 22 -5.37 -14.94 2.28
CA LEU A 22 -4.35 -15.10 1.26
C LEU A 22 -4.92 -14.92 -0.14
N SER A 23 -6.06 -15.56 -0.41
CA SER A 23 -6.68 -15.46 -1.72
C SER A 23 -7.13 -14.03 -2.02
N LEU A 24 -7.71 -13.36 -1.02
CA LEU A 24 -8.15 -11.98 -1.21
C LEU A 24 -6.96 -11.08 -1.50
N ALA A 25 -5.86 -11.24 -0.77
CA ALA A 25 -4.68 -10.42 -1.01
C ALA A 25 -4.13 -10.67 -2.42
N VAL A 26 -4.04 -11.94 -2.82
CA VAL A 26 -3.51 -12.26 -4.14
C VAL A 26 -4.39 -11.66 -5.23
N ALA A 27 -5.71 -11.83 -5.09
CA ALA A 27 -6.62 -11.32 -6.11
C ALA A 27 -6.57 -9.81 -6.20
N CYS A 28 -6.60 -9.13 -5.05
CA CYS A 28 -6.59 -7.67 -5.07
C CYS A 28 -5.28 -7.14 -5.66
N VAL A 29 -4.15 -7.73 -5.27
CA VAL A 29 -2.86 -7.27 -5.80
C VAL A 29 -2.80 -7.50 -7.30
N LEU A 30 -3.22 -8.67 -7.77
CA LEU A 30 -3.15 -8.96 -9.20
C LEU A 30 -4.06 -8.02 -9.98
N ALA A 31 -5.29 -7.81 -9.50
CA ALA A 31 -6.21 -6.92 -10.20
C ALA A 31 -5.67 -5.49 -10.23
N LEU A 32 -5.15 -5.02 -9.10
CA LEU A 32 -4.61 -3.66 -9.05
C LEU A 32 -3.43 -3.50 -9.99
N GLY A 33 -2.52 -4.48 -10.01
CA GLY A 33 -1.38 -4.40 -10.91
C GLY A 33 -1.79 -4.40 -12.36
N ASN A 34 -2.74 -5.28 -12.73
CA ASN A 34 -3.20 -5.33 -14.11
C ASN A 34 -3.88 -4.01 -14.51
N ILE A 35 -4.71 -3.47 -13.62
CA ILE A 35 -5.39 -2.21 -13.92
C ILE A 35 -4.39 -1.08 -14.09
N SER A 36 -3.40 -1.01 -13.19
CA SER A 36 -2.40 0.04 -13.27
C SER A 36 -1.59 -0.08 -14.55
N ASP A 37 -1.21 -1.30 -14.93
CA ASP A 37 -0.44 -1.49 -16.15
C ASP A 37 -1.24 -1.10 -17.38
N ARG A 38 -2.52 -1.48 -17.42
CA ARG A 38 -3.36 -1.11 -18.56
C ARG A 38 -3.55 0.40 -18.63
N MET A 39 -3.74 1.05 -17.48
CA MET A 39 -3.86 2.50 -17.48
C MET A 39 -2.59 3.17 -17.97
N GLU A 40 -1.43 2.66 -17.54
CA GLU A 40 -0.17 3.23 -18.01
C GLU A 40 0.00 3.03 -19.52
N LYS A 41 -0.37 1.86 -20.02
CA LYS A 41 -0.30 1.62 -21.46
C LYS A 41 -1.24 2.56 -22.22
N GLY A 42 -2.44 2.76 -21.70
CA GLY A 42 -3.36 3.71 -22.33
C GLY A 42 -2.82 5.12 -22.33
N LEU A 43 -2.20 5.53 -21.22
CA LEU A 43 -1.59 6.86 -21.16
C LEU A 43 -0.47 7.00 -22.18
N SER A 44 0.37 5.97 -22.30
CA SER A 44 1.44 6.01 -23.30
C SER A 44 0.86 6.09 -24.71
N GLN A 45 -0.19 5.32 -24.98
CA GLN A 45 -0.79 5.32 -26.32
C GLN A 45 -1.39 6.68 -26.64
N GLN A 46 -2.11 7.29 -25.69
CA GLN A 46 -2.69 8.60 -25.96
C GLN A 46 -1.63 9.67 -26.08
N SER A 47 -0.53 9.55 -25.33
CA SER A 47 0.58 10.49 -25.51
C SER A 47 1.18 10.37 -26.89
N ARG A 48 1.36 9.13 -27.38
CA ARG A 48 1.87 8.93 -28.73
C ARG A 48 0.91 9.52 -29.77
N GLU A 49 -0.39 9.30 -29.58
CA GLU A 49 -1.38 9.85 -30.51
C GLU A 49 -1.34 11.38 -30.51
N PHE A 50 -1.19 11.98 -29.33
CA PHE A 50 -1.05 13.43 -29.24
C PHE A 50 0.20 13.89 -29.98
N MET A 51 1.30 13.15 -29.85
CA MET A 51 2.51 13.43 -30.60
C MET A 51 2.42 12.90 -32.04
N ALA A 52 1.38 12.15 -32.37
CA ALA A 52 1.16 11.60 -33.71
C ALA A 52 2.27 10.66 -34.14
N GLY A 53 3.02 10.12 -33.18
CA GLY A 53 4.09 9.20 -33.49
C GLY A 53 4.70 8.65 -32.21
N ASP A 54 5.57 7.67 -32.39
CA ASP A 54 6.27 7.06 -31.26
C ASP A 54 7.67 7.64 -31.03
N ARG A 55 8.34 8.06 -32.10
CA ARG A 55 9.65 8.71 -31.98
C ARG A 55 9.69 9.90 -32.92
N ALA A 56 10.33 10.98 -32.48
CA ALA A 56 10.39 12.22 -33.23
C ALA A 56 11.83 12.57 -33.55
N LEU A 57 12.06 12.98 -34.80
CA LEU A 57 13.37 13.44 -35.25
C LEU A 57 13.19 14.77 -35.96
N ARG A 58 13.66 15.85 -35.36
CA ARG A 58 13.52 17.19 -35.92
C ARG A 58 14.86 17.65 -36.49
N SER A 59 14.85 18.13 -37.73
CA SER A 59 16.06 18.55 -38.41
C SER A 59 15.82 19.90 -39.09
N SER A 60 16.91 20.65 -39.24
CA SER A 60 16.85 21.94 -39.94
C SER A 60 17.13 21.82 -41.43
N ARG A 61 17.69 20.69 -41.88
CA ARG A 61 18.01 20.48 -43.28
C ARG A 61 17.67 19.03 -43.64
N GLU A 62 18.14 18.59 -44.79
CA GLU A 62 17.83 17.26 -45.30
C GLU A 62 18.80 16.24 -44.74
N VAL A 63 18.26 15.18 -44.15
CA VAL A 63 19.07 14.08 -43.62
C VAL A 63 19.28 13.05 -44.73
N PRO A 64 20.35 12.24 -44.66
CA PRO A 64 20.55 11.22 -45.70
C PRO A 64 19.40 10.23 -45.76
N GLN A 65 19.06 9.82 -46.98
CA GLN A 65 17.98 8.86 -47.18
C GLN A 65 18.35 7.44 -46.77
N ALA A 66 19.65 7.14 -46.70
CA ALA A 66 20.07 5.78 -46.37
C ALA A 66 19.57 5.36 -45.00
N TRP A 67 19.50 6.30 -44.05
CA TRP A 67 18.98 5.97 -42.73
C TRP A 67 17.51 5.60 -42.80
N LEU A 68 16.72 6.32 -43.60
CA LEU A 68 15.32 5.97 -43.75
C LEU A 68 15.16 4.63 -44.47
N GLU A 69 16.05 4.34 -45.42
CA GLU A 69 16.04 3.03 -46.07
C GLU A 69 16.32 1.93 -45.06
N GLU A 70 17.28 2.17 -44.16
CA GLU A 70 17.57 1.21 -43.10
C GLU A 70 16.35 1.02 -42.19
N ALA A 71 15.66 2.12 -41.87
CA ALA A 71 14.45 2.01 -41.06
C ALA A 71 13.38 1.19 -41.78
N GLN A 72 13.22 1.41 -43.08
CA GLN A 72 12.26 0.63 -43.87
C GLN A 72 12.62 -0.84 -43.87
N LYS A 73 13.92 -1.15 -44.02
CA LYS A 73 14.36 -2.54 -43.95
C LYS A 73 14.07 -3.14 -42.58
N ARG A 74 14.24 -2.33 -41.52
CA ARG A 74 13.87 -2.76 -40.18
C ARG A 74 12.35 -2.88 -39.99
N GLY A 75 11.56 -2.34 -40.92
CA GLY A 75 10.12 -2.43 -40.84
C GLY A 75 9.42 -1.30 -40.12
N LEU A 76 10.17 -0.37 -39.53
CA LEU A 76 9.55 0.75 -38.83
C LEU A 76 8.90 1.70 -39.82
N LYS A 77 7.75 2.25 -39.44
CA LYS A 77 7.03 3.19 -40.29
C LYS A 77 7.55 4.60 -40.06
N VAL A 78 7.97 5.27 -41.14
CA VAL A 78 8.59 6.58 -41.06
C VAL A 78 7.80 7.55 -41.93
N GLY A 79 7.53 8.73 -41.39
CA GLY A 79 6.83 9.76 -42.13
C GLY A 79 7.55 11.09 -42.06
N LYS A 80 7.54 11.81 -43.17
CA LYS A 80 8.21 13.09 -43.32
C LYS A 80 7.18 14.22 -43.33
N GLN A 81 7.48 15.30 -42.60
CA GLN A 81 6.67 16.50 -42.60
C GLN A 81 7.59 17.70 -42.78
N LEU A 82 7.15 18.68 -43.56
CA LEU A 82 7.93 19.88 -43.82
C LEU A 82 7.14 21.10 -43.39
N THR A 83 7.72 21.90 -42.50
CA THR A 83 7.05 23.09 -41.96
C THR A 83 7.87 24.33 -42.27
N PHE A 84 7.19 25.41 -42.64
CA PHE A 84 7.84 26.69 -42.90
C PHE A 84 6.78 27.78 -42.84
N ALA A 85 7.15 28.99 -43.28
CA ALA A 85 6.23 30.11 -43.31
C ALA A 85 6.31 30.80 -44.66
N THR A 86 5.19 31.41 -45.07
CA THR A 86 5.13 32.14 -46.33
C THR A 86 4.27 33.38 -46.14
N MET A 87 4.28 34.24 -47.15
CA MET A 87 3.45 35.45 -47.17
C MET A 87 2.48 35.31 -48.34
N THR A 88 1.25 34.91 -48.03
CA THR A 88 0.23 34.76 -49.06
C THR A 88 -0.49 36.08 -49.27
N PHE A 89 -1.31 36.14 -50.32
CA PHE A 89 -2.01 37.37 -50.68
C PHE A 89 -3.46 37.07 -50.98
N ALA A 90 -4.35 37.61 -50.15
CA ALA A 90 -5.78 37.64 -50.47
C ALA A 90 -6.00 38.86 -51.36
N GLY A 91 -5.96 38.63 -52.67
CA GLY A 91 -5.98 39.72 -53.62
C GLY A 91 -4.76 40.60 -53.45
N ASP A 92 -4.96 41.80 -52.90
CA ASP A 92 -3.85 42.68 -52.59
C ASP A 92 -3.37 42.57 -51.14
N THR A 93 -4.19 42.04 -50.25
CA THR A 93 -3.86 42.02 -48.84
C THR A 93 -2.80 40.96 -48.54
N PRO A 94 -1.62 41.34 -48.04
CA PRO A 94 -0.61 40.34 -47.67
C PRO A 94 -0.82 39.83 -46.25
N GLN A 95 -0.47 38.56 -46.03
CA GLN A 95 -0.63 37.96 -44.73
C GLN A 95 0.34 36.79 -44.56
N LEU A 96 0.99 36.75 -43.39
CA LEU A 96 1.87 35.63 -43.05
C LEU A 96 1.04 34.40 -42.72
N ALA A 97 1.51 33.24 -43.18
CA ALA A 97 0.84 31.97 -42.91
C ALA A 97 1.88 30.89 -42.65
N ASN A 98 1.61 30.05 -41.65
CA ASN A 98 2.47 28.94 -41.30
C ASN A 98 2.08 27.74 -42.16
N VAL A 99 2.89 27.42 -43.15
CA VAL A 99 2.60 26.36 -44.11
C VAL A 99 3.18 25.05 -43.60
N LYS A 100 2.39 23.99 -43.72
CA LYS A 100 2.80 22.64 -43.36
C LYS A 100 2.47 21.70 -44.50
N ALA A 101 3.35 20.72 -44.73
CA ALA A 101 3.18 19.77 -45.81
C ALA A 101 3.45 18.37 -45.29
N VAL A 102 2.54 17.44 -45.54
CA VAL A 102 2.64 16.07 -45.08
C VAL A 102 2.37 15.14 -46.25
N ASP A 103 2.74 13.88 -46.06
CA ASP A 103 2.46 12.83 -47.03
C ASP A 103 1.14 12.16 -46.69
N ASP A 104 0.82 11.06 -47.38
CA ASP A 104 -0.41 10.33 -47.08
C ASP A 104 -0.31 9.53 -45.78
N ILE A 105 0.90 9.32 -45.27
CA ILE A 105 1.06 8.60 -44.00
C ILE A 105 0.40 9.38 -42.87
N TYR A 106 0.60 10.70 -42.84
CA TYR A 106 -0.06 11.52 -41.85
C TYR A 106 -1.56 11.49 -42.05
N PRO A 107 -2.36 11.36 -40.98
CA PRO A 107 -1.95 11.25 -39.58
C PRO A 107 -1.44 9.87 -39.21
N MET A 108 -0.19 9.76 -38.79
CA MET A 108 0.35 8.47 -38.35
C MET A 108 -0.34 8.00 -37.07
N TYR A 109 -0.60 8.92 -36.14
CA TYR A 109 -1.35 8.61 -34.92
C TYR A 109 -2.27 9.78 -34.61
N GLY A 110 -3.32 9.49 -33.84
CA GLY A 110 -4.30 10.50 -33.57
C GLY A 110 -5.19 10.74 -34.78
N ASP A 111 -5.91 11.86 -34.74
CA ASP A 111 -6.83 12.23 -35.81
C ASP A 111 -6.73 13.72 -36.09
N LEU A 112 -6.87 14.07 -37.37
CA LEU A 112 -6.86 15.45 -37.83
C LEU A 112 -8.28 15.87 -38.18
N GLN A 113 -8.73 16.99 -37.63
CA GLN A 113 -10.08 17.47 -37.86
C GLN A 113 -10.05 18.75 -38.67
N THR A 114 -10.80 18.77 -39.75
CA THR A 114 -10.87 19.90 -40.67
C THR A 114 -12.30 20.43 -40.72
N ASN A 115 -12.50 21.51 -41.48
CA ASN A 115 -13.81 22.08 -41.71
C ASN A 115 -14.07 22.13 -43.22
N PRO A 116 -14.89 21.21 -43.75
CA PRO A 116 -15.62 20.14 -43.07
C PRO A 116 -14.72 18.98 -42.65
N PRO A 117 -15.14 18.22 -41.63
CA PRO A 117 -14.34 17.09 -41.18
C PRO A 117 -14.26 16.00 -42.25
N GLY A 118 -13.16 15.25 -42.20
CA GLY A 118 -12.90 14.18 -43.15
C GLY A 118 -11.96 14.55 -44.27
N LEU A 119 -11.69 15.84 -44.48
CA LEU A 119 -10.77 16.25 -45.52
C LEU A 119 -9.34 15.89 -45.14
N LYS A 120 -8.54 15.57 -46.16
CA LYS A 120 -7.15 15.20 -45.98
C LYS A 120 -6.28 16.07 -46.90
N PRO A 121 -5.03 16.32 -46.50
CA PRO A 121 -4.13 17.07 -47.39
C PRO A 121 -3.94 16.37 -48.72
N GLN A 122 -4.40 17.00 -49.81
CA GLN A 122 -4.38 16.43 -51.13
C GLN A 122 -3.87 17.46 -52.13
N ALA A 123 -3.38 16.96 -53.26
CA ALA A 123 -2.90 17.84 -54.32
C ALA A 123 -4.06 18.59 -54.96
N GLY A 124 -3.78 19.80 -55.42
CA GLY A 124 -4.78 20.64 -56.05
C GLY A 124 -5.65 21.44 -55.11
N SER A 125 -5.44 21.32 -53.80
CA SER A 125 -6.22 22.08 -52.84
C SER A 125 -5.39 22.31 -51.58
N VAL A 126 -5.71 23.36 -50.85
CA VAL A 126 -5.01 23.74 -49.63
C VAL A 126 -6.03 24.01 -48.53
N LEU A 127 -5.53 24.18 -47.32
CA LEU A 127 -6.35 24.43 -46.14
C LEU A 127 -5.79 25.61 -45.37
N LEU A 128 -6.70 26.37 -44.75
CA LEU A 128 -6.32 27.53 -43.95
C LEU A 128 -6.98 27.44 -42.59
N ALA A 129 -6.36 28.10 -41.61
CA ALA A 129 -6.98 28.19 -40.30
C ALA A 129 -8.24 29.05 -40.37
N PRO A 130 -9.26 28.74 -39.57
CA PRO A 130 -10.47 29.59 -39.58
C PRO A 130 -10.18 31.03 -39.26
N ARG A 131 -9.24 31.29 -38.34
CA ARG A 131 -8.81 32.66 -38.09
C ARG A 131 -8.17 33.26 -39.34
N LEU A 132 -7.31 32.48 -40.00
CA LEU A 132 -6.71 32.95 -41.25
C LEU A 132 -7.77 33.15 -42.34
N MET A 133 -8.73 32.23 -42.42
CA MET A 133 -9.79 32.36 -43.41
C MET A 133 -10.61 33.63 -43.21
N ALA A 134 -10.95 33.92 -41.95
CA ALA A 134 -11.69 35.15 -41.65
C ALA A 134 -10.84 36.38 -41.91
N LEU A 135 -9.54 36.32 -41.59
CA LEU A 135 -8.66 37.45 -41.84
C LEU A 135 -8.55 37.76 -43.32
N LEU A 136 -8.46 36.72 -44.15
CA LEU A 136 -8.38 36.88 -45.59
C LEU A 136 -9.75 36.85 -46.26
N ASN A 137 -10.82 36.78 -45.47
CA ASN A 137 -12.22 36.83 -45.94
C ASN A 137 -12.47 35.88 -47.11
N LEU A 138 -11.71 34.79 -47.17
CA LEU A 138 -11.92 33.77 -48.18
C LEU A 138 -12.87 32.70 -47.64
N LYS A 139 -13.04 31.61 -48.39
CA LYS A 139 -13.96 30.56 -47.99
C LYS A 139 -13.62 29.30 -48.77
N THR A 140 -14.42 28.26 -48.55
CA THR A 140 -14.23 27.00 -49.25
C THR A 140 -14.47 27.16 -50.74
N GLY A 141 -13.61 26.56 -51.56
CA GLY A 141 -13.71 26.64 -52.99
C GLY A 141 -12.95 27.78 -53.62
N ASP A 142 -12.38 28.68 -52.82
CA ASP A 142 -11.61 29.80 -53.36
C ASP A 142 -10.22 29.34 -53.78
N THR A 143 -9.57 30.16 -54.60
CA THR A 143 -8.21 29.91 -55.04
C THR A 143 -7.31 31.04 -54.55
N ILE A 144 -6.23 30.67 -53.88
CA ILE A 144 -5.31 31.64 -53.28
C ILE A 144 -3.90 31.28 -53.69
N ASP A 145 -3.05 32.30 -53.80
CA ASP A 145 -1.65 32.12 -54.19
C ASP A 145 -0.81 31.97 -52.92
N VAL A 146 -0.41 30.75 -52.61
CA VAL A 146 0.49 30.48 -51.51
C VAL A 146 1.91 30.44 -52.05
N GLY A 147 2.82 31.18 -51.40
CA GLY A 147 4.18 31.28 -51.88
C GLY A 147 4.23 31.86 -53.28
N ASP A 148 4.54 31.02 -54.26
CA ASP A 148 4.57 31.43 -55.66
C ASP A 148 3.67 30.57 -56.54
N ALA A 149 2.75 29.80 -55.94
CA ALA A 149 1.85 28.94 -56.69
C ALA A 149 0.43 29.14 -56.19
N THR A 150 -0.52 29.20 -57.12
CA THR A 150 -1.93 29.40 -56.79
C THR A 150 -2.64 28.05 -56.75
N LEU A 151 -3.34 27.79 -55.64
CA LEU A 151 -4.06 26.54 -55.47
C LEU A 151 -5.43 26.82 -54.87
N ARG A 152 -6.35 25.90 -55.09
CA ARG A 152 -7.70 26.00 -54.54
C ARG A 152 -7.66 25.78 -53.02
N ILE A 153 -8.68 26.32 -52.35
CA ILE A 153 -8.84 26.15 -50.91
C ILE A 153 -9.83 25.02 -50.67
N ALA A 154 -9.37 23.95 -50.03
CA ALA A 154 -10.25 22.83 -49.73
C ALA A 154 -11.20 23.15 -48.58
N GLY A 155 -10.72 23.89 -47.58
CA GLY A 155 -11.55 24.22 -46.45
C GLY A 155 -10.70 24.71 -45.29
N GLU A 156 -11.31 24.73 -44.11
CA GLU A 156 -10.65 25.11 -42.88
C GLU A 156 -10.22 23.88 -42.09
N VAL A 157 -9.35 24.10 -41.12
CA VAL A 157 -8.83 23.05 -40.26
C VAL A 157 -9.32 23.32 -38.84
N ILE A 158 -10.08 22.38 -38.29
CA ILE A 158 -10.53 22.51 -36.90
C ILE A 158 -9.36 22.41 -35.94
N GLN A 159 -8.53 21.38 -36.12
CA GLN A 159 -7.42 21.12 -35.21
C GLN A 159 -6.54 20.03 -35.80
N GLU A 160 -5.22 20.19 -35.62
CA GLU A 160 -4.22 19.22 -36.03
C GLU A 160 -3.64 18.55 -34.79
N PRO A 161 -3.60 17.21 -34.76
CA PRO A 161 -3.12 16.52 -33.54
C PRO A 161 -1.67 16.85 -33.18
N ASP A 162 -0.81 17.05 -34.18
CA ASP A 162 0.61 17.24 -33.92
C ASP A 162 0.99 18.69 -33.67
N SER A 163 0.03 19.60 -33.64
CA SER A 163 0.32 21.00 -33.38
C SER A 163 1.03 21.15 -32.05
N GLY A 164 2.23 21.74 -32.08
CA GLY A 164 3.00 21.89 -30.86
C GLY A 164 2.29 22.79 -29.86
N PHE A 165 2.42 22.42 -28.58
CA PHE A 165 1.80 23.18 -27.50
C PHE A 165 2.66 24.39 -27.13
N ASN A 166 2.91 25.22 -28.14
CA ASN A 166 3.74 26.41 -27.98
C ASN A 166 2.87 27.66 -28.02
N PRO A 167 2.69 28.37 -26.91
CA PRO A 167 1.91 29.62 -26.91
C PRO A 167 2.67 30.81 -27.47
N PHE A 168 3.33 30.60 -28.62
CA PHE A 168 4.00 31.68 -29.32
C PHE A 168 3.85 31.57 -30.84
N GLN A 169 3.08 30.59 -31.33
CA GLN A 169 2.88 30.41 -32.76
C GLN A 169 1.92 31.48 -33.25
N MET A 170 2.46 32.65 -33.59
CA MET A 170 1.63 33.76 -34.03
C MET A 170 1.12 33.55 -35.45
N ALA A 171 1.89 32.89 -36.29
CA ALA A 171 1.50 32.70 -37.68
C ALA A 171 0.30 31.77 -37.77
N PRO A 172 -0.76 32.15 -38.47
CA PRO A 172 -1.90 31.25 -38.64
C PRO A 172 -1.53 30.04 -39.49
N ARG A 173 -2.26 28.95 -39.27
CA ARG A 173 -1.91 27.67 -39.88
C ARG A 173 -2.32 27.62 -41.34
N LEU A 174 -1.41 27.15 -42.18
CA LEU A 174 -1.68 26.83 -43.58
C LEU A 174 -1.24 25.41 -43.84
N MET A 175 -2.03 24.68 -44.63
CA MET A 175 -1.78 23.27 -44.91
C MET A 175 -1.84 23.03 -46.42
N MET A 176 -0.89 22.24 -46.91
CA MET A 176 -0.87 21.88 -48.33
C MET A 176 -0.18 20.54 -48.48
N ASN A 177 -0.42 19.89 -49.61
CA ASN A 177 0.18 18.59 -49.87
C ASN A 177 1.68 18.73 -50.05
N LEU A 178 2.41 17.67 -49.65
CA LEU A 178 3.85 17.68 -49.75
C LEU A 178 4.34 17.68 -51.20
N ALA A 179 3.54 17.16 -52.13
CA ALA A 179 3.96 17.13 -53.53
C ALA A 179 3.88 18.50 -54.19
N ASP A 180 3.00 19.37 -53.70
CA ASP A 180 2.80 20.68 -54.31
C ASP A 180 3.81 21.72 -53.86
N VAL A 181 4.70 21.39 -52.94
CA VAL A 181 5.64 22.37 -52.41
C VAL A 181 6.54 22.91 -53.52
N ASP A 182 7.04 22.02 -54.37
CA ASP A 182 7.87 22.44 -55.48
C ASP A 182 7.12 23.33 -56.45
N LYS A 183 5.79 23.31 -56.43
CA LYS A 183 5.01 24.26 -57.22
C LYS A 183 5.26 25.69 -56.76
N THR A 184 5.34 25.89 -55.44
CA THR A 184 5.63 27.21 -54.90
C THR A 184 7.09 27.60 -55.06
N GLY A 185 7.99 26.63 -55.23
CA GLY A 185 9.40 26.94 -55.36
C GLY A 185 10.03 27.49 -54.10
N ALA A 186 9.41 27.29 -52.94
CA ALA A 186 9.94 27.84 -51.69
C ALA A 186 11.15 27.06 -51.19
N VAL A 187 11.38 25.85 -51.69
CA VAL A 187 12.52 25.04 -51.25
C VAL A 187 13.79 25.62 -51.87
N GLN A 188 14.50 26.44 -51.11
CA GLN A 188 15.72 27.09 -51.58
C GLN A 188 16.73 27.09 -50.44
N PRO A 189 18.02 27.16 -50.77
CA PRO A 189 19.04 27.18 -49.70
C PRO A 189 18.89 28.38 -48.79
N GLY A 190 19.20 28.18 -47.52
CA GLY A 190 19.09 29.24 -46.53
C GLY A 190 17.68 29.50 -46.05
N SER A 191 16.76 28.60 -46.32
CA SER A 191 15.36 28.75 -45.91
C SER A 191 15.13 28.06 -44.57
N ARG A 192 14.32 28.68 -43.72
CA ARG A 192 14.01 28.13 -42.40
C ARG A 192 12.90 27.08 -42.55
N VAL A 193 13.29 25.94 -43.11
CA VAL A 193 12.39 24.82 -43.33
C VAL A 193 12.74 23.73 -42.33
N THR A 194 11.75 23.28 -41.58
CA THR A 194 11.93 22.27 -40.55
C THR A 194 11.39 20.92 -41.04
N TRP A 195 12.22 19.89 -40.94
CA TRP A 195 11.84 18.54 -41.33
C TRP A 195 11.58 17.73 -40.07
N ARG A 196 10.31 17.39 -39.85
CA ARG A 196 9.93 16.47 -38.79
C ARG A 196 9.83 15.06 -39.35
N TYR A 197 10.29 14.09 -38.57
CA TYR A 197 10.26 12.69 -38.97
C TYR A 197 9.61 11.90 -37.84
N LYS A 198 8.48 11.29 -38.14
CA LYS A 198 7.72 10.49 -37.18
C LYS A 198 8.01 9.01 -37.40
N PHE A 199 8.27 8.30 -36.30
CA PHE A 199 8.62 6.89 -36.35
C PHE A 199 7.64 6.10 -35.50
N GLY A 200 7.10 5.03 -36.07
CA GLY A 200 6.13 4.20 -35.37
C GLY A 200 6.36 2.72 -35.61
N GLY A 201 6.11 1.92 -34.59
CA GLY A 201 6.30 0.48 -34.71
C GLY A 201 6.51 -0.13 -33.34
N ASN A 202 6.84 -1.42 -33.35
CA ASN A 202 7.10 -2.14 -32.11
C ASN A 202 8.37 -1.61 -31.45
N GLU A 203 8.37 -1.59 -30.11
CA GLU A 203 9.48 -0.98 -29.37
C GLU A 203 10.79 -1.71 -29.60
N ASN A 204 10.76 -3.00 -29.94
CA ASN A 204 12.01 -3.71 -30.22
C ASN A 204 12.71 -3.12 -31.44
N GLN A 205 11.98 -2.99 -32.56
CA GLN A 205 12.57 -2.36 -33.74
C GLN A 205 12.85 -0.90 -33.51
N LEU A 206 12.05 -0.23 -32.68
CA LEU A 206 12.34 1.15 -32.33
C LEU A 206 13.70 1.28 -31.66
N ASP A 207 13.97 0.43 -30.67
CA ASP A 207 15.26 0.45 -30.00
C ASP A 207 16.39 0.05 -30.95
N GLY A 208 16.13 -0.92 -31.83
CA GLY A 208 17.15 -1.32 -32.78
C GLY A 208 17.56 -0.18 -33.70
N TYR A 209 16.57 0.50 -34.28
CA TYR A 209 16.89 1.62 -35.17
C TYR A 209 17.48 2.79 -34.40
N GLU A 210 17.03 3.00 -33.16
CA GLU A 210 17.58 4.07 -32.34
C GLU A 210 19.07 3.84 -32.07
N LYS A 211 19.44 2.63 -31.68
CA LYS A 211 20.85 2.34 -31.42
C LYS A 211 21.65 2.29 -32.71
N TRP A 212 20.99 1.98 -33.84
CA TRP A 212 21.67 2.06 -35.13
C TRP A 212 22.00 3.50 -35.48
N LEU A 213 21.08 4.42 -35.20
CA LEU A 213 21.26 5.84 -35.54
C LEU A 213 22.11 6.59 -34.52
N LEU A 214 22.24 6.07 -33.29
CA LEU A 214 22.97 6.78 -32.25
C LEU A 214 24.39 7.17 -32.65
N PRO A 215 25.23 6.27 -33.21
CA PRO A 215 26.55 6.72 -33.67
C PRO A 215 26.48 7.71 -34.81
N GLN A 216 25.37 7.77 -35.54
CA GLN A 216 25.24 8.59 -36.73
C GLN A 216 24.57 9.93 -36.46
N LEU A 217 24.29 10.26 -35.21
CA LEU A 217 23.58 11.49 -34.90
C LEU A 217 24.44 12.71 -35.21
N LYS A 218 23.76 13.82 -35.51
CA LYS A 218 24.41 15.08 -35.86
C LYS A 218 23.83 16.20 -35.01
N PRO A 219 24.60 17.27 -34.79
CA PRO A 219 24.09 18.37 -33.96
C PRO A 219 22.82 19.01 -34.50
N GLU A 220 22.65 19.05 -35.82
CA GLU A 220 21.43 19.62 -36.41
C GLU A 220 20.21 18.74 -36.18
N GLN A 221 20.39 17.52 -35.68
CA GLN A 221 19.30 16.58 -35.49
C GLN A 221 18.93 16.50 -34.02
N ARG A 222 17.63 16.51 -33.73
CA ARG A 222 17.12 16.32 -32.39
C ARG A 222 16.20 15.10 -32.40
N TRP A 223 16.67 14.00 -31.83
CA TRP A 223 15.94 12.74 -31.78
C TRP A 223 15.48 12.50 -30.34
N TYR A 224 14.19 12.18 -30.19
CA TYR A 224 13.65 11.99 -28.85
C TYR A 224 12.32 11.24 -28.95
N GLY A 225 11.69 11.05 -27.79
CA GLY A 225 10.38 10.45 -27.71
C GLY A 225 9.38 11.38 -27.05
N LEU A 226 8.81 10.97 -25.93
CA LEU A 226 7.86 11.83 -25.22
C LEU A 226 8.17 11.99 -23.74
N GLU A 227 8.65 10.93 -23.07
CA GLU A 227 8.96 11.04 -21.65
C GLU A 227 10.14 11.97 -21.41
N GLN A 228 11.09 12.03 -22.35
CA GLN A 228 12.24 12.90 -22.22
C GLN A 228 11.88 14.37 -22.32
N ASP A 229 10.67 14.71 -22.76
CA ASP A 229 10.27 16.10 -22.92
C ASP A 229 10.22 16.80 -21.56
N GLU A 230 10.64 18.05 -21.54
CA GLU A 230 10.59 18.89 -20.35
C GLU A 230 9.28 19.65 -20.23
N GLY A 231 8.32 19.40 -21.12
CA GLY A 231 7.05 20.10 -21.04
C GLY A 231 6.28 19.74 -19.79
N ALA A 232 5.39 20.63 -19.38
CA ALA A 232 4.62 20.42 -18.17
C ALA A 232 3.77 19.15 -18.27
N LEU A 233 3.23 18.88 -19.46
CA LEU A 233 2.43 17.67 -19.64
C LEU A 233 3.27 16.41 -19.45
N GLY A 234 4.52 16.43 -19.93
CA GLY A 234 5.39 15.29 -19.73
C GLY A 234 5.73 15.08 -18.26
N ARG A 235 5.98 16.16 -17.54
CA ARG A 235 6.23 16.05 -16.10
C ARG A 235 5.00 15.52 -15.37
N SER A 236 3.81 15.96 -15.77
CA SER A 236 2.58 15.44 -15.18
C SER A 236 2.42 13.96 -15.47
N MET A 237 2.76 13.53 -16.69
CA MET A 237 2.72 12.11 -17.02
C MET A 237 3.69 11.32 -16.14
N GLU A 238 4.90 11.86 -15.93
CA GLU A 238 5.86 11.21 -15.05
C GLU A 238 5.31 11.10 -13.63
N ARG A 239 4.67 12.17 -13.14
CA ARG A 239 4.08 12.14 -11.81
C ARG A 239 2.98 11.10 -11.72
N SER A 240 2.17 10.97 -12.78
CA SER A 240 1.13 9.95 -12.79
C SER A 240 1.72 8.55 -12.75
N GLN A 241 2.81 8.33 -13.51
CA GLN A 241 3.49 7.04 -13.47
C GLN A 241 4.02 6.73 -12.08
N GLN A 242 4.63 7.73 -11.44
CA GLN A 242 5.12 7.53 -10.07
C GLN A 242 3.98 7.26 -9.11
N PHE A 243 2.82 7.92 -9.32
CA PHE A 243 1.66 7.68 -8.49
C PHE A 243 1.17 6.24 -8.64
N LEU A 244 1.13 5.73 -9.86
CA LEU A 244 0.73 4.34 -10.08
C LEU A 244 1.71 3.37 -9.41
N LEU A 245 3.01 3.64 -9.56
CA LEU A 245 4.00 2.79 -8.90
C LEU A 245 3.86 2.83 -7.39
N LEU A 246 3.57 4.01 -6.84
CA LEU A 246 3.35 4.14 -5.40
C LEU A 246 2.13 3.35 -4.97
N SER A 247 1.05 3.39 -5.74
CA SER A 247 -0.14 2.61 -5.41
C SER A 247 0.17 1.12 -5.41
N ALA A 248 0.94 0.66 -6.41
CA ALA A 248 1.34 -0.74 -6.44
C ALA A 248 2.18 -1.10 -5.22
N LEU A 249 3.12 -0.23 -4.85
CA LEU A 249 3.94 -0.48 -3.67
C LEU A 249 3.08 -0.57 -2.42
N LEU A 250 2.11 0.34 -2.28
CA LEU A 250 1.28 0.34 -1.08
C LEU A 250 0.43 -0.91 -0.98
N THR A 251 -0.19 -1.33 -2.08
CA THR A 251 -0.99 -2.55 -2.03
C THR A 251 -0.11 -3.77 -1.79
N LEU A 252 1.10 -3.79 -2.35
CA LEU A 252 2.01 -4.89 -2.10
C LEU A 252 2.39 -4.96 -0.62
N LEU A 253 2.67 -3.82 -0.01
CA LEU A 253 3.02 -3.80 1.41
C LEU A 253 1.84 -4.23 2.29
N LEU A 254 0.63 -3.78 1.94
CA LEU A 254 -0.54 -4.20 2.71
C LEU A 254 -0.75 -5.70 2.62
N ALA A 255 -0.60 -6.26 1.41
CA ALA A 255 -0.69 -7.71 1.27
C ALA A 255 0.39 -8.41 2.07
N VAL A 256 1.61 -7.86 2.08
CA VAL A 256 2.71 -8.45 2.85
C VAL A 256 2.34 -8.51 4.32
N ALA A 257 1.83 -7.40 4.86
CA ALA A 257 1.48 -7.37 6.28
C ALA A 257 0.37 -8.36 6.59
N ALA A 258 -0.67 -8.40 5.75
CA ALA A 258 -1.79 -9.30 5.99
C ALA A 258 -1.35 -10.75 5.97
N VAL A 259 -0.56 -11.14 4.95
CA VAL A 259 -0.14 -12.53 4.85
C VAL A 259 0.86 -12.86 5.96
N ALA A 260 1.65 -11.87 6.42
CA ALA A 260 2.54 -12.12 7.54
C ALA A 260 1.76 -12.44 8.81
N VAL A 261 0.70 -11.66 9.07
CA VAL A 261 -0.13 -11.95 10.24
C VAL A 261 -0.79 -13.31 10.10
N ALA A 262 -1.30 -13.63 8.91
CA ALA A 262 -1.94 -14.92 8.70
C ALA A 262 -0.97 -16.07 8.90
N MET A 263 0.26 -15.92 8.38
CA MET A 263 1.27 -16.97 8.54
C MET A 263 1.67 -17.13 10.00
N ASN A 264 1.77 -16.02 10.74
CA ASN A 264 2.08 -16.13 12.17
C ASN A 264 0.99 -16.91 12.90
N HIS A 265 -0.27 -16.58 12.60
CA HIS A 265 -1.38 -17.30 13.24
C HIS A 265 -1.35 -18.78 12.87
N TYR A 266 -1.10 -19.08 11.59
CA TYR A 266 -1.06 -20.48 11.13
C TYR A 266 0.06 -21.25 11.81
N CYS A 267 1.25 -20.66 11.89
CA CYS A 267 2.38 -21.35 12.51
C CYS A 267 2.13 -21.56 14.00
N ARG A 268 1.54 -20.59 14.68
CA ARG A 268 1.22 -20.78 16.09
C ARG A 268 0.16 -21.86 16.26
N SER A 269 -0.79 -21.95 15.34
CA SER A 269 -1.81 -22.99 15.40
C SER A 269 -1.20 -24.38 15.22
N ARG A 270 -0.23 -24.50 14.30
CA ARG A 270 0.36 -25.81 14.00
C ARG A 270 1.21 -26.37 15.13
N TYR A 271 1.33 -25.68 16.26
CA TYR A 271 2.22 -26.12 17.34
C TYR A 271 1.80 -27.49 17.88
N ASP A 272 0.50 -27.67 18.14
CA ASP A 272 0.03 -28.93 18.71
C ASP A 272 0.26 -30.10 17.76
N LEU A 273 -0.04 -29.89 16.48
CA LEU A 273 0.18 -30.94 15.50
C LEU A 273 1.65 -31.29 15.39
N VAL A 274 2.52 -30.27 15.41
CA VAL A 274 3.96 -30.53 15.38
C VAL A 274 4.38 -31.34 16.59
N ALA A 275 3.88 -30.96 17.78
CA ALA A 275 4.26 -31.66 18.99
C ALA A 275 3.82 -33.12 18.97
N ILE A 276 2.59 -33.38 18.52
CA ILE A 276 2.11 -34.76 18.53
C ILE A 276 2.84 -35.59 17.48
N LEU A 277 3.11 -35.02 16.30
CA LEU A 277 3.82 -35.79 15.28
C LEU A 277 5.25 -36.08 15.70
N LYS A 278 5.89 -35.13 16.39
CA LYS A 278 7.23 -35.38 16.89
C LYS A 278 7.22 -36.37 18.05
N THR A 279 6.12 -36.44 18.80
CA THR A 279 6.03 -37.36 19.92
C THR A 279 6.13 -38.81 19.46
N LEU A 280 5.44 -39.14 18.37
CA LEU A 280 5.48 -40.50 17.85
C LEU A 280 6.79 -40.84 17.16
N GLY A 281 7.75 -39.92 17.14
CA GLY A 281 9.04 -40.18 16.52
C GLY A 281 8.98 -40.39 15.03
N ALA A 282 8.17 -39.60 14.33
CA ALA A 282 8.09 -39.69 12.89
C ALA A 282 9.42 -39.27 12.27
N GLY A 283 9.72 -39.86 11.11
CA GLY A 283 10.96 -39.51 10.43
C GLY A 283 11.00 -38.04 10.06
N ARG A 284 12.19 -37.44 10.20
CA ARG A 284 12.33 -36.02 9.92
C ARG A 284 11.96 -35.71 8.49
N ALA A 285 12.41 -36.52 7.54
CA ALA A 285 12.04 -36.33 6.14
C ALA A 285 10.53 -36.47 5.95
N GLN A 286 9.92 -37.46 6.61
CA GLN A 286 8.49 -37.69 6.44
C GLN A 286 7.68 -36.51 6.98
N LEU A 287 7.96 -36.08 8.20
CA LEU A 287 7.21 -34.96 8.78
C LEU A 287 7.46 -33.68 8.01
N ARG A 288 8.71 -33.45 7.58
CA ARG A 288 9.01 -32.29 6.75
C ARG A 288 8.19 -32.31 5.47
N LYS A 289 8.16 -33.46 4.79
CA LYS A 289 7.39 -33.57 3.56
C LYS A 289 5.91 -33.29 3.82
N LEU A 290 5.37 -33.85 4.90
CA LEU A 290 3.97 -33.63 5.21
C LEU A 290 3.65 -32.15 5.44
N ILE A 291 4.43 -31.49 6.29
CA ILE A 291 4.13 -30.11 6.64
C ILE A 291 4.32 -29.19 5.44
N VAL A 292 5.41 -29.37 4.69
CA VAL A 292 5.63 -28.51 3.54
C VAL A 292 4.62 -28.82 2.44
N GLY A 293 4.15 -30.06 2.33
CA GLY A 293 3.14 -30.37 1.35
C GLY A 293 1.82 -29.68 1.66
N GLN A 294 1.40 -29.74 2.92
CA GLN A 294 0.18 -29.02 3.30
C GLN A 294 0.32 -27.52 3.08
N TRP A 295 1.47 -26.96 3.48
CA TRP A 295 1.68 -25.52 3.31
C TRP A 295 1.67 -25.12 1.84
N LEU A 296 2.35 -25.90 0.99
CA LEU A 296 2.39 -25.58 -0.43
C LEU A 296 1.04 -25.80 -1.11
N MET A 297 0.27 -26.80 -0.68
CA MET A 297 -1.06 -26.96 -1.23
C MET A 297 -1.94 -25.77 -0.87
N VAL A 298 -1.85 -25.30 0.37
CA VAL A 298 -2.60 -24.10 0.76
C VAL A 298 -2.18 -22.91 -0.09
N LEU A 299 -0.88 -22.73 -0.27
CA LEU A 299 -0.39 -21.60 -1.08
C LEU A 299 -0.87 -21.70 -2.52
N THR A 300 -0.81 -22.91 -3.11
CA THR A 300 -1.20 -23.08 -4.50
C THR A 300 -2.70 -22.83 -4.69
N LEU A 301 -3.52 -23.35 -3.78
CA LEU A 301 -4.96 -23.11 -3.87
C LEU A 301 -5.26 -21.62 -3.73
N SER A 302 -4.60 -20.95 -2.78
CA SER A 302 -4.80 -19.52 -2.61
C SER A 302 -4.40 -18.76 -3.87
N ALA A 303 -3.27 -19.14 -4.47
CA ALA A 303 -2.81 -18.46 -5.67
C ALA A 303 -3.77 -18.65 -6.84
N VAL A 304 -4.26 -19.87 -7.04
CA VAL A 304 -5.19 -20.13 -8.13
C VAL A 304 -6.48 -19.35 -7.94
N THR A 305 -7.03 -19.40 -6.73
CA THR A 305 -8.27 -18.67 -6.46
C THR A 305 -8.06 -17.16 -6.63
N GLY A 306 -6.93 -16.64 -6.14
CA GLY A 306 -6.66 -15.23 -6.29
C GLY A 306 -6.53 -14.82 -7.75
N GLY A 307 -5.86 -15.64 -8.56
CA GLY A 307 -5.74 -15.33 -9.97
C GLY A 307 -7.09 -15.32 -10.68
N ALA A 308 -7.93 -16.33 -10.42
CA ALA A 308 -9.24 -16.38 -11.04
C ALA A 308 -10.09 -15.18 -10.62
N ILE A 309 -10.09 -14.88 -9.32
CA ILE A 309 -10.89 -13.76 -8.81
C ILE A 309 -10.38 -12.44 -9.38
N GLY A 310 -9.06 -12.29 -9.49
CA GLY A 310 -8.51 -11.06 -10.04
C GLY A 310 -8.88 -10.88 -11.50
N LEU A 311 -8.83 -11.95 -12.29
CA LEU A 311 -9.22 -11.85 -13.69
C LEU A 311 -10.69 -11.47 -13.81
N LEU A 312 -11.56 -12.15 -13.04
CA LEU A 312 -12.98 -11.82 -13.10
C LEU A 312 -13.25 -10.40 -12.65
N PHE A 313 -12.56 -9.96 -11.58
CA PHE A 313 -12.74 -8.60 -11.08
C PHE A 313 -12.29 -7.57 -12.09
N GLU A 314 -11.16 -7.81 -12.77
CA GLU A 314 -10.71 -6.89 -13.80
C GLU A 314 -11.71 -6.82 -14.95
N ASN A 315 -12.25 -7.97 -15.37
CA ASN A 315 -13.25 -7.95 -16.44
C ASN A 315 -14.48 -7.17 -16.03
N VAL A 316 -14.95 -7.38 -14.79
CA VAL A 316 -16.15 -6.67 -14.31
C VAL A 316 -15.88 -5.18 -14.24
N LEU A 317 -14.72 -4.78 -13.74
CA LEU A 317 -14.40 -3.36 -13.63
C LEU A 317 -14.31 -2.71 -15.00
N MET A 318 -13.69 -3.40 -15.97
CA MET A 318 -13.61 -2.85 -17.32
C MET A 318 -14.99 -2.71 -17.95
N VAL A 319 -15.87 -3.69 -17.71
CA VAL A 319 -17.23 -3.60 -18.23
C VAL A 319 -17.96 -2.41 -17.60
N LEU A 320 -17.83 -2.25 -16.28
CA LEU A 320 -18.59 -1.22 -15.59
C LEU A 320 -18.10 0.19 -15.93
N LEU A 321 -16.79 0.38 -15.96
CA LEU A 321 -16.22 1.71 -16.12
C LEU A 321 -16.04 2.12 -17.58
N LYS A 322 -16.43 1.27 -18.53
CA LYS A 322 -16.24 1.56 -19.95
C LYS A 322 -16.81 2.90 -20.39
N PRO A 323 -18.05 3.28 -20.05
CA PRO A 323 -18.50 4.64 -20.40
C PRO A 323 -17.64 5.73 -19.80
N VAL A 324 -17.16 5.53 -18.57
CA VAL A 324 -16.23 6.48 -17.97
C VAL A 324 -14.87 6.41 -18.65
N LEU A 325 -14.43 5.19 -18.98
CA LEU A 325 -13.13 5.02 -19.62
C LEU A 325 -13.13 5.61 -21.02
N PRO A 326 -12.00 6.16 -21.48
CA PRO A 326 -11.94 6.76 -22.82
C PRO A 326 -12.09 5.73 -23.93
N ALA A 327 -11.33 4.65 -23.86
CA ALA A 327 -11.37 3.62 -24.90
C ALA A 327 -10.83 2.32 -24.32
N ALA A 328 -10.94 1.26 -25.11
CA ALA A 328 -10.45 -0.04 -24.70
C ALA A 328 -8.92 -0.04 -24.62
N LEU A 329 -8.40 -0.28 -23.43
CA LEU A 329 -6.96 -0.24 -23.23
C LEU A 329 -6.30 -1.47 -23.85
N PRO A 330 -5.03 -1.36 -24.25
CA PRO A 330 -4.31 -2.53 -24.72
C PRO A 330 -4.07 -3.51 -23.58
N PRO A 331 -3.94 -4.81 -23.88
CA PRO A 331 -3.72 -5.78 -22.81
C PRO A 331 -2.39 -5.56 -22.10
N ALA A 332 -2.36 -5.92 -20.82
CA ALA A 332 -1.19 -5.73 -20.00
C ALA A 332 -0.26 -6.94 -20.09
N SER A 333 0.82 -6.91 -19.32
CA SER A 333 1.80 -7.97 -19.28
C SER A 333 1.55 -8.88 -18.08
N LEU A 334 2.35 -9.95 -18.01
CA LEU A 334 2.25 -10.92 -16.93
C LEU A 334 3.14 -10.59 -15.73
N TRP A 335 3.83 -9.45 -15.76
CA TRP A 335 4.69 -9.08 -14.64
C TRP A 335 3.94 -8.97 -13.31
N PRO A 336 2.73 -8.39 -13.23
CA PRO A 336 2.02 -8.41 -11.94
C PRO A 336 1.77 -9.80 -11.41
N TRP A 337 1.53 -10.79 -12.27
CA TRP A 337 1.38 -12.16 -11.82
C TRP A 337 2.61 -12.62 -11.05
N LEU A 338 3.79 -12.47 -11.67
CA LEU A 338 5.02 -12.88 -11.02
C LEU A 338 5.26 -12.07 -9.75
N TRP A 339 4.98 -10.77 -9.78
CA TRP A 339 5.13 -9.94 -8.59
C TRP A 339 4.32 -10.50 -7.44
N ALA A 340 3.03 -10.74 -7.65
CA ALA A 340 2.16 -11.20 -6.58
C ALA A 340 2.58 -12.58 -6.08
N LEU A 341 2.83 -13.52 -7.01
CA LEU A 341 3.19 -14.88 -6.61
C LEU A 341 4.49 -14.89 -5.82
N GLY A 342 5.52 -14.21 -6.33
CA GLY A 342 6.79 -14.17 -5.63
C GLY A 342 6.68 -13.50 -4.28
N THR A 343 5.94 -12.39 -4.21
CA THR A 343 5.76 -11.71 -2.92
C THR A 343 5.11 -12.63 -1.91
N MET A 344 4.00 -13.27 -2.28
CA MET A 344 3.31 -14.17 -1.36
C MET A 344 4.22 -15.29 -0.90
N THR A 345 4.86 -15.98 -1.86
CA THR A 345 5.68 -17.13 -1.51
C THR A 345 6.86 -16.74 -0.63
N VAL A 346 7.55 -15.64 -0.98
CA VAL A 346 8.73 -15.23 -0.24
C VAL A 346 8.35 -14.82 1.18
N ILE A 347 7.28 -14.03 1.31
CA ILE A 347 6.88 -13.58 2.64
C ILE A 347 6.47 -14.75 3.50
N SER A 348 5.67 -15.67 2.95
CA SER A 348 5.24 -16.82 3.73
C SER A 348 6.43 -17.68 4.15
N LEU A 349 7.37 -17.91 3.23
CA LEU A 349 8.54 -18.73 3.56
C LEU A 349 9.39 -18.07 4.64
N LEU A 350 9.65 -16.77 4.51
CA LEU A 350 10.50 -16.10 5.50
C LEU A 350 9.82 -16.04 6.86
N VAL A 351 8.50 -15.92 6.90
CA VAL A 351 7.80 -15.93 8.18
C VAL A 351 7.85 -17.32 8.80
N GLY A 352 7.60 -18.35 8.01
CA GLY A 352 7.49 -19.69 8.57
C GLY A 352 8.78 -20.46 8.74
N LEU A 353 9.90 -19.95 8.21
CA LEU A 353 11.15 -20.71 8.26
C LEU A 353 11.65 -20.87 9.70
N ARG A 354 11.72 -19.77 10.45
CA ARG A 354 12.25 -19.84 11.81
C ARG A 354 11.43 -20.75 12.72
N PRO A 355 10.09 -20.66 12.79
CA PRO A 355 9.35 -21.58 13.67
C PRO A 355 9.58 -23.04 13.34
N TYR A 356 9.73 -23.37 12.05
CA TYR A 356 9.91 -24.76 11.66
C TYR A 356 11.20 -25.34 12.23
N ARG A 357 12.32 -24.67 12.01
CA ARG A 357 13.58 -25.16 12.55
C ARG A 357 13.59 -25.10 14.07
N LEU A 358 12.93 -24.08 14.64
CA LEU A 358 12.87 -23.96 16.09
C LEU A 358 12.15 -25.15 16.70
N LEU A 359 11.02 -25.56 16.13
CA LEU A 359 10.31 -26.72 16.63
C LEU A 359 11.05 -28.01 16.33
N LEU A 360 11.79 -28.06 15.22
CA LEU A 360 12.63 -29.22 14.97
C LEU A 360 13.67 -29.40 16.06
N ALA A 361 14.31 -28.30 16.47
CA ALA A 361 15.33 -28.40 17.52
C ALA A 361 14.69 -28.61 18.89
N THR A 362 13.60 -27.92 19.17
CA THR A 362 13.00 -27.95 20.50
C THR A 362 12.32 -29.28 20.77
N GLN A 363 12.38 -29.72 22.02
CA GLN A 363 11.70 -30.93 22.44
C GLN A 363 10.19 -30.70 22.49
N PRO A 364 9.39 -31.72 22.16
CA PRO A 364 7.94 -31.53 22.13
C PRO A 364 7.34 -31.12 23.46
N LEU A 365 7.88 -31.61 24.58
CA LEU A 365 7.31 -31.28 25.89
C LEU A 365 7.46 -29.80 26.20
N ARG A 366 8.63 -29.24 25.91
CA ARG A 366 8.85 -27.82 26.18
C ARG A 366 7.92 -26.95 25.36
N VAL A 367 7.52 -27.43 24.18
CA VAL A 367 6.49 -26.75 23.41
C VAL A 367 5.12 -26.92 24.08
N LEU A 368 4.81 -28.13 24.56
CA LEU A 368 3.50 -28.39 25.15
C LEU A 368 3.28 -27.59 26.41
N ARG A 369 4.28 -27.55 27.29
CA ARG A 369 4.19 -26.81 28.54
C ARG A 369 4.77 -25.40 28.44
N ASN A 370 5.11 -24.95 27.22
CA ASN A 370 5.64 -23.61 26.99
C ASN A 370 6.89 -23.35 27.82
N ASP A 371 7.75 -24.38 27.93
CA ASP A 371 9.02 -24.23 28.61
C ASP A 371 9.97 -23.40 27.75
N VAL A 372 11.14 -23.09 28.32
CA VAL A 372 12.13 -22.29 27.61
C VAL A 372 12.58 -23.04 26.37
N VAL A 373 12.31 -22.46 25.20
CA VAL A 373 12.69 -23.08 23.93
C VAL A 373 14.20 -22.98 23.75
N ALA A 374 14.73 -23.72 22.78
CA ALA A 374 16.16 -23.69 22.52
C ALA A 374 16.61 -22.29 22.12
N ASN A 375 17.72 -21.85 22.72
CA ASN A 375 18.27 -20.51 22.46
C ASN A 375 19.01 -20.50 21.13
N VAL A 376 18.23 -20.68 20.06
CA VAL A 376 18.75 -20.68 18.70
C VAL A 376 17.97 -19.68 17.88
N TRP A 377 18.68 -18.86 17.11
CA TRP A 377 18.09 -17.82 16.27
C TRP A 377 17.14 -16.92 17.05
N PRO A 378 17.65 -16.08 17.96
CA PRO A 378 16.77 -15.15 18.66
C PRO A 378 16.17 -14.14 17.69
N LEU A 379 14.97 -13.66 18.04
CA LEU A 379 14.30 -12.68 17.19
C LEU A 379 15.12 -11.39 17.07
N LYS A 380 15.96 -11.10 18.06
CA LYS A 380 16.80 -9.91 18.01
C LYS A 380 17.71 -9.91 16.79
N PHE A 381 18.10 -11.09 16.31
CA PHE A 381 18.83 -11.21 15.06
C PHE A 381 17.95 -11.55 13.88
N TYR A 382 16.80 -12.19 14.14
CA TYR A 382 15.93 -12.61 13.04
C TYR A 382 15.26 -11.43 12.38
N LEU A 383 14.77 -10.46 13.16
CA LEU A 383 14.09 -9.31 12.59
C LEU A 383 14.98 -8.48 11.67
N PRO A 384 16.21 -8.10 12.05
CA PRO A 384 17.05 -7.35 11.10
C PRO A 384 17.32 -8.09 9.81
N ILE A 385 17.51 -9.41 9.88
CA ILE A 385 17.74 -10.17 8.66
C ILE A 385 16.53 -10.13 7.74
N VAL A 386 15.33 -10.27 8.31
CA VAL A 386 14.11 -10.20 7.53
C VAL A 386 13.96 -8.82 6.90
N SER A 387 14.24 -7.78 7.68
CA SER A 387 14.13 -6.41 7.16
C SER A 387 15.09 -6.20 6.00
N VAL A 388 16.34 -6.65 6.14
CA VAL A 388 17.31 -6.49 5.07
C VAL A 388 16.88 -7.26 3.83
N VAL A 389 16.38 -8.48 4.02
CA VAL A 389 15.97 -9.30 2.88
C VAL A 389 14.82 -8.64 2.14
N VAL A 390 13.81 -8.16 2.87
CA VAL A 390 12.66 -7.56 2.20
C VAL A 390 13.06 -6.26 1.52
N VAL A 391 13.96 -5.48 2.14
CA VAL A 391 14.41 -4.24 1.51
C VAL A 391 15.14 -4.54 0.21
N LEU A 392 16.02 -5.55 0.22
CA LEU A 392 16.74 -5.92 -0.99
C LEU A 392 15.79 -6.41 -2.07
N LEU A 393 14.79 -7.22 -1.68
CA LEU A 393 13.83 -7.73 -2.64
C LEU A 393 13.03 -6.60 -3.27
N LEU A 394 12.57 -5.64 -2.46
CA LEU A 394 11.82 -4.51 -3.00
C LEU A 394 12.70 -3.66 -3.91
N ALA A 395 13.95 -3.44 -3.52
CA ALA A 395 14.86 -2.67 -4.37
C ALA A 395 15.08 -3.35 -5.70
N GLY A 396 15.24 -4.67 -5.70
CA GLY A 396 15.38 -5.40 -6.95
C GLY A 396 14.11 -5.34 -7.79
N LEU A 397 12.95 -5.44 -7.15
CA LEU A 397 11.69 -5.41 -7.89
C LEU A 397 11.46 -4.05 -8.55
N MET A 398 11.73 -2.96 -7.84
CA MET A 398 11.38 -1.63 -8.32
C MET A 398 12.60 -0.79 -8.70
N GLY A 399 13.77 -1.42 -8.83
CA GLY A 399 14.94 -0.72 -9.32
C GLY A 399 15.51 0.33 -8.39
N GLY A 400 15.20 0.25 -7.08
CA GLY A 400 15.76 1.17 -6.11
C GLY A 400 15.35 2.62 -6.29
N SER A 401 14.07 2.86 -6.53
CA SER A 401 13.56 4.21 -6.65
C SER A 401 13.54 4.90 -5.28
N MET A 402 13.70 6.22 -5.31
CA MET A 402 13.77 6.99 -4.07
C MET A 402 12.46 6.92 -3.29
N LEU A 403 11.35 6.69 -3.98
CA LEU A 403 10.06 6.56 -3.29
C LEU A 403 10.08 5.35 -2.36
N LEU A 404 10.73 4.27 -2.78
CA LEU A 404 10.89 3.11 -1.89
C LEU A 404 11.70 3.48 -0.65
N TRP A 405 12.74 4.30 -0.82
CA TRP A 405 13.51 4.76 0.33
C TRP A 405 12.65 5.57 1.28
N ALA A 406 11.82 6.47 0.73
CA ALA A 406 10.91 7.24 1.57
C ALA A 406 9.95 6.33 2.33
N VAL A 407 9.40 5.33 1.64
CA VAL A 407 8.45 4.42 2.27
C VAL A 407 9.11 3.64 3.40
N LEU A 408 10.32 3.13 3.16
CA LEU A 408 10.99 2.37 4.21
C LEU A 408 11.41 3.24 5.37
N ALA A 409 11.81 4.50 5.12
CA ALA A 409 12.10 5.41 6.21
C ALA A 409 10.84 5.68 7.05
N GLY A 410 9.71 5.89 6.39
CA GLY A 410 8.46 6.03 7.11
C GLY A 410 8.13 4.79 7.93
N ALA A 411 8.35 3.62 7.35
CA ALA A 411 8.07 2.38 8.06
C ALA A 411 8.93 2.23 9.30
N VAL A 412 10.23 2.51 9.19
CA VAL A 412 11.11 2.32 10.34
C VAL A 412 10.83 3.35 11.43
N VAL A 413 10.55 4.60 11.03
CA VAL A 413 10.23 5.60 12.06
C VAL A 413 8.90 5.26 12.73
N LEU A 414 7.94 4.75 11.96
CA LEU A 414 6.69 4.30 12.55
C LEU A 414 6.92 3.16 13.53
N ALA A 415 7.80 2.21 13.18
CA ALA A 415 8.06 1.08 14.06
C ALA A 415 8.69 1.54 15.37
N LEU A 416 9.70 2.41 15.30
CA LEU A 416 10.36 2.87 16.52
C LEU A 416 9.40 3.68 17.38
N LEU A 417 8.60 4.56 16.76
CA LEU A 417 7.62 5.33 17.52
C LEU A 417 6.59 4.42 18.17
N CYS A 418 6.14 3.40 17.44
CA CYS A 418 5.18 2.46 18.00
C CYS A 418 5.76 1.74 19.21
N GLY A 419 7.02 1.30 19.12
CA GLY A 419 7.63 0.63 20.25
C GLY A 419 7.74 1.54 21.47
N VAL A 420 8.24 2.76 21.27
CA VAL A 420 8.41 3.68 22.39
C VAL A 420 7.08 4.03 23.03
N LEU A 421 6.09 4.38 22.20
CA LEU A 421 4.78 4.74 22.72
C LEU A 421 4.08 3.55 23.36
N GLY A 422 4.33 2.33 22.86
CA GLY A 422 3.77 1.16 23.51
C GLY A 422 4.34 0.93 24.89
N TRP A 423 5.66 1.10 25.04
CA TRP A 423 6.26 0.98 26.37
C TRP A 423 5.69 2.04 27.32
N MET A 424 5.59 3.29 26.84
CA MET A 424 5.04 4.35 27.68
C MET A 424 3.59 4.07 28.04
N LEU A 425 2.79 3.59 27.07
CA LEU A 425 1.39 3.27 27.33
C LEU A 425 1.27 2.14 28.34
N LEU A 426 2.12 1.12 28.23
CA LEU A 426 2.09 0.04 29.22
C LEU A 426 2.38 0.57 30.62
N ASN A 427 3.40 1.44 30.74
CA ASN A 427 3.71 2.00 32.05
C ASN A 427 2.52 2.80 32.60
N VAL A 428 1.97 3.70 31.78
CA VAL A 428 0.89 4.57 32.24
C VAL A 428 -0.34 3.76 32.59
N LEU A 429 -0.68 2.75 31.79
CA LEU A 429 -1.83 1.91 32.07
C LEU A 429 -1.63 1.12 33.35
N ARG A 430 -0.42 0.59 33.58
CA ARG A 430 -0.15 -0.04 34.85
C ARG A 430 -0.21 0.94 36.01
N ARG A 431 -0.02 2.23 35.74
CA ARG A 431 -0.20 3.27 36.75
C ARG A 431 -1.62 3.82 36.80
N MET A 432 -2.52 3.31 35.96
CA MET A 432 -3.85 3.87 35.79
C MET A 432 -4.90 3.01 36.48
N THR A 433 -5.90 3.68 37.06
CA THR A 433 -7.04 3.02 37.69
C THR A 433 -8.32 3.46 36.97
N LEU A 434 -9.27 2.54 36.86
CA LEU A 434 -10.53 2.79 36.17
C LEU A 434 -11.71 2.41 37.05
N LYS A 435 -12.92 2.70 36.55
CA LYS A 435 -14.15 2.33 37.23
C LYS A 435 -15.16 1.61 36.37
N SER A 436 -15.10 1.76 35.04
CA SER A 436 -16.05 1.10 34.16
C SER A 436 -15.59 -0.31 33.84
N LEU A 437 -16.57 -1.18 33.53
CA LEU A 437 -16.25 -2.59 33.29
C LEU A 437 -15.53 -2.80 31.97
N PRO A 438 -16.11 -2.48 30.80
CA PRO A 438 -15.44 -2.82 29.54
C PRO A 438 -14.08 -2.19 29.39
N LEU A 439 -13.88 -0.99 29.94
CA LEU A 439 -12.56 -0.36 29.90
C LEU A 439 -11.54 -1.21 30.63
N ARG A 440 -11.87 -1.67 31.83
CA ARG A 440 -10.95 -2.50 32.59
C ARG A 440 -10.71 -3.84 31.89
N LEU A 441 -11.76 -4.40 31.27
CA LEU A 441 -11.59 -5.65 30.55
C LEU A 441 -10.62 -5.49 29.39
N ALA A 442 -10.79 -4.42 28.59
CA ALA A 442 -9.88 -4.17 27.49
C ALA A 442 -8.47 -3.90 27.98
N VAL A 443 -8.34 -3.19 29.10
CA VAL A 443 -7.04 -2.93 29.68
C VAL A 443 -6.35 -4.24 30.04
N SER A 444 -7.07 -5.14 30.68
CA SER A 444 -6.50 -6.43 31.04
C SER A 444 -6.10 -7.22 29.79
N ARG A 445 -6.96 -7.24 28.77
CA ARG A 445 -6.64 -7.99 27.56
C ARG A 445 -5.39 -7.45 26.89
N LEU A 446 -5.24 -6.13 26.85
CA LEU A 446 -4.03 -5.54 26.28
C LEU A 446 -2.81 -5.89 27.13
N LEU A 447 -2.95 -5.82 28.46
CA LEU A 447 -1.79 -5.98 29.32
C LEU A 447 -1.27 -7.42 29.32
N ARG A 448 -2.16 -8.40 29.21
CA ARG A 448 -1.73 -9.79 29.36
C ARG A 448 -0.75 -10.20 28.27
N GLN A 449 -1.02 -9.85 27.01
CA GLN A 449 -0.15 -10.18 25.89
C GLN A 449 0.30 -8.90 25.20
N PRO A 450 1.46 -8.35 25.58
CA PRO A 450 1.89 -7.08 24.96
C PRO A 450 2.44 -7.25 23.55
N TRP A 451 3.02 -8.41 23.23
CA TRP A 451 3.67 -8.55 21.93
C TRP A 451 2.67 -8.65 20.80
N SER A 452 1.58 -9.40 21.00
CA SER A 452 0.52 -9.43 20.00
C SER A 452 -0.10 -8.05 19.82
N THR A 453 -0.25 -7.32 20.93
CA THR A 453 -0.74 -5.94 20.84
C THR A 453 0.19 -5.08 20.00
N LEU A 454 1.49 -5.23 20.21
CA LEU A 454 2.46 -4.47 19.42
C LEU A 454 2.37 -4.82 17.95
N SER A 455 2.24 -6.11 17.64
CA SER A 455 2.16 -6.54 16.24
C SER A 455 0.92 -5.98 15.56
N GLN A 456 -0.23 -6.10 16.22
CA GLN A 456 -1.47 -5.57 15.65
C GLN A 456 -1.40 -4.06 15.51
N LEU A 457 -0.83 -3.38 16.50
CA LEU A 457 -0.68 -1.93 16.43
C LEU A 457 0.19 -1.53 15.24
N SER A 458 1.30 -2.23 15.04
CA SER A 458 2.18 -1.92 13.92
C SER A 458 1.48 -2.15 12.58
N ALA A 459 0.75 -3.26 12.46
CA ALA A 459 0.06 -3.54 11.20
C ALA A 459 -0.99 -2.47 10.91
N PHE A 460 -1.83 -2.16 11.89
CA PHE A 460 -2.87 -1.17 11.69
C PHE A 460 -2.26 0.21 11.40
N SER A 461 -1.18 0.54 12.10
CA SER A 461 -0.54 1.84 11.90
C SER A 461 0.01 1.96 10.49
N LEU A 462 0.71 0.92 10.00
CA LEU A 462 1.26 0.98 8.67
C LEU A 462 0.15 1.07 7.62
N SER A 463 -0.92 0.29 7.80
CA SER A 463 -2.04 0.37 6.86
C SER A 463 -2.63 1.77 6.83
N PHE A 464 -2.89 2.34 8.01
CA PHE A 464 -3.49 3.66 8.09
C PHE A 464 -2.58 4.72 7.47
N MET A 465 -1.28 4.66 7.73
CA MET A 465 -0.37 5.67 7.20
C MET A 465 -0.25 5.54 5.68
N LEU A 466 -0.24 4.32 5.16
CA LEU A 466 -0.20 4.16 3.70
C LEU A 466 -1.46 4.73 3.06
N LEU A 467 -2.63 4.43 3.64
CA LEU A 467 -3.87 4.96 3.07
C LEU A 467 -3.91 6.48 3.15
N ALA A 468 -3.47 7.04 4.27
CA ALA A 468 -3.44 8.50 4.42
C ALA A 468 -2.50 9.13 3.42
N LEU A 469 -1.33 8.52 3.21
CA LEU A 469 -0.38 9.04 2.22
C LEU A 469 -1.01 9.04 0.83
N LEU A 470 -1.67 7.94 0.46
CA LEU A 470 -2.31 7.88 -0.84
C LEU A 470 -3.35 8.96 -1.00
N LEU A 471 -4.24 9.11 0.00
CA LEU A 471 -5.31 10.09 -0.09
C LEU A 471 -4.75 11.50 -0.18
N VAL A 472 -3.76 11.82 0.66
CA VAL A 472 -3.19 13.16 0.67
C VAL A 472 -2.50 13.46 -0.66
N LEU A 473 -1.75 12.50 -1.20
CA LEU A 473 -1.08 12.72 -2.47
C LEU A 473 -2.08 12.96 -3.59
N ARG A 474 -3.14 12.14 -3.63
CA ARG A 474 -4.17 12.32 -4.65
C ARG A 474 -4.83 13.68 -4.54
N GLY A 475 -5.19 14.08 -3.32
CA GLY A 475 -5.82 15.37 -3.12
C GLY A 475 -4.92 16.52 -3.51
N ASP A 476 -3.64 16.44 -3.14
CA ASP A 476 -2.69 17.50 -3.48
C ASP A 476 -2.51 17.61 -4.99
N LEU A 477 -2.38 16.47 -5.68
CA LEU A 477 -2.23 16.51 -7.12
C LEU A 477 -3.46 17.10 -7.80
N LEU A 478 -4.65 16.68 -7.37
CA LEU A 478 -5.87 17.22 -7.97
C LEU A 478 -5.99 18.72 -7.72
N ASP A 479 -5.71 19.17 -6.49
CA ASP A 479 -5.80 20.59 -6.18
C ASP A 479 -4.80 21.40 -6.99
N ARG A 480 -3.56 20.90 -7.12
CA ARG A 480 -2.57 21.61 -7.91
C ARG A 480 -2.97 21.70 -9.37
N TRP A 481 -3.49 20.61 -9.93
CA TRP A 481 -3.92 20.66 -11.32
C TRP A 481 -5.10 21.59 -11.53
N GLN A 482 -6.04 21.60 -10.58
CA GLN A 482 -7.17 22.52 -10.68
C GLN A 482 -6.70 23.97 -10.61
N GLN A 483 -5.74 24.27 -9.72
CA GLN A 483 -5.18 25.61 -9.67
C GLN A 483 -4.47 25.99 -10.96
N GLN A 484 -3.73 25.04 -11.54
CA GLN A 484 -2.96 25.33 -12.75
C GLN A 484 -3.83 25.56 -13.97
N LEU A 485 -5.04 25.00 -14.00
CA LEU A 485 -5.94 25.12 -15.15
C LEU A 485 -7.30 25.63 -14.69
N PRO A 486 -7.46 26.94 -14.59
CA PRO A 486 -8.79 27.50 -14.30
C PRO A 486 -9.73 27.25 -15.46
N PRO A 487 -10.95 26.80 -15.19
CA PRO A 487 -11.91 26.57 -16.29
C PRO A 487 -12.26 27.83 -17.05
N GLU A 488 -12.17 29.00 -16.41
CA GLU A 488 -12.47 30.27 -17.06
C GLU A 488 -11.23 30.88 -17.73
N SER A 489 -10.25 30.08 -18.07
CA SER A 489 -9.01 30.60 -18.64
C SER A 489 -9.29 31.24 -19.99
N PRO A 490 -8.68 32.40 -20.27
CA PRO A 490 -8.88 33.05 -21.57
C PRO A 490 -8.37 32.18 -22.71
N ASN A 491 -9.05 32.24 -23.84
CA ASN A 491 -8.71 31.43 -25.00
C ASN A 491 -8.04 32.23 -26.12
N TYR A 492 -7.77 33.51 -25.90
CA TYR A 492 -7.08 34.32 -26.90
C TYR A 492 -6.16 35.30 -26.20
N PHE A 493 -5.07 35.66 -26.88
CA PHE A 493 -4.06 36.55 -26.33
C PHE A 493 -3.76 37.67 -27.30
N LEU A 494 -3.55 38.87 -26.76
CA LEU A 494 -3.11 40.03 -27.52
C LEU A 494 -1.76 40.48 -26.98
N ILE A 495 -0.77 40.57 -27.87
CA ILE A 495 0.59 40.94 -27.53
C ILE A 495 0.99 42.12 -28.39
N ASN A 496 2.16 42.69 -28.07
CA ASN A 496 2.71 43.85 -28.78
C ASN A 496 1.73 45.02 -28.77
N ILE A 497 1.10 45.24 -27.62
CA ILE A 497 0.13 46.32 -27.45
C ILE A 497 0.86 47.56 -26.98
N ALA A 498 0.62 48.68 -27.65
CA ALA A 498 1.27 49.94 -27.33
C ALA A 498 0.51 50.66 -26.21
N THR A 499 1.24 51.42 -25.41
CA THR A 499 0.63 52.13 -24.29
C THR A 499 -0.40 53.13 -24.78
N GLU A 500 -0.12 53.82 -25.89
CA GLU A 500 -1.10 54.73 -26.46
C GLU A 500 -2.28 54.00 -27.10
N GLN A 501 -2.11 52.72 -27.43
CA GLN A 501 -3.15 51.96 -28.11
C GLN A 501 -4.06 51.20 -27.16
N VAL A 502 -3.74 51.13 -25.86
CA VAL A 502 -4.58 50.35 -24.95
C VAL A 502 -5.94 51.01 -24.76
N ALA A 503 -5.96 52.34 -24.66
CA ALA A 503 -7.23 53.03 -24.49
C ALA A 503 -8.19 52.80 -25.66
N PRO A 504 -7.79 52.96 -26.92
CA PRO A 504 -8.67 52.48 -28.01
C PRO A 504 -8.95 51.00 -27.90
N LEU A 505 -7.96 50.20 -27.50
CA LEU A 505 -8.18 48.77 -27.31
C LEU A 505 -9.15 48.51 -26.16
N LYS A 506 -9.04 49.27 -25.07
CA LYS A 506 -9.96 49.10 -23.96
C LYS A 506 -11.38 49.48 -24.37
N ALA A 507 -11.54 50.55 -25.15
CA ALA A 507 -12.86 50.90 -25.66
C ALA A 507 -13.39 49.80 -26.59
N PHE A 508 -12.52 49.23 -27.42
CA PHE A 508 -12.90 48.14 -28.31
C PHE A 508 -13.41 46.95 -27.52
N LEU A 509 -12.69 46.60 -26.44
CA LEU A 509 -13.13 45.49 -25.59
C LEU A 509 -14.44 45.80 -24.90
N ALA A 510 -14.59 47.02 -24.39
CA ALA A 510 -15.81 47.41 -23.68
C ALA A 510 -17.02 47.36 -24.62
N GLU A 511 -16.85 47.81 -25.86
CA GLU A 511 -17.94 47.73 -26.83
C GLU A 511 -18.31 46.27 -27.12
N HIS A 512 -17.30 45.40 -27.15
CA HIS A 512 -17.52 43.98 -27.43
C HIS A 512 -17.91 43.18 -26.20
N GLN A 513 -18.34 43.85 -25.12
CA GLN A 513 -18.79 43.19 -23.90
C GLN A 513 -17.71 42.27 -23.34
N ILE A 514 -16.46 42.72 -23.42
CA ILE A 514 -15.31 41.94 -22.97
C ILE A 514 -14.75 42.59 -21.72
N VAL A 515 -14.58 41.79 -20.67
CA VAL A 515 -13.98 42.25 -19.41
C VAL A 515 -12.53 41.76 -19.40
N PRO A 516 -11.56 42.64 -19.63
CA PRO A 516 -10.17 42.20 -19.69
C PRO A 516 -9.57 41.99 -18.30
N GLU A 517 -8.52 41.18 -18.27
CA GLU A 517 -7.76 40.97 -17.06
C GLU A 517 -6.65 42.02 -16.97
N SER A 518 -5.71 41.83 -16.05
CA SER A 518 -4.62 42.78 -15.89
C SER A 518 -3.79 42.88 -17.17
N PHE A 519 -3.54 44.11 -17.61
CA PHE A 519 -2.69 44.36 -18.76
C PHE A 519 -1.25 44.36 -18.28
N TYR A 520 -0.53 43.28 -18.54
CA TYR A 520 0.83 43.16 -18.06
C TYR A 520 1.77 44.05 -18.86
N PRO A 521 2.46 44.99 -18.23
CA PRO A 521 3.56 45.69 -18.91
C PRO A 521 4.75 44.77 -19.05
N VAL A 522 5.53 45.00 -20.11
CA VAL A 522 6.70 44.20 -20.42
C VAL A 522 7.86 45.13 -20.73
N VAL A 523 8.97 44.95 -20.02
CA VAL A 523 10.21 45.65 -20.29
C VAL A 523 11.30 44.61 -20.48
N ARG A 524 12.04 44.71 -21.58
CA ARG A 524 13.07 43.74 -21.91
C ARG A 524 14.40 44.21 -21.32
N ALA A 525 14.84 43.54 -20.26
CA ALA A 525 16.08 43.87 -19.60
C ALA A 525 16.79 42.58 -19.18
N ARG A 526 18.11 42.67 -19.07
CA ARG A 526 18.96 41.54 -18.70
C ARG A 526 19.60 41.81 -17.36
N LEU A 527 19.62 40.79 -16.49
CA LEU A 527 20.31 40.87 -15.21
C LEU A 527 21.81 40.78 -15.47
N THR A 528 22.46 41.93 -15.55
CA THR A 528 23.87 41.95 -15.93
C THR A 528 24.79 41.68 -14.75
N ALA A 529 24.52 42.29 -13.60
CA ALA A 529 25.38 42.16 -12.43
C ALA A 529 24.55 41.78 -11.22
N ILE A 530 25.08 40.87 -10.41
CA ILE A 530 24.48 40.46 -9.15
C ILE A 530 25.47 40.82 -8.05
N ASN A 531 25.03 41.66 -7.10
CA ASN A 531 25.87 42.12 -6.01
C ASN A 531 27.18 42.73 -6.53
N ASP A 532 27.04 43.61 -7.52
CA ASP A 532 28.13 44.33 -8.18
C ASP A 532 29.08 43.40 -8.92
N LYS A 533 28.68 42.15 -9.17
CA LYS A 533 29.50 41.19 -9.89
C LYS A 533 28.82 40.83 -11.20
N PRO A 534 29.45 41.07 -12.35
CA PRO A 534 28.80 40.77 -13.63
C PRO A 534 28.48 39.29 -13.77
N THR A 535 27.35 39.02 -14.42
CA THR A 535 26.87 37.65 -14.61
C THR A 535 27.37 37.03 -15.90
N GLU A 536 28.22 37.72 -16.65
CA GLU A 536 28.76 37.15 -17.88
C GLU A 536 29.60 35.92 -17.60
N GLY A 537 29.50 34.93 -18.47
CA GLY A 537 30.18 33.66 -18.30
C GLY A 537 29.35 32.59 -17.62
N ASN A 538 28.25 32.96 -16.96
CA ASN A 538 27.38 31.98 -16.33
C ASN A 538 26.48 31.35 -17.38
N GLU A 539 26.35 30.03 -17.32
CA GLU A 539 25.57 29.27 -18.29
C GLU A 539 24.09 29.22 -17.95
N ASP A 540 23.66 29.83 -16.84
CA ASP A 540 22.25 29.86 -16.51
C ASP A 540 21.48 30.64 -17.56
N GLU A 541 20.33 30.12 -17.96
CA GLU A 541 19.57 30.71 -19.06
C GLU A 541 19.12 32.13 -18.72
N ALA A 542 18.68 32.35 -17.48
CA ALA A 542 18.23 33.67 -17.07
C ALA A 542 19.35 34.71 -17.14
N LEU A 543 20.60 34.29 -16.99
CA LEU A 543 21.74 35.19 -17.07
C LEU A 543 22.33 35.29 -18.47
N ASN A 544 21.73 34.60 -19.45
CA ASN A 544 22.22 34.63 -20.83
C ASN A 544 21.22 35.23 -21.80
N ARG A 545 19.95 34.89 -21.69
CA ARG A 545 18.94 35.41 -22.61
C ARG A 545 18.30 36.66 -22.01
N GLU A 546 17.27 37.17 -22.66
CA GLU A 546 16.60 38.38 -22.22
C GLU A 546 15.61 38.08 -21.10
N LEU A 547 15.37 39.08 -20.26
CA LEU A 547 14.42 38.97 -19.15
C LEU A 547 13.25 39.92 -19.38
N ASN A 548 12.07 39.47 -19.02
CA ASN A 548 10.82 40.22 -19.21
C ASN A 548 10.37 40.74 -17.85
N LEU A 549 10.87 41.92 -17.48
CA LEU A 549 10.49 42.54 -16.22
C LEU A 549 9.13 43.21 -16.35
N THR A 550 8.43 43.32 -15.21
CA THR A 550 7.08 43.86 -15.19
C THR A 550 6.81 44.47 -13.82
N TRP A 551 5.75 45.26 -13.75
CA TRP A 551 5.30 45.85 -12.50
C TRP A 551 3.80 45.68 -12.36
N GLN A 552 3.35 45.50 -11.12
CA GLN A 552 1.93 45.35 -10.81
C GLN A 552 1.61 46.21 -9.60
N ASN A 553 0.33 46.20 -9.20
CA ASN A 553 -0.15 46.94 -8.05
C ASN A 553 -0.85 46.07 -7.02
N THR A 554 -1.63 45.10 -7.47
CA THR A 554 -2.32 44.19 -6.56
C THR A 554 -1.44 43.00 -6.24
N ARG A 555 -1.65 42.43 -5.06
CA ARG A 555 -0.85 41.28 -4.65
C ARG A 555 -1.12 40.09 -5.57
N PRO A 556 -0.09 39.37 -6.00
CA PRO A 556 -0.32 38.22 -6.88
C PRO A 556 -1.19 37.17 -6.22
N ASP A 557 -2.07 36.56 -7.02
CA ASP A 557 -3.01 35.57 -6.52
C ASP A 557 -2.41 34.17 -6.51
N HIS A 558 -1.66 33.80 -7.55
CA HIS A 558 -1.08 32.48 -7.67
C HIS A 558 0.37 32.43 -7.17
N ASN A 559 0.90 33.53 -6.64
CA ASN A 559 2.28 33.60 -6.15
C ASN A 559 2.28 34.16 -4.74
N PRO A 560 1.93 33.35 -3.74
CA PRO A 560 2.05 33.79 -2.35
C PRO A 560 3.51 34.00 -1.98
N ILE A 561 3.75 34.99 -1.13
CA ILE A 561 5.11 35.34 -0.73
C ILE A 561 5.57 34.38 0.36
N VAL A 562 6.62 33.60 0.06
CA VAL A 562 7.16 32.68 1.06
C VAL A 562 8.08 33.42 2.02
N ALA A 563 8.98 34.24 1.48
CA ALA A 563 9.87 35.08 2.27
C ALA A 563 9.85 36.49 1.71
N GLY A 564 9.87 37.47 2.59
CA GLY A 564 9.82 38.87 2.21
C GLY A 564 8.46 39.47 2.45
N ASN A 565 8.32 40.72 2.01
CA ASN A 565 7.10 41.50 2.23
C ASN A 565 6.61 42.08 0.91
N TRP A 566 5.29 42.10 0.74
CA TRP A 566 4.63 42.72 -0.41
C TRP A 566 4.02 44.05 -0.01
N PRO A 567 4.14 45.09 -0.85
CA PRO A 567 4.88 45.12 -2.13
C PRO A 567 6.32 45.59 -1.95
N PRO A 568 7.19 45.28 -2.90
CA PRO A 568 8.55 45.86 -2.87
C PRO A 568 8.48 47.38 -3.01
N LYS A 569 9.38 48.05 -2.32
CA LYS A 569 9.41 49.51 -2.31
C LYS A 569 10.31 50.01 -3.45
N ALA A 570 10.67 51.29 -3.41
CA ALA A 570 11.58 51.84 -4.40
C ALA A 570 12.92 51.12 -4.35
N ASP A 571 13.46 50.82 -5.54
CA ASP A 571 14.68 50.04 -5.68
C ASP A 571 14.58 48.68 -5.00
N GLU A 572 13.37 48.11 -4.99
CA GLU A 572 13.13 46.80 -4.42
C GLU A 572 12.35 45.95 -5.41
N VAL A 573 12.59 44.65 -5.36
CA VAL A 573 12.03 43.71 -6.32
C VAL A 573 11.60 42.45 -5.60
N SER A 574 10.44 41.91 -5.98
CA SER A 574 9.99 40.60 -5.54
C SER A 574 10.57 39.56 -6.50
N MET A 575 11.38 38.67 -5.98
CA MET A 575 12.09 37.68 -6.79
C MET A 575 11.52 36.29 -6.58
N GLU A 576 11.65 35.45 -7.60
CA GLU A 576 11.21 34.07 -7.51
C GLU A 576 12.23 33.24 -6.72
N GLU A 577 11.70 32.34 -5.89
CA GLU A 577 12.57 31.55 -5.02
C GLU A 577 13.54 30.68 -5.81
N GLY A 578 13.05 30.03 -6.87
CA GLY A 578 13.91 29.17 -7.66
C GLY A 578 15.03 29.94 -8.33
N LEU A 579 14.72 31.12 -8.89
CA LEU A 579 15.76 31.94 -9.49
C LEU A 579 16.75 32.43 -8.44
N ALA A 580 16.25 32.79 -7.25
CA ALA A 580 17.13 33.23 -6.18
C ALA A 580 18.08 32.12 -5.77
N LYS A 581 17.60 30.89 -5.71
CA LYS A 581 18.47 29.76 -5.37
C LYS A 581 19.48 29.47 -6.47
N ARG A 582 19.01 29.43 -7.73
CA ARG A 582 19.91 29.06 -8.82
C ARG A 582 20.91 30.16 -9.14
N LEU A 583 20.66 31.40 -8.72
CA LEU A 583 21.60 32.50 -8.89
C LEU A 583 22.29 32.87 -7.58
N ASN A 584 22.21 31.99 -6.57
CA ASN A 584 22.74 32.20 -5.23
C ASN A 584 22.41 33.60 -4.71
N VAL A 585 21.19 34.06 -4.99
CA VAL A 585 20.74 35.38 -4.55
C VAL A 585 19.85 35.21 -3.32
N ALA A 586 20.16 35.96 -2.27
CA ALA A 586 19.36 35.98 -1.05
C ALA A 586 18.60 37.29 -0.95
N LEU A 587 17.74 37.38 0.06
CA LEU A 587 16.99 38.60 0.29
C LEU A 587 17.95 39.74 0.66
N GLY A 588 17.70 40.91 0.07
CA GLY A 588 18.55 42.06 0.27
C GLY A 588 19.69 42.20 -0.71
N ASP A 589 19.90 41.22 -1.58
CA ASP A 589 20.98 41.30 -2.56
C ASP A 589 20.67 42.33 -3.63
N THR A 590 21.73 42.95 -4.16
CA THR A 590 21.60 43.98 -5.17
C THR A 590 21.64 43.33 -6.55
N VAL A 591 20.55 43.47 -7.30
CA VAL A 591 20.44 42.94 -8.66
C VAL A 591 20.44 44.10 -9.63
N THR A 592 21.34 44.07 -10.61
CA THR A 592 21.52 45.16 -11.57
C THR A 592 21.02 44.71 -12.92
N PHE A 593 20.08 45.48 -13.49
CA PHE A 593 19.47 45.16 -14.77
C PHE A 593 19.77 46.24 -15.79
N MET A 594 20.01 45.81 -17.02
CA MET A 594 20.24 46.70 -18.15
C MET A 594 19.13 46.49 -19.17
N GLY A 595 18.40 47.55 -19.48
CA GLY A 595 17.34 47.49 -20.45
C GLY A 595 17.22 48.79 -21.24
N ASP A 596 17.16 48.68 -22.56
CA ASP A 596 17.12 49.84 -23.46
C ASP A 596 18.27 50.79 -23.16
N THR A 597 19.46 50.22 -22.95
CA THR A 597 20.67 50.97 -22.62
C THR A 597 20.48 51.83 -21.37
N GLN A 598 19.67 51.35 -20.43
CA GLN A 598 19.45 52.03 -19.15
C GLN A 598 19.67 51.03 -18.04
N GLU A 599 20.51 51.40 -17.07
CA GLU A 599 20.92 50.49 -16.01
C GLU A 599 20.28 50.92 -14.68
N PHE A 600 19.62 49.97 -14.01
CA PHE A 600 18.99 50.24 -12.73
C PHE A 600 19.22 49.08 -11.78
N ARG A 601 19.35 49.41 -10.50
CA ARG A 601 19.61 48.41 -9.47
C ARG A 601 18.42 48.30 -8.53
N ALA A 602 18.14 47.08 -8.09
CA ALA A 602 17.05 46.80 -7.16
C ALA A 602 17.56 45.90 -6.05
N LYS A 603 16.78 45.83 -4.97
CA LYS A 603 17.10 45.01 -3.82
C LYS A 603 16.06 43.92 -3.68
N VAL A 604 16.51 42.67 -3.60
CA VAL A 604 15.60 41.54 -3.49
C VAL A 604 14.94 41.58 -2.12
N THR A 605 13.63 41.88 -2.08
CA THR A 605 12.92 42.06 -0.81
C THR A 605 11.73 41.13 -0.66
N SER A 606 11.51 40.20 -1.59
CA SER A 606 10.39 39.28 -1.49
C SER A 606 10.68 38.05 -2.33
N LEU A 607 10.52 36.87 -1.72
CA LEU A 607 10.65 35.59 -2.41
C LEU A 607 9.26 35.02 -2.66
N ARG A 608 9.01 34.60 -3.89
CA ARG A 608 7.69 34.14 -4.30
C ARG A 608 7.80 32.82 -5.05
N LYS A 609 6.72 32.05 -5.00
CA LYS A 609 6.64 30.76 -5.68
C LYS A 609 5.98 30.95 -7.03
N VAL A 610 6.64 30.48 -8.09
CA VAL A 610 6.13 30.58 -9.45
C VAL A 610 6.10 29.19 -10.05
N ASP A 611 4.94 28.80 -10.58
CA ASP A 611 4.77 27.51 -11.25
C ASP A 611 4.70 27.78 -12.75
N TRP A 612 5.71 27.31 -13.48
CA TRP A 612 5.73 27.51 -14.93
C TRP A 612 4.66 26.69 -15.63
N GLU A 613 4.11 25.67 -14.97
CA GLU A 613 3.01 24.92 -15.56
C GLU A 613 1.75 25.78 -15.68
N SER A 614 1.62 26.81 -14.84
CA SER A 614 0.45 27.68 -14.89
C SER A 614 0.42 28.44 -16.21
N LEU A 615 -0.76 28.50 -16.82
CA LEU A 615 -0.92 29.21 -18.09
C LEU A 615 -0.94 30.72 -17.93
N ARG A 616 -1.09 31.22 -16.71
CA ARG A 616 -1.03 32.66 -16.49
C ARG A 616 0.38 33.17 -16.76
N PRO A 617 0.52 34.42 -17.18
CA PRO A 617 1.85 34.99 -17.38
C PRO A 617 2.66 34.94 -16.09
N ASN A 618 3.93 34.56 -16.22
CA ASN A 618 4.82 34.40 -15.09
C ASN A 618 6.12 35.15 -15.37
N PHE A 619 6.73 35.66 -14.30
CA PHE A 619 7.91 36.50 -14.44
C PHE A 619 8.91 36.14 -13.36
N TYR A 620 10.19 36.34 -13.68
CA TYR A 620 11.27 36.11 -12.72
C TYR A 620 11.46 37.28 -11.76
N PHE A 621 10.90 38.45 -12.05
CA PHE A 621 11.00 39.61 -11.17
C PHE A 621 9.69 40.37 -11.20
N ILE A 622 9.37 41.01 -10.07
CA ILE A 622 8.20 41.88 -9.97
C ILE A 622 8.64 43.20 -9.35
N PHE A 623 8.27 44.30 -9.98
CA PHE A 623 8.59 45.64 -9.51
C PHE A 623 7.33 46.38 -9.09
N PRO A 624 7.45 47.38 -8.23
CA PRO A 624 6.32 48.26 -7.93
C PRO A 624 6.08 49.24 -9.07
N GLU A 625 4.92 49.89 -9.02
CA GLU A 625 4.60 50.92 -10.00
C GLU A 625 5.55 52.10 -9.83
N GLY A 626 5.98 52.66 -10.95
CA GLY A 626 6.93 53.76 -10.95
C GLY A 626 8.37 53.34 -11.00
N ALA A 627 8.66 52.04 -10.91
CA ALA A 627 10.05 51.58 -10.94
C ALA A 627 10.62 51.66 -12.36
N LEU A 628 9.83 51.27 -13.36
CA LEU A 628 10.28 51.22 -14.74
C LEU A 628 9.34 51.98 -15.66
N ASP A 629 8.83 53.13 -15.18
CA ASP A 629 7.97 53.96 -16.03
C ASP A 629 8.76 54.54 -17.19
N GLY A 630 9.99 54.97 -16.95
CA GLY A 630 10.80 55.55 -18.01
C GLY A 630 11.26 54.54 -19.05
N GLN A 631 11.35 53.26 -18.68
CA GLN A 631 11.73 52.24 -19.64
C GLN A 631 10.60 52.06 -20.66
N PRO A 632 10.93 51.76 -21.92
CA PRO A 632 9.88 51.43 -22.90
C PRO A 632 9.13 50.18 -22.46
N GLN A 633 7.82 50.21 -22.65
CA GLN A 633 6.95 49.14 -22.17
C GLN A 633 6.04 48.67 -23.29
N SER A 634 6.06 47.37 -23.57
CA SER A 634 5.00 46.77 -24.35
C SER A 634 3.90 46.27 -23.42
N TRP A 635 2.80 45.80 -23.98
CA TRP A 635 1.68 45.36 -23.18
C TRP A 635 1.16 44.02 -23.67
N LEU A 636 0.79 43.16 -22.73
CA LEU A 636 0.23 41.85 -23.01
C LEU A 636 -1.07 41.69 -22.26
N THR A 637 -2.04 41.03 -22.90
CA THR A 637 -3.33 40.78 -22.26
C THR A 637 -3.93 39.52 -22.85
N SER A 638 -4.95 39.01 -22.18
CA SER A 638 -5.66 37.83 -22.64
C SER A 638 -7.15 37.99 -22.36
N PHE A 639 -7.96 37.32 -23.18
CA PHE A 639 -9.40 37.38 -23.03
C PHE A 639 -10.01 36.08 -23.52
N ARG A 640 -11.23 35.81 -23.06
CA ARG A 640 -11.97 34.62 -23.46
C ARG A 640 -13.13 35.03 -24.34
N TRP A 641 -13.18 34.47 -25.54
CA TRP A 641 -14.24 34.81 -26.50
C TRP A 641 -14.35 33.69 -27.50
N GLU A 642 -15.58 33.22 -27.74
CA GLU A 642 -15.85 32.19 -28.72
C GLU A 642 -16.99 32.53 -29.66
N ASN A 643 -17.53 33.75 -29.58
CA ASN A 643 -18.70 34.14 -30.36
C ASN A 643 -18.21 34.75 -31.68
N GLY A 644 -18.18 33.93 -32.72
CA GLY A 644 -17.87 34.43 -34.06
C GLY A 644 -16.41 34.75 -34.28
N ASN A 645 -16.06 35.13 -35.51
CA ASN A 645 -14.71 35.50 -35.87
C ASN A 645 -14.59 36.85 -36.55
N GLY A 646 -15.71 37.47 -36.95
CA GLY A 646 -15.64 38.75 -37.63
C GLY A 646 -15.03 39.84 -36.78
N MET A 647 -15.35 39.85 -35.48
CA MET A 647 -14.76 40.84 -34.59
C MET A 647 -13.25 40.71 -34.51
N LEU A 648 -12.74 39.48 -34.62
CA LEU A 648 -11.29 39.29 -34.65
C LEU A 648 -10.67 39.97 -35.87
N THR A 649 -11.30 39.82 -37.03
CA THR A 649 -10.80 40.46 -38.25
C THR A 649 -10.90 41.98 -38.13
N GLN A 650 -12.00 42.48 -37.54
CA GLN A 650 -12.13 43.91 -37.35
C GLN A 650 -11.06 44.46 -36.43
N LEU A 651 -10.76 43.73 -35.35
CA LEU A 651 -9.68 44.14 -34.45
C LEU A 651 -8.33 44.14 -35.16
N ASN A 652 -8.07 43.09 -35.96
CA ASN A 652 -6.81 43.02 -36.68
C ASN A 652 -6.67 44.17 -37.66
N ARG A 653 -7.75 44.52 -38.36
CA ARG A 653 -7.71 45.67 -39.26
C ARG A 653 -7.49 46.96 -38.49
N GLN A 654 -8.16 47.11 -37.34
CA GLN A 654 -8.00 48.32 -36.54
C GLN A 654 -6.62 48.37 -35.90
N PHE A 655 -6.09 47.23 -35.47
CA PHE A 655 -4.79 47.14 -34.82
C PHE A 655 -3.94 46.08 -35.51
N PRO A 656 -3.39 46.39 -36.69
CA PRO A 656 -2.52 45.42 -37.36
C PRO A 656 -1.22 45.16 -36.61
N THR A 657 -0.70 46.14 -35.88
CA THR A 657 0.57 45.98 -35.18
C THR A 657 0.45 45.13 -33.91
N ILE A 658 -0.77 44.84 -33.47
CA ILE A 658 -0.97 44.05 -32.25
C ILE A 658 -1.07 42.58 -32.64
N SER A 659 -0.19 41.77 -32.06
CA SER A 659 -0.17 40.35 -32.37
C SER A 659 -1.33 39.61 -31.71
N LEU A 660 -1.95 38.71 -32.45
CA LEU A 660 -3.06 37.91 -31.97
C LEU A 660 -2.64 36.45 -31.87
N LEU A 661 -3.02 35.79 -30.77
CA LEU A 661 -2.62 34.41 -30.52
C LEU A 661 -3.85 33.59 -30.12
N ASP A 662 -4.00 32.43 -30.74
CA ASP A 662 -5.07 31.49 -30.45
C ASP A 662 -4.52 30.27 -29.73
N ILE A 663 -5.17 29.89 -28.64
CA ILE A 663 -4.70 28.79 -27.80
C ILE A 663 -5.83 27.80 -27.54
N GLY A 664 -6.92 27.93 -28.30
CA GLY A 664 -8.10 27.12 -28.02
C GLY A 664 -7.84 25.62 -28.14
N ALA A 665 -7.17 25.20 -29.22
CA ALA A 665 -6.90 23.78 -29.41
C ALA A 665 -6.01 23.24 -28.32
N ILE A 666 -4.96 23.98 -27.96
CA ILE A 666 -4.04 23.54 -26.92
C ILE A 666 -4.78 23.43 -25.59
N LEU A 667 -5.61 24.41 -25.28
CA LEU A 667 -6.39 24.37 -24.05
C LEU A 667 -7.31 23.16 -24.02
N LYS A 668 -8.00 22.89 -25.14
CA LYS A 668 -8.89 21.73 -25.19
C LYS A 668 -8.12 20.44 -24.98
N GLN A 669 -6.96 20.30 -25.63
CA GLN A 669 -6.20 19.07 -25.51
C GLN A 669 -5.66 18.87 -24.09
N VAL A 670 -5.13 19.92 -23.48
CA VAL A 670 -4.59 19.78 -22.13
C VAL A 670 -5.71 19.51 -21.14
N GLY A 671 -6.89 20.11 -21.36
CA GLY A 671 -8.04 19.79 -20.52
C GLY A 671 -8.46 18.34 -20.64
N GLN A 672 -8.47 17.82 -21.88
CA GLN A 672 -8.80 16.40 -22.07
C GLN A 672 -7.81 15.51 -21.35
N VAL A 673 -6.51 15.81 -21.49
CA VAL A 673 -5.49 14.99 -20.84
C VAL A 673 -5.66 15.03 -19.33
N LEU A 674 -5.87 16.23 -18.78
CA LEU A 674 -6.01 16.36 -17.34
C LEU A 674 -7.23 15.63 -16.81
N GLU A 675 -8.36 15.73 -17.52
CA GLU A 675 -9.57 15.05 -17.04
C GLU A 675 -9.41 13.53 -17.15
N GLN A 676 -8.76 13.04 -18.20
CA GLN A 676 -8.51 11.61 -18.31
C GLN A 676 -7.65 11.11 -17.16
N VAL A 677 -6.56 11.82 -16.87
CA VAL A 677 -5.70 11.39 -15.78
C VAL A 677 -6.41 11.53 -14.44
N SER A 678 -7.25 12.55 -14.28
CA SER A 678 -8.00 12.70 -13.03
C SER A 678 -8.96 11.54 -12.82
N ARG A 679 -9.66 11.12 -13.89
CA ARG A 679 -10.53 9.96 -13.78
C ARG A 679 -9.74 8.71 -13.42
N ALA A 680 -8.57 8.54 -14.07
CA ALA A 680 -7.73 7.39 -13.76
C ALA A 680 -7.32 7.37 -12.29
N LEU A 681 -6.86 8.51 -11.79
CA LEU A 681 -6.41 8.60 -10.40
C LEU A 681 -7.57 8.37 -9.43
N GLU A 682 -8.75 8.91 -9.76
CA GLU A 682 -9.89 8.72 -8.87
C GLU A 682 -10.29 7.26 -8.80
N VAL A 683 -10.34 6.57 -9.94
CA VAL A 683 -10.66 5.15 -9.94
C VAL A 683 -9.60 4.38 -9.16
N MET A 684 -8.33 4.70 -9.37
CA MET A 684 -7.26 4.00 -8.69
C MET A 684 -7.35 4.17 -7.17
N VAL A 685 -7.58 5.40 -6.71
CA VAL A 685 -7.63 5.64 -5.28
C VAL A 685 -8.85 4.97 -4.67
N VAL A 686 -9.98 4.96 -5.38
CA VAL A 686 -11.17 4.27 -4.88
C VAL A 686 -10.90 2.78 -4.71
N LEU A 687 -10.31 2.16 -5.72
CA LEU A 687 -10.08 0.72 -5.64
C LEU A 687 -9.03 0.39 -4.57
N VAL A 688 -8.00 1.22 -4.43
CA VAL A 688 -7.01 0.98 -3.39
C VAL A 688 -7.64 1.13 -2.01
N THR A 689 -8.51 2.12 -1.83
CA THR A 689 -9.20 2.27 -0.55
C THR A 689 -10.05 1.05 -0.25
N ALA A 690 -10.76 0.54 -1.26
CA ALA A 690 -11.58 -0.66 -1.05
C ALA A 690 -10.72 -1.85 -0.66
N CYS A 691 -9.58 -2.05 -1.34
CA CYS A 691 -8.72 -3.18 -1.01
C CYS A 691 -8.14 -3.04 0.39
N GLY A 692 -7.76 -1.81 0.77
CA GLY A 692 -7.27 -1.58 2.12
C GLY A 692 -8.31 -1.87 3.17
N MET A 693 -9.55 -1.47 2.92
CA MET A 693 -10.64 -1.79 3.84
C MET A 693 -10.81 -3.29 3.98
N LEU A 694 -10.76 -4.02 2.85
CA LEU A 694 -10.88 -5.47 2.91
C LEU A 694 -9.75 -6.10 3.72
N LEU A 695 -8.53 -5.63 3.52
CA LEU A 695 -7.39 -6.18 4.25
C LEU A 695 -7.49 -5.88 5.74
N LEU A 696 -7.94 -4.66 6.10
CA LEU A 696 -8.16 -4.34 7.49
C LEU A 696 -9.23 -5.24 8.10
N LEU A 697 -10.30 -5.50 7.36
CA LEU A 697 -11.32 -6.43 7.82
C LEU A 697 -10.73 -7.82 8.07
N ALA A 698 -9.87 -8.27 7.15
CA ALA A 698 -9.22 -9.57 7.32
C ALA A 698 -8.37 -9.61 8.59
N GLN A 699 -7.59 -8.55 8.83
CA GLN A 699 -6.75 -8.53 10.03
C GLN A 699 -7.59 -8.50 11.29
N VAL A 700 -8.68 -7.73 11.31
CA VAL A 700 -9.55 -7.69 12.47
C VAL A 700 -10.19 -9.05 12.71
N GLN A 701 -10.56 -9.74 11.63
CA GLN A 701 -11.12 -11.08 11.78
C GLN A 701 -10.08 -12.05 12.30
N VAL A 702 -8.82 -11.89 11.91
CA VAL A 702 -7.76 -12.72 12.46
C VAL A 702 -7.61 -12.50 13.95
N GLY A 703 -7.64 -11.23 14.38
CA GLY A 703 -7.59 -10.93 15.80
C GLY A 703 -8.78 -11.52 16.56
N MET A 704 -9.97 -11.43 15.97
CA MET A 704 -11.14 -12.02 16.61
C MET A 704 -11.01 -13.53 16.70
N ARG A 705 -10.45 -14.16 15.67
CA ARG A 705 -10.18 -15.59 15.72
C ARG A 705 -9.22 -15.92 16.86
N GLN A 706 -8.21 -15.07 17.06
CA GLN A 706 -7.26 -15.28 18.14
C GLN A 706 -7.89 -15.08 19.52
N ARG A 707 -8.90 -14.21 19.64
CA ARG A 707 -9.59 -13.99 20.92
C ARG A 707 -10.85 -14.82 21.04
N HIS A 708 -11.13 -15.70 20.08
CA HIS A 708 -12.36 -16.48 20.07
C HIS A 708 -12.53 -17.31 21.34
N GLN A 709 -11.46 -17.94 21.81
CA GLN A 709 -11.59 -18.84 22.96
C GLN A 709 -12.01 -18.07 24.21
N GLU A 710 -11.40 -16.92 24.45
CA GLU A 710 -11.77 -16.14 25.64
C GLU A 710 -13.16 -15.52 25.49
N LEU A 711 -13.50 -15.08 24.26
CA LEU A 711 -14.84 -14.55 24.06
C LEU A 711 -15.91 -15.61 24.30
N VAL A 712 -15.68 -16.83 23.82
CA VAL A 712 -16.67 -17.89 23.99
C VAL A 712 -16.72 -18.34 25.44
N VAL A 713 -15.59 -18.28 26.15
CA VAL A 713 -15.64 -18.57 27.59
C VAL A 713 -16.49 -17.53 28.31
N TRP A 714 -16.31 -16.26 27.96
CA TRP A 714 -17.12 -15.20 28.58
C TRP A 714 -18.61 -15.41 28.30
N ARG A 715 -18.94 -15.73 27.04
CA ARG A 715 -20.35 -15.97 26.70
C ARG A 715 -20.89 -17.19 27.43
N THR A 716 -20.09 -18.24 27.57
CA THR A 716 -20.52 -19.41 28.32
C THR A 716 -20.81 -19.06 29.77
N LEU A 717 -19.96 -18.24 30.38
CA LEU A 717 -20.21 -17.81 31.75
C LEU A 717 -21.49 -17.00 31.89
N GLY A 718 -21.93 -16.34 30.83
CA GLY A 718 -23.18 -15.60 30.85
C GLY A 718 -23.03 -14.12 30.59
N ALA A 719 -21.97 -13.74 29.88
CA ALA A 719 -21.75 -12.34 29.56
C ALA A 719 -22.80 -11.86 28.55
N GLY A 720 -23.33 -10.66 28.79
CA GLY A 720 -24.33 -10.12 27.89
C GLY A 720 -23.73 -9.74 26.55
N LYS A 721 -24.54 -9.89 25.49
CA LYS A 721 -24.08 -9.53 24.15
C LYS A 721 -23.76 -8.04 24.06
N LYS A 722 -24.57 -7.20 24.71
CA LYS A 722 -24.28 -5.77 24.75
C LYS A 722 -22.94 -5.51 25.41
N LEU A 723 -22.66 -6.21 26.52
CA LEU A 723 -21.38 -6.03 27.21
C LEU A 723 -20.21 -6.43 26.33
N LEU A 724 -20.33 -7.56 25.64
CA LEU A 724 -19.27 -8.00 24.74
C LEU A 724 -19.06 -7.01 23.60
N ARG A 725 -20.15 -6.51 23.02
CA ARG A 725 -20.03 -5.55 21.95
C ARG A 725 -19.36 -4.27 22.42
N THR A 726 -19.73 -3.79 23.61
CA THR A 726 -19.10 -2.59 24.16
C THR A 726 -17.63 -2.82 24.44
N THR A 727 -17.27 -3.99 24.97
CA THR A 727 -15.87 -4.28 25.25
C THR A 727 -15.05 -4.30 23.97
N LEU A 728 -15.58 -4.95 22.92
CA LEU A 728 -14.89 -4.96 21.64
C LEU A 728 -14.78 -3.56 21.07
N TRP A 729 -15.85 -2.77 21.17
CA TRP A 729 -15.80 -1.39 20.71
C TRP A 729 -14.68 -0.62 21.39
N CYS A 730 -14.62 -0.70 22.73
CA CYS A 730 -13.60 0.04 23.47
C CYS A 730 -12.19 -0.41 23.07
N GLU A 731 -11.96 -1.73 23.05
CA GLU A 731 -10.62 -2.23 22.77
C GLU A 731 -10.16 -1.84 21.37
N PHE A 732 -10.98 -2.13 20.36
CA PHE A 732 -10.58 -1.82 18.99
C PHE A 732 -10.54 -0.33 18.73
N ALA A 733 -11.37 0.47 19.42
CA ALA A 733 -11.30 1.92 19.28
C ALA A 733 -10.00 2.46 19.84
N MET A 734 -9.58 1.97 21.00
CA MET A 734 -8.28 2.41 21.54
C MET A 734 -7.15 1.99 20.62
N LEU A 735 -7.20 0.75 20.10
CA LEU A 735 -6.16 0.29 19.18
C LEU A 735 -6.11 1.17 17.94
N GLY A 736 -7.26 1.47 17.35
CA GLY A 736 -7.30 2.30 16.16
C GLY A 736 -6.85 3.73 16.43
N PHE A 737 -7.20 4.25 17.61
CA PHE A 737 -6.76 5.60 17.98
C PHE A 737 -5.25 5.68 18.05
N VAL A 738 -4.62 4.71 18.73
CA VAL A 738 -3.17 4.72 18.82
C VAL A 738 -2.53 4.53 17.45
N SER A 739 -3.10 3.61 16.65
CA SER A 739 -2.57 3.35 15.31
C SER A 739 -2.64 4.60 14.44
N GLY A 740 -3.77 5.31 14.47
CA GLY A 740 -3.88 6.54 13.70
C GLY A 740 -2.96 7.62 14.22
N LEU A 741 -2.79 7.70 15.54
CA LEU A 741 -1.89 8.70 16.11
C LEU A 741 -0.46 8.52 15.60
N VAL A 742 0.04 7.28 15.64
CA VAL A 742 1.41 7.05 15.16
C VAL A 742 1.47 7.15 13.63
N ALA A 743 0.42 6.70 12.95
CA ALA A 743 0.39 6.76 11.49
C ALA A 743 0.39 8.20 10.99
N ALA A 744 -0.14 9.13 11.78
CA ALA A 744 -0.09 10.53 11.38
C ALA A 744 1.35 10.99 11.20
N ILE A 745 2.20 10.74 12.20
CA ILE A 745 3.59 11.16 12.11
C ILE A 745 4.33 10.35 11.06
N GLY A 746 4.03 9.06 10.95
CA GLY A 746 4.68 8.25 9.91
C GLY A 746 4.38 8.77 8.51
N ALA A 747 3.11 9.06 8.25
CA ALA A 747 2.71 9.61 6.96
C ALA A 747 3.31 10.99 6.75
N GLU A 748 3.40 11.80 7.81
CA GLU A 748 4.04 13.10 7.67
C GLU A 748 5.49 12.95 7.21
N THR A 749 6.23 12.04 7.85
CA THR A 749 7.62 11.82 7.47
C THR A 749 7.74 11.33 6.02
N ALA A 750 6.94 10.32 5.67
CA ALA A 750 7.02 9.77 4.32
C ALA A 750 6.64 10.81 3.28
N LEU A 751 5.56 11.56 3.53
CA LEU A 751 5.14 12.61 2.62
C LEU A 751 6.20 13.68 2.47
N ALA A 752 6.82 14.09 3.58
CA ALA A 752 7.87 15.10 3.51
C ALA A 752 9.02 14.62 2.63
N VAL A 753 9.47 13.39 2.85
CA VAL A 753 10.61 12.87 2.08
C VAL A 753 10.26 12.78 0.60
N LEU A 754 9.09 12.19 0.29
CA LEU A 754 8.74 12.00 -1.12
C LEU A 754 8.49 13.34 -1.81
N GLN A 755 7.82 14.27 -1.14
CA GLN A 755 7.58 15.59 -1.73
C GLN A 755 8.88 16.36 -1.91
N ALA A 756 9.86 16.11 -1.05
CA ALA A 756 11.14 16.79 -1.19
C ALA A 756 11.96 16.22 -2.35
N LYS A 757 11.93 14.90 -2.53
CA LYS A 757 12.85 14.27 -3.48
C LYS A 757 12.17 13.48 -4.60
N VAL A 758 10.83 13.52 -4.71
CA VAL A 758 10.18 12.84 -5.82
C VAL A 758 9.31 13.82 -6.60
N PHE A 759 8.31 14.40 -5.94
CA PHE A 759 7.34 15.26 -6.61
C PHE A 759 7.77 16.72 -6.68
N ASP A 760 8.87 17.08 -6.02
CA ASP A 760 9.46 18.42 -6.13
C ASP A 760 8.46 19.52 -5.76
N PHE A 761 7.74 19.31 -4.66
CA PHE A 761 6.76 20.25 -4.18
C PHE A 761 7.07 20.63 -2.74
N PRO A 762 6.68 21.83 -2.31
CA PRO A 762 6.92 22.22 -0.91
C PRO A 762 6.07 21.39 0.05
N TRP A 763 6.68 21.03 1.18
CA TRP A 763 6.01 20.26 2.20
C TRP A 763 5.36 21.18 3.22
N GLU A 764 4.15 20.79 3.67
CA GLU A 764 3.44 21.50 4.71
C GLU A 764 2.83 20.50 5.68
N PRO A 765 2.91 20.76 6.99
CA PRO A 765 2.24 19.89 7.96
C PRO A 765 0.76 20.22 8.09
N ASP A 766 -0.05 19.18 8.20
CA ASP A 766 -1.50 19.32 8.28
C ASP A 766 -1.99 18.73 9.59
N TRP A 767 -2.47 19.60 10.49
CA TRP A 767 -3.07 19.13 11.74
C TRP A 767 -4.40 18.41 11.52
N ARG A 768 -5.05 18.66 10.37
CA ARG A 768 -6.28 17.95 10.06
C ARG A 768 -6.03 16.45 9.98
N LEU A 769 -4.91 16.05 9.39
CA LEU A 769 -4.54 14.63 9.42
C LEU A 769 -4.34 14.15 10.85
N TRP A 770 -3.59 14.92 11.64
CA TRP A 770 -3.27 14.51 13.01
C TRP A 770 -4.54 14.31 13.84
N ILE A 771 -5.61 15.03 13.52
CA ILE A 771 -6.86 14.87 14.24
C ILE A 771 -7.71 13.75 13.65
N VAL A 772 -7.88 13.75 12.31
CA VAL A 772 -8.84 12.85 11.68
C VAL A 772 -8.35 11.40 11.74
N LEU A 773 -7.08 11.17 11.42
CA LEU A 773 -6.60 9.79 11.28
C LEU A 773 -6.83 8.94 12.53
N PRO A 774 -6.48 9.39 13.74
CA PRO A 774 -6.74 8.53 14.91
C PRO A 774 -8.21 8.22 15.11
N CYS A 775 -9.07 9.24 15.14
CA CYS A 775 -10.49 9.02 15.39
C CYS A 775 -11.14 8.23 14.26
N SER A 776 -10.80 8.53 13.01
CA SER A 776 -11.38 7.81 11.89
C SER A 776 -10.99 6.34 11.91
N GLY A 777 -9.69 6.06 12.13
CA GLY A 777 -9.26 4.68 12.22
C GLY A 777 -9.90 3.95 13.38
N ALA A 778 -10.02 4.63 14.52
CA ALA A 778 -10.68 4.04 15.68
C ALA A 778 -12.12 3.69 15.37
N LEU A 779 -12.84 4.60 14.72
CA LEU A 779 -14.23 4.33 14.36
C LEU A 779 -14.35 3.15 13.41
N LEU A 780 -13.49 3.11 12.39
CA LEU A 780 -13.55 2.00 11.43
C LEU A 780 -13.26 0.67 12.12
N LEU A 781 -12.21 0.62 12.93
CA LEU A 781 -11.87 -0.63 13.60
C LEU A 781 -12.95 -1.04 14.59
N SER A 782 -13.53 -0.06 15.30
CA SER A 782 -14.60 -0.37 16.25
C SER A 782 -15.82 -0.94 15.52
N LEU A 783 -16.20 -0.35 14.39
CA LEU A 783 -17.34 -0.88 13.64
C LEU A 783 -17.06 -2.29 13.15
N PHE A 784 -15.86 -2.51 12.60
CA PHE A 784 -15.52 -3.84 12.10
C PHE A 784 -15.54 -4.88 13.22
N GLY A 785 -14.92 -4.54 14.36
CA GLY A 785 -14.90 -5.47 15.48
C GLY A 785 -16.28 -5.74 16.05
N GLY A 786 -17.11 -4.71 16.12
CA GLY A 786 -18.47 -4.90 16.60
C GLY A 786 -19.27 -5.82 15.70
N TRP A 787 -19.19 -5.59 14.39
CA TRP A 787 -19.90 -6.45 13.46
C TRP A 787 -19.41 -7.89 13.54
N LEU A 788 -18.08 -8.08 13.60
CA LEU A 788 -17.54 -9.43 13.66
C LEU A 788 -17.93 -10.12 14.96
N GLY A 789 -17.90 -9.42 16.09
CA GLY A 789 -18.31 -10.01 17.35
C GLY A 789 -19.79 -10.34 17.36
N ALA A 790 -20.61 -9.48 16.75
CA ALA A 790 -22.04 -9.77 16.64
C ALA A 790 -22.27 -11.03 15.82
N ARG A 791 -21.53 -11.20 14.72
CA ARG A 791 -21.65 -12.42 13.94
C ARG A 791 -21.19 -13.64 14.75
N LEU A 792 -20.07 -13.52 15.47
CA LEU A 792 -19.52 -14.67 16.18
C LEU A 792 -20.40 -15.09 17.34
N VAL A 793 -21.02 -14.14 18.04
CA VAL A 793 -21.82 -14.47 19.22
C VAL A 793 -23.07 -15.24 18.85
N LYS A 794 -23.50 -15.19 17.59
CA LYS A 794 -24.67 -15.94 17.16
C LYS A 794 -24.38 -17.44 17.18
N GLY A 795 -25.44 -18.22 17.34
CA GLY A 795 -25.37 -19.67 17.37
C GLY A 795 -25.82 -20.23 18.70
N LYS A 796 -25.71 -21.54 18.82
CA LYS A 796 -26.11 -22.26 20.03
C LYS A 796 -25.00 -23.23 20.42
N ALA A 797 -24.89 -23.47 21.72
CA ALA A 797 -23.90 -24.39 22.29
C ALA A 797 -22.49 -24.04 21.82
N LEU A 798 -22.17 -22.74 21.86
CA LEU A 798 -20.89 -22.27 21.39
C LEU A 798 -19.73 -22.77 22.25
N PHE A 799 -20.00 -23.21 23.47
CA PHE A 799 -18.93 -23.72 24.34
C PHE A 799 -18.27 -24.95 23.75
N ARG A 800 -19.01 -25.73 22.95
CA ARG A 800 -18.43 -26.89 22.30
C ARG A 800 -17.39 -26.49 21.24
N GLN A 801 -17.39 -25.23 20.82
CA GLN A 801 -16.46 -24.73 19.81
C GLN A 801 -15.25 -24.04 20.42
N PHE A 802 -15.01 -24.22 21.72
CA PHE A 802 -13.86 -23.59 22.36
C PHE A 802 -12.55 -24.09 21.78
N ALA A 803 -12.45 -25.40 21.53
CA ALA A 803 -11.22 -25.97 21.03
C ALA A 803 -10.82 -25.39 19.68
N GLY A 804 -11.79 -25.24 18.78
CA GLY A 804 -11.52 -24.67 17.47
C GLY A 804 -11.49 -23.16 17.48
N GLU B 18 19.94 -56.65 30.71
CA GLU B 18 18.72 -57.05 31.39
C GLU B 18 17.94 -55.82 31.85
N ASN B 19 18.64 -54.89 32.49
CA ASN B 19 18.03 -53.64 32.93
C ASN B 19 17.77 -52.76 31.72
N ILE B 20 16.50 -52.46 31.45
CA ILE B 20 16.15 -51.71 30.26
C ILE B 20 16.11 -50.21 30.54
N VAL B 21 15.81 -49.81 31.78
CA VAL B 21 15.72 -48.41 32.17
C VAL B 21 16.63 -48.19 33.37
N GLU B 22 17.53 -47.22 33.27
CA GLU B 22 18.44 -46.88 34.35
C GLU B 22 18.45 -45.37 34.55
N VAL B 23 18.33 -44.95 35.81
CA VAL B 23 18.29 -43.53 36.18
C VAL B 23 19.32 -43.29 37.27
N HIS B 24 20.11 -42.22 37.13
CA HIS B 24 21.14 -41.88 38.10
C HIS B 24 21.12 -40.38 38.35
N HIS B 25 20.76 -39.99 39.56
CA HIS B 25 20.84 -38.59 40.01
C HIS B 25 20.08 -37.64 39.09
N LEU B 26 18.91 -38.07 38.63
CA LEU B 26 18.10 -37.24 37.75
C LEU B 26 17.45 -36.11 38.53
N LYS B 27 17.62 -34.88 38.06
CA LYS B 27 17.05 -33.71 38.69
C LYS B 27 16.39 -32.82 37.64
N LYS B 28 15.33 -32.13 38.04
CA LYS B 28 14.62 -31.23 37.15
C LYS B 28 14.18 -29.99 37.93
N SER B 29 14.39 -28.83 37.33
CA SER B 29 13.99 -27.56 37.93
C SER B 29 13.36 -26.69 36.85
N VAL B 30 12.24 -26.05 37.18
CA VAL B 30 11.52 -25.20 36.24
C VAL B 30 11.41 -23.81 36.82
N GLY B 31 11.58 -22.80 35.95
CA GLY B 31 11.47 -21.42 36.35
C GLY B 31 12.81 -20.71 36.41
N GLN B 32 12.77 -19.42 36.75
CA GLN B 32 13.95 -18.61 36.87
C GLN B 32 13.81 -17.66 38.06
N GLY B 33 14.88 -17.51 38.82
CA GLY B 33 14.87 -16.58 39.95
C GLY B 33 13.84 -16.98 40.98
N GLU B 34 12.97 -16.03 41.32
CA GLU B 34 11.88 -16.32 42.25
C GLU B 34 10.93 -17.36 41.67
N HIS B 35 10.67 -17.30 40.37
CA HIS B 35 9.79 -18.26 39.73
C HIS B 35 10.41 -19.66 39.67
N GLU B 36 11.70 -19.79 39.96
CA GLU B 36 12.35 -21.09 39.90
C GLU B 36 11.76 -22.05 40.94
N LEU B 37 11.53 -23.29 40.51
CA LEU B 37 10.99 -24.33 41.37
C LEU B 37 11.79 -25.61 41.17
N SER B 38 12.16 -26.26 42.27
CA SER B 38 12.89 -27.52 42.22
C SER B 38 11.90 -28.67 42.28
N ILE B 39 11.91 -29.52 41.25
CA ILE B 39 10.97 -30.63 41.13
C ILE B 39 11.60 -31.92 41.62
N LEU B 40 12.83 -32.21 41.21
CA LEU B 40 13.49 -33.46 41.56
C LEU B 40 14.75 -33.18 42.36
N THR B 41 15.09 -34.14 43.24
CA THR B 41 16.24 -34.04 44.11
C THR B 41 17.19 -35.22 43.94
N GLY B 42 17.27 -35.75 42.72
CA GLY B 42 18.11 -36.91 42.46
C GLY B 42 17.32 -38.20 42.42
N VAL B 43 17.27 -38.85 41.27
CA VAL B 43 16.47 -40.06 41.08
C VAL B 43 17.39 -41.21 40.73
N GLU B 44 17.24 -42.31 41.46
CA GLU B 44 17.94 -43.57 41.16
C GLU B 44 16.89 -44.65 40.93
N LEU B 45 16.89 -45.24 39.75
CA LEU B 45 15.87 -46.21 39.38
C LEU B 45 16.48 -47.32 38.54
N VAL B 46 16.11 -48.56 38.87
CA VAL B 46 16.55 -49.75 38.14
C VAL B 46 15.33 -50.56 37.78
N VAL B 47 15.09 -50.73 36.48
CA VAL B 47 13.93 -51.46 35.98
C VAL B 47 14.38 -52.42 34.88
N LYS B 48 14.02 -53.69 35.01
CA LYS B 48 14.32 -54.69 34.01
C LYS B 48 13.09 -54.91 33.11
N ARG B 49 13.25 -55.79 32.12
CA ARG B 49 12.17 -56.07 31.20
C ARG B 49 11.07 -56.88 31.87
N GLY B 50 9.83 -56.65 31.46
CA GLY B 50 8.69 -57.39 31.95
C GLY B 50 8.11 -56.90 33.26
N GLU B 51 8.70 -55.87 33.87
CA GLU B 51 8.19 -55.35 35.14
C GLU B 51 7.00 -54.44 34.89
N THR B 52 6.10 -54.39 35.88
CA THR B 52 5.00 -53.44 35.90
C THR B 52 5.24 -52.46 37.05
N ILE B 53 5.41 -51.19 36.70
CA ILE B 53 5.79 -50.16 37.67
C ILE B 53 4.65 -49.18 37.79
N ALA B 54 4.18 -48.96 39.02
CA ALA B 54 3.16 -47.97 39.31
C ALA B 54 3.77 -46.80 40.05
N LEU B 55 3.26 -45.61 39.75
CA LEU B 55 3.72 -44.38 40.39
C LEU B 55 2.55 -43.75 41.14
N VAL B 56 2.79 -43.36 42.39
CA VAL B 56 1.77 -42.80 43.24
C VAL B 56 2.28 -41.51 43.89
N GLY B 57 1.34 -40.73 44.39
CA GLY B 57 1.64 -39.44 44.97
C GLY B 57 0.41 -38.55 44.89
N GLU B 58 0.64 -37.25 45.07
CA GLU B 58 -0.40 -36.25 44.98
C GLU B 58 -0.28 -35.48 43.68
N SER B 59 -1.31 -34.70 43.37
CA SER B 59 -1.29 -33.87 42.17
C SER B 59 -0.25 -32.77 42.32
N GLY B 60 0.47 -32.50 41.24
CA GLY B 60 1.53 -31.52 41.26
C GLY B 60 2.85 -32.01 41.85
N SER B 61 2.95 -33.30 42.18
CA SER B 61 4.15 -33.86 42.78
C SER B 61 5.26 -34.12 41.77
N GLY B 62 4.97 -34.05 40.48
CA GLY B 62 5.97 -34.27 39.46
C GLY B 62 5.93 -35.62 38.78
N LYS B 63 4.88 -36.42 38.99
CA LYS B 63 4.82 -37.74 38.38
C LYS B 63 4.78 -37.64 36.86
N SER B 64 3.98 -36.71 36.33
CA SER B 64 3.86 -36.59 34.87
C SER B 64 5.18 -36.18 34.23
N THR B 65 5.82 -35.14 34.77
CA THR B 65 7.08 -34.69 34.18
C THR B 65 8.18 -35.72 34.38
N LEU B 66 8.19 -36.41 35.53
CA LEU B 66 9.17 -37.47 35.74
C LEU B 66 9.00 -38.60 34.73
N LEU B 67 7.76 -39.01 34.49
CA LEU B 67 7.51 -40.04 33.48
C LEU B 67 7.92 -39.55 32.09
N ALA B 68 7.62 -38.30 31.78
CA ALA B 68 7.93 -37.76 30.45
C ALA B 68 9.44 -37.71 30.22
N ILE B 69 10.20 -37.25 31.21
CA ILE B 69 11.65 -37.22 31.05
C ILE B 69 12.22 -38.64 31.10
N LEU B 70 11.54 -39.56 31.78
CA LEU B 70 11.94 -40.96 31.72
C LEU B 70 11.79 -41.51 30.32
N ALA B 71 10.74 -41.09 29.61
CA ALA B 71 10.56 -41.48 28.22
C ALA B 71 11.58 -40.84 27.29
N GLY B 72 12.37 -39.90 27.79
CA GLY B 72 13.40 -39.28 26.98
C GLY B 72 12.95 -38.13 26.11
N LEU B 73 11.73 -37.64 26.31
CA LEU B 73 11.25 -36.52 25.51
C LEU B 73 11.77 -35.18 26.01
N ASP B 74 12.34 -35.14 27.21
CA ASP B 74 12.88 -33.91 27.76
C ASP B 74 14.16 -34.22 28.52
N ASP B 75 14.96 -33.19 28.75
CA ASP B 75 16.23 -33.31 29.47
C ASP B 75 16.10 -32.59 30.81
N GLY B 76 16.48 -33.29 31.89
CA GLY B 76 16.43 -32.71 33.20
C GLY B 76 17.60 -31.79 33.48
N SER B 77 17.63 -31.28 34.72
CA SER B 77 18.72 -30.39 35.12
C SER B 77 20.05 -31.12 35.10
N SER B 78 20.09 -32.35 35.59
CA SER B 78 21.30 -33.17 35.58
C SER B 78 20.89 -34.62 35.79
N GLY B 79 21.84 -35.52 35.53
CA GLY B 79 21.65 -36.93 35.73
C GLY B 79 21.92 -37.73 34.47
N GLU B 80 21.90 -39.05 34.66
CA GLU B 80 22.14 -40.01 33.58
C GLU B 80 20.89 -40.85 33.38
N VAL B 81 20.42 -40.95 32.14
CA VAL B 81 19.26 -41.76 31.79
C VAL B 81 19.67 -42.72 30.68
N SER B 82 19.38 -44.00 30.87
CA SER B 82 19.69 -45.03 29.89
C SER B 82 18.42 -45.82 29.59
N LEU B 83 18.03 -45.85 28.33
CA LEU B 83 16.86 -46.59 27.88
C LEU B 83 17.30 -47.68 26.91
N VAL B 84 16.96 -48.93 27.23
CA VAL B 84 17.37 -50.10 26.44
C VAL B 84 18.88 -50.08 26.26
N GLY B 85 19.59 -49.62 27.27
CA GLY B 85 21.05 -49.55 27.18
C GLY B 85 21.57 -48.53 26.19
N GLN B 86 20.93 -47.37 26.10
CA GLN B 86 21.42 -46.28 25.26
C GLN B 86 21.33 -44.97 26.05
N PRO B 87 22.41 -44.19 26.11
CA PRO B 87 22.34 -42.90 26.80
C PRO B 87 21.53 -41.88 26.02
N LEU B 88 20.31 -41.59 26.50
CA LEU B 88 19.43 -40.68 25.77
C LEU B 88 19.98 -39.26 25.74
N HIS B 89 20.61 -38.82 26.83
CA HIS B 89 21.17 -37.47 26.86
C HIS B 89 22.29 -37.31 25.85
N ASN B 90 23.07 -38.36 25.61
CA ASN B 90 24.15 -38.29 24.63
C ASN B 90 23.64 -38.33 23.21
N MET B 91 22.42 -38.80 22.98
CA MET B 91 21.85 -38.85 21.64
C MET B 91 21.19 -37.52 21.29
N ASP B 92 20.92 -37.34 20.00
CA ASP B 92 20.22 -36.16 19.52
C ASP B 92 18.73 -36.44 19.43
N GLU B 93 17.98 -35.42 19.01
CA GLU B 93 16.53 -35.56 18.91
C GLU B 93 16.14 -36.60 17.85
N GLU B 94 16.93 -36.72 16.79
CA GLU B 94 16.62 -37.67 15.73
C GLU B 94 16.74 -39.11 16.23
N ALA B 95 17.81 -39.40 16.98
CA ALA B 95 17.98 -40.75 17.51
C ALA B 95 16.87 -41.09 18.50
N ARG B 96 16.49 -40.13 19.35
CA ARG B 96 15.40 -40.36 20.29
C ARG B 96 14.09 -40.59 19.56
N ALA B 97 13.83 -39.84 18.49
CA ALA B 97 12.63 -40.05 17.69
C ALA B 97 12.62 -41.43 17.06
N LYS B 98 13.77 -41.87 16.54
CA LYS B 98 13.85 -43.21 15.97
C LYS B 98 13.59 -44.28 17.02
N LEU B 99 14.17 -44.10 18.22
CA LEU B 99 13.94 -45.06 19.30
C LEU B 99 12.48 -45.11 19.69
N ARG B 100 11.83 -43.94 19.75
CA ARG B 100 10.41 -43.91 20.08
C ARG B 100 9.58 -44.62 19.01
N ALA B 101 9.87 -44.35 17.75
CA ALA B 101 9.15 -45.02 16.67
C ALA B 101 9.43 -46.51 16.64
N LYS B 102 10.56 -46.94 17.21
CA LYS B 102 10.92 -48.35 17.17
C LYS B 102 10.33 -49.15 18.34
N HIS B 103 10.46 -48.64 19.57
CA HIS B 103 10.12 -49.46 20.73
C HIS B 103 9.36 -48.75 21.84
N VAL B 104 8.95 -47.49 21.66
CA VAL B 104 8.40 -46.70 22.76
C VAL B 104 7.01 -46.23 22.38
N GLY B 105 6.07 -46.37 23.33
CA GLY B 105 4.75 -45.79 23.20
C GLY B 105 4.42 -44.97 24.43
N PHE B 106 3.61 -43.93 24.22
CA PHE B 106 3.29 -43.00 25.30
C PHE B 106 1.80 -42.66 25.28
N VAL B 107 1.24 -42.47 26.48
CA VAL B 107 -0.15 -42.09 26.65
C VAL B 107 -0.19 -40.91 27.62
N PHE B 108 -0.72 -39.78 27.14
CA PHE B 108 -0.73 -38.53 27.90
C PHE B 108 -1.93 -38.50 28.85
N GLN B 109 -2.20 -37.32 29.41
CA GLN B 109 -3.36 -37.09 30.25
C GLN B 109 -4.52 -36.46 29.49
N SER B 110 -4.24 -35.51 28.60
CA SER B 110 -5.27 -34.87 27.79
C SER B 110 -5.44 -35.56 26.44
N PHE B 111 -4.75 -36.69 26.23
CA PHE B 111 -4.93 -37.60 25.10
C PHE B 111 -4.36 -37.04 23.80
N MET B 112 -3.97 -35.76 23.80
CA MET B 112 -3.24 -35.11 22.71
C MET B 112 -3.72 -35.57 21.33
N LEU B 113 -5.03 -35.56 21.14
CA LEU B 113 -5.61 -36.13 19.93
C LEU B 113 -5.73 -35.08 18.83
N ILE B 114 -5.78 -35.56 17.58
CA ILE B 114 -5.91 -34.71 16.41
C ILE B 114 -7.35 -34.27 16.25
N PRO B 115 -7.64 -32.96 16.26
CA PRO B 115 -9.02 -32.52 16.08
C PRO B 115 -9.55 -32.71 14.67
N THR B 116 -8.68 -32.77 13.67
CA THR B 116 -9.10 -32.85 12.27
C THR B 116 -9.12 -34.29 11.75
N LEU B 117 -9.06 -35.28 12.63
CA LEU B 117 -9.02 -36.67 12.21
C LEU B 117 -10.03 -37.47 13.03
N ASN B 118 -10.51 -38.57 12.44
CA ASN B 118 -11.42 -39.45 13.14
C ASN B 118 -10.63 -40.48 13.95
N ALA B 119 -11.36 -41.24 14.78
CA ALA B 119 -10.70 -42.20 15.66
C ALA B 119 -9.96 -43.27 14.88
N LEU B 120 -10.58 -43.80 13.82
CA LEU B 120 -9.96 -44.87 13.05
C LEU B 120 -8.66 -44.39 12.41
N GLU B 121 -8.67 -43.21 11.81
CA GLU B 121 -7.45 -42.67 11.22
C GLU B 121 -6.43 -42.33 12.30
N ASN B 122 -6.89 -41.83 13.45
CA ASN B 122 -5.96 -41.50 14.53
C ASN B 122 -5.20 -42.73 15.00
N VAL B 123 -5.90 -43.87 15.14
CA VAL B 123 -5.21 -45.07 15.59
C VAL B 123 -4.43 -45.73 14.46
N GLU B 124 -4.88 -45.59 13.21
CA GLU B 124 -4.15 -46.17 12.10
C GLU B 124 -2.88 -45.39 11.75
N LEU B 125 -2.80 -44.12 12.15
CA LEU B 125 -1.68 -43.25 11.77
C LEU B 125 -0.30 -43.83 12.10
N PRO B 126 -0.04 -44.35 13.32
CA PRO B 126 1.32 -44.89 13.57
C PRO B 126 1.71 -46.02 12.62
N ALA B 127 0.77 -46.91 12.29
CA ALA B 127 1.08 -47.98 11.36
C ALA B 127 1.42 -47.44 9.99
N LEU B 128 0.70 -46.42 9.53
CA LEU B 128 1.02 -45.77 8.27
C LEU B 128 2.40 -45.13 8.32
N LEU B 129 2.73 -44.46 9.44
CA LEU B 129 4.05 -43.87 9.59
C LEU B 129 5.14 -44.94 9.58
N ARG B 130 4.80 -46.15 9.99
CA ARG B 130 5.75 -47.27 9.95
C ARG B 130 5.87 -47.89 8.56
N GLY B 131 5.20 -47.33 7.56
CA GLY B 131 5.28 -47.83 6.20
C GLY B 131 4.37 -48.99 5.88
N GLU B 132 3.53 -49.42 6.81
CA GLU B 132 2.62 -50.52 6.55
C GLU B 132 1.55 -50.11 5.55
N SER B 133 1.01 -51.10 4.84
CA SER B 133 -0.01 -50.83 3.84
C SER B 133 -1.32 -50.42 4.52
N SER B 134 -2.17 -49.76 3.74
CA SER B 134 -3.42 -49.22 4.30
C SER B 134 -4.35 -50.33 4.77
N ALA B 135 -4.42 -51.44 4.02
CA ALA B 135 -5.40 -52.48 4.35
C ALA B 135 -5.10 -53.12 5.69
N GLU B 136 -3.87 -53.59 5.89
CA GLU B 136 -3.52 -54.26 7.14
C GLU B 136 -3.59 -53.30 8.33
N SER B 137 -3.13 -52.07 8.14
CA SER B 137 -3.19 -51.08 9.20
C SER B 137 -4.63 -50.79 9.60
N ARG B 138 -5.51 -50.63 8.61
CA ARG B 138 -6.92 -50.36 8.89
C ARG B 138 -7.56 -51.55 9.58
N ASN B 139 -7.22 -52.77 9.17
CA ASN B 139 -7.78 -53.96 9.82
C ASN B 139 -7.34 -54.03 11.28
N GLY B 140 -6.06 -53.79 11.54
CA GLY B 140 -5.58 -53.80 12.91
C GLY B 140 -6.22 -52.72 13.76
N ALA B 141 -6.37 -51.52 13.19
CA ALA B 141 -7.01 -50.43 13.90
C ALA B 141 -8.46 -50.77 14.21
N LYS B 142 -9.17 -51.37 13.25
CA LYS B 142 -10.55 -51.76 13.48
C LYS B 142 -10.65 -52.81 14.57
N ALA B 143 -9.73 -53.77 14.58
CA ALA B 143 -9.73 -54.79 15.62
C ALA B 143 -9.49 -54.16 16.99
N LEU B 144 -8.52 -53.24 17.07
CA LEU B 144 -8.22 -52.59 18.35
C LEU B 144 -9.40 -51.75 18.84
N LEU B 145 -10.09 -51.08 17.91
CA LEU B 145 -11.24 -50.27 18.31
C LEU B 145 -12.41 -51.14 18.74
N GLU B 146 -12.69 -52.22 18.00
CA GLU B 146 -13.83 -53.06 18.32
C GLU B 146 -13.60 -53.84 19.62
N GLN B 147 -12.36 -54.23 19.90
CA GLN B 147 -12.09 -54.89 21.18
C GLN B 147 -12.20 -53.91 22.34
N LEU B 148 -12.13 -52.61 22.07
CA LEU B 148 -12.38 -51.59 23.08
C LEU B 148 -13.82 -51.08 23.05
N GLY B 149 -14.67 -51.65 22.20
CA GLY B 149 -16.05 -51.22 22.11
C GLY B 149 -16.26 -49.92 21.37
N LEU B 150 -15.32 -49.53 20.51
CA LEU B 150 -15.40 -48.28 19.76
C LEU B 150 -15.76 -48.50 18.30
N GLY B 151 -16.38 -49.63 17.96
CA GLY B 151 -16.70 -49.92 16.57
C GLY B 151 -17.81 -49.07 15.99
N LYS B 152 -18.60 -48.39 16.83
CA LYS B 152 -19.69 -47.56 16.35
C LYS B 152 -19.31 -46.10 16.25
N ARG B 153 -18.05 -45.76 16.52
CA ARG B 153 -17.59 -44.37 16.49
C ARG B 153 -16.41 -44.21 15.54
N LEU B 154 -16.37 -45.01 14.48
CA LEU B 154 -15.24 -44.97 13.56
C LEU B 154 -15.12 -43.61 12.88
N ASP B 155 -16.24 -43.06 12.40
CA ASP B 155 -16.24 -41.80 11.69
C ASP B 155 -16.33 -40.59 12.63
N HIS B 156 -16.57 -40.81 13.92
CA HIS B 156 -16.73 -39.71 14.85
C HIS B 156 -15.41 -39.01 15.11
N LEU B 157 -15.49 -37.73 15.43
CA LEU B 157 -14.32 -36.91 15.75
C LEU B 157 -14.13 -36.82 17.26
N PRO B 158 -12.89 -36.56 17.72
CA PRO B 158 -12.68 -36.44 19.16
C PRO B 158 -13.52 -35.37 19.82
N ALA B 159 -13.74 -34.24 19.12
CA ALA B 159 -14.66 -33.23 19.64
C ALA B 159 -16.08 -33.76 19.70
N GLN B 160 -16.43 -34.69 18.81
CA GLN B 160 -17.75 -35.31 18.84
C GLN B 160 -17.84 -36.43 19.86
N LEU B 161 -16.74 -36.79 20.50
CA LEU B 161 -16.70 -37.93 21.41
C LEU B 161 -16.40 -37.47 22.83
N SER B 162 -16.69 -38.35 23.79
CA SER B 162 -16.51 -38.06 25.19
C SER B 162 -15.04 -38.22 25.58
N GLY B 163 -14.73 -37.80 26.82
CA GLY B 163 -13.36 -37.93 27.30
C GLY B 163 -12.90 -39.36 27.43
N GLY B 164 -13.78 -40.24 27.92
CA GLY B 164 -13.43 -41.65 27.97
C GLY B 164 -13.19 -42.25 26.61
N GLU B 165 -13.99 -41.84 25.62
CA GLU B 165 -13.77 -42.28 24.25
C GLU B 165 -12.42 -41.81 23.73
N GLN B 166 -12.05 -40.57 24.04
CA GLN B 166 -10.74 -40.06 23.62
C GLN B 166 -9.61 -40.82 24.30
N GLN B 167 -9.78 -41.14 25.59
CA GLN B 167 -8.78 -41.94 26.30
C GLN B 167 -8.63 -43.32 25.66
N ARG B 168 -9.75 -43.95 25.31
CA ARG B 168 -9.69 -45.24 24.64
C ARG B 168 -9.04 -45.13 23.28
N VAL B 169 -9.28 -44.04 22.56
CA VAL B 169 -8.64 -43.82 21.26
C VAL B 169 -7.13 -43.71 21.43
N ALA B 170 -6.69 -42.96 22.45
CA ALA B 170 -5.26 -42.84 22.71
C ALA B 170 -4.65 -44.18 23.07
N LEU B 171 -5.34 -44.96 23.90
CA LEU B 171 -4.84 -46.29 24.25
C LEU B 171 -4.76 -47.19 23.03
N ALA B 172 -5.77 -47.13 22.15
CA ALA B 172 -5.74 -47.93 20.92
C ALA B 172 -4.60 -47.50 20.01
N ARG B 173 -4.32 -46.20 19.93
CA ARG B 173 -3.18 -45.74 19.15
C ARG B 173 -1.87 -46.28 19.73
N ALA B 174 -1.74 -46.25 21.05
CA ALA B 174 -0.55 -46.80 21.68
C ALA B 174 -0.42 -48.29 21.39
N PHE B 175 -1.54 -49.01 21.41
CA PHE B 175 -1.51 -50.44 21.07
C PHE B 175 -1.10 -50.65 19.62
N ASN B 176 -1.60 -49.81 18.72
CA ASN B 176 -1.23 -49.91 17.31
C ASN B 176 0.26 -49.63 17.13
N GLY B 177 0.85 -48.81 17.98
CA GLY B 177 2.29 -48.63 17.95
C GLY B 177 3.06 -49.90 18.19
N ARG B 178 2.48 -50.82 18.98
CA ARG B 178 3.09 -52.10 19.31
C ARG B 178 4.53 -51.95 19.81
N PRO B 179 4.75 -51.19 20.89
CA PRO B 179 6.12 -50.97 21.36
C PRO B 179 6.56 -52.03 22.35
N ASP B 180 7.85 -52.04 22.64
CA ASP B 180 8.39 -52.90 23.69
C ASP B 180 8.35 -52.23 25.06
N VAL B 181 8.21 -50.90 25.10
CA VAL B 181 8.05 -50.16 26.35
C VAL B 181 6.89 -49.19 26.17
N LEU B 182 6.02 -49.13 27.18
CA LEU B 182 4.84 -48.28 27.13
C LEU B 182 4.74 -47.47 28.42
N PHE B 183 4.80 -46.14 28.28
CA PHE B 183 4.58 -45.23 29.39
C PHE B 183 3.19 -44.64 29.27
N ALA B 184 2.41 -44.71 30.35
CA ALA B 184 1.05 -44.19 30.35
C ALA B 184 0.82 -43.36 31.60
N ASP B 185 0.12 -42.25 31.45
CA ASP B 185 -0.27 -41.42 32.59
C ASP B 185 -1.78 -41.38 32.68
N GLU B 186 -2.31 -41.78 33.84
CA GLU B 186 -3.75 -41.81 34.11
C GLU B 186 -4.48 -42.62 33.04
N PRO B 187 -4.26 -43.94 32.98
CA PRO B 187 -4.89 -44.72 31.92
C PRO B 187 -6.37 -44.98 32.13
N THR B 188 -6.83 -45.01 33.39
CA THR B 188 -8.23 -45.28 33.69
C THR B 188 -8.84 -44.19 34.56
N GLY B 189 -8.32 -42.97 34.46
CA GLY B 189 -8.85 -41.88 35.26
C GLY B 189 -10.28 -41.49 34.89
N ASN B 190 -10.57 -41.48 33.59
CA ASN B 190 -11.88 -41.06 33.10
C ASN B 190 -12.73 -42.25 32.64
N LEU B 191 -12.61 -43.38 33.33
CA LEU B 191 -13.35 -44.58 32.98
C LEU B 191 -14.06 -45.12 34.22
N ASP B 192 -15.14 -45.86 33.98
CA ASP B 192 -15.87 -46.51 35.05
C ASP B 192 -15.10 -47.76 35.48
N ARG B 193 -15.65 -48.48 36.47
CA ARG B 193 -14.97 -49.65 37.00
C ARG B 193 -14.83 -50.75 35.96
N GLN B 194 -15.89 -51.01 35.19
CA GLN B 194 -15.84 -52.09 34.21
C GLN B 194 -14.84 -51.78 33.09
N THR B 195 -14.89 -50.57 32.55
CA THR B 195 -13.95 -50.20 31.49
C THR B 195 -12.51 -50.19 32.00
N GLY B 196 -12.30 -49.69 33.21
CA GLY B 196 -10.97 -49.73 33.80
C GLY B 196 -10.45 -51.14 33.99
N ASP B 197 -11.32 -52.04 34.45
CA ASP B 197 -10.92 -53.43 34.59
C ASP B 197 -10.57 -54.06 33.25
N LYS B 198 -11.37 -53.77 32.22
CA LYS B 198 -11.08 -54.30 30.89
C LYS B 198 -9.75 -53.77 30.37
N ILE B 199 -9.48 -52.48 30.56
CA ILE B 199 -8.23 -51.90 30.10
C ILE B 199 -7.05 -52.52 30.84
N ALA B 200 -7.18 -52.68 32.16
CA ALA B 200 -6.12 -53.29 32.94
C ALA B 200 -5.86 -54.72 32.51
N ASP B 201 -6.93 -55.48 32.26
CA ASP B 201 -6.76 -56.86 31.79
C ASP B 201 -6.05 -56.90 30.45
N LEU B 202 -6.43 -56.01 29.53
CA LEU B 202 -5.77 -55.97 28.23
C LEU B 202 -4.30 -55.62 28.37
N LEU B 203 -3.98 -54.63 29.22
CA LEU B 203 -2.59 -54.24 29.41
C LEU B 203 -1.77 -55.37 30.02
N PHE B 204 -2.32 -56.04 31.03
CA PHE B 204 -1.59 -57.16 31.64
C PHE B 204 -1.42 -58.31 30.67
N SER B 205 -2.44 -58.59 29.84
CA SER B 205 -2.31 -59.64 28.84
C SER B 205 -1.22 -59.30 27.83
N LEU B 206 -1.18 -58.04 27.37
CA LEU B 206 -0.13 -57.64 26.44
C LEU B 206 1.24 -57.76 27.07
N ASN B 207 1.38 -57.34 28.33
CA ASN B 207 2.66 -57.43 29.01
C ASN B 207 3.10 -58.89 29.17
N ARG B 208 2.16 -59.78 29.49
CA ARG B 208 2.52 -61.18 29.71
C ARG B 208 2.81 -61.89 28.39
N GLU B 209 2.14 -61.51 27.31
CA GLU B 209 2.35 -62.17 26.03
C GLU B 209 3.59 -61.65 25.32
N HIS B 210 3.61 -60.35 25.01
CA HIS B 210 4.69 -59.77 24.23
C HIS B 210 5.89 -59.35 25.08
N GLY B 211 5.81 -59.48 26.40
CA GLY B 211 6.90 -59.05 27.24
C GLY B 211 7.13 -57.56 27.27
N THR B 212 6.13 -56.76 26.89
CA THR B 212 6.29 -55.32 26.81
C THR B 212 6.31 -54.72 28.21
N THR B 213 7.36 -53.96 28.51
CA THR B 213 7.45 -53.27 29.78
C THR B 213 6.38 -52.17 29.86
N LEU B 214 5.75 -52.06 31.02
CA LEU B 214 4.69 -51.10 31.24
C LEU B 214 5.03 -50.22 32.44
N ILE B 215 4.91 -48.91 32.26
CA ILE B 215 5.10 -47.95 33.34
C ILE B 215 3.86 -47.06 33.36
N MET B 216 3.01 -47.26 34.36
CA MET B 216 1.73 -46.57 34.45
C MET B 216 1.72 -45.65 35.67
N VAL B 217 1.17 -44.45 35.49
CA VAL B 217 0.98 -43.50 36.57
C VAL B 217 -0.52 -43.30 36.72
N THR B 218 -1.06 -43.65 37.89
CA THR B 218 -2.49 -43.53 38.14
C THR B 218 -2.72 -43.39 39.63
N HIS B 219 -3.90 -42.88 39.99
CA HIS B 219 -4.29 -42.73 41.39
C HIS B 219 -5.09 -43.91 41.90
N ASP B 220 -5.35 -44.92 41.08
CA ASP B 220 -6.09 -46.09 41.51
C ASP B 220 -5.20 -46.96 42.38
N LEU B 221 -5.55 -47.10 43.66
CA LEU B 221 -4.74 -47.88 44.57
C LEU B 221 -4.73 -49.36 44.19
N GLN B 222 -5.88 -49.89 43.77
CA GLN B 222 -5.95 -51.30 43.40
C GLN B 222 -5.08 -51.59 42.17
N LEU B 223 -5.18 -50.74 41.14
CA LEU B 223 -4.37 -50.95 39.94
C LEU B 223 -2.89 -50.79 40.25
N ALA B 224 -2.54 -49.83 41.11
CA ALA B 224 -1.15 -49.67 41.51
C ALA B 224 -0.65 -50.90 42.25
N ALA B 225 -1.47 -51.47 43.13
CA ALA B 225 -1.08 -52.68 43.85
C ALA B 225 -0.94 -53.86 42.90
N ARG B 226 -1.74 -53.88 41.83
CA ARG B 226 -1.63 -54.95 40.85
C ARG B 226 -0.27 -54.97 40.17
N CYS B 227 0.42 -53.84 40.12
CA CYS B 227 1.73 -53.78 39.48
C CYS B 227 2.78 -54.51 40.31
N ASP B 228 3.84 -54.93 39.63
CA ASP B 228 4.93 -55.65 40.31
C ASP B 228 5.62 -54.76 41.34
N ARG B 229 5.86 -53.50 41.00
CA ARG B 229 6.53 -52.56 41.91
C ARG B 229 5.73 -51.28 41.98
N CYS B 230 5.78 -50.63 43.14
CA CYS B 230 5.07 -49.38 43.36
C CYS B 230 6.03 -48.36 43.99
N LEU B 231 6.09 -47.18 43.39
CA LEU B 231 6.96 -46.11 43.86
C LEU B 231 6.14 -44.86 44.12
N ARG B 232 6.35 -44.26 45.28
CA ARG B 232 5.70 -43.01 45.65
C ARG B 232 6.69 -41.87 45.46
N LEU B 233 6.21 -40.76 44.89
CA LEU B 233 7.04 -39.60 44.61
C LEU B 233 6.80 -38.56 45.70
N VAL B 234 7.75 -38.43 46.61
CA VAL B 234 7.67 -37.48 47.71
C VAL B 234 8.94 -36.62 47.70
N ASN B 235 8.75 -35.30 47.79
CA ASN B 235 9.83 -34.31 47.82
C ASN B 235 10.89 -34.57 46.76
N GLY B 236 10.43 -34.85 45.54
CA GLY B 236 11.35 -35.10 44.44
C GLY B 236 12.20 -36.35 44.61
N GLN B 237 11.66 -37.39 45.24
CA GLN B 237 12.38 -38.62 45.49
C GLN B 237 11.41 -39.78 45.39
N LEU B 238 11.92 -40.92 44.94
CA LEU B 238 11.12 -42.14 44.77
C LEU B 238 11.33 -43.05 45.98
N GLN B 239 10.23 -43.54 46.55
CA GLN B 239 10.27 -44.45 47.68
C GLN B 239 9.46 -45.68 47.36
N GLU B 240 10.04 -46.86 47.60
CA GLU B 240 9.32 -48.11 47.38
C GLU B 240 8.17 -48.23 48.37
N GLU B 241 6.98 -48.56 47.88
CA GLU B 241 5.80 -48.66 48.73
C GLU B 241 5.16 -50.05 48.69
N ALA B 242 5.06 -50.66 47.52
CA ALA B 242 4.45 -51.97 47.40
C ALA B 242 5.09 -52.78 46.27
N GLU C 18 -40.76 -24.44 45.21
CA GLU C 18 -39.86 -25.32 45.95
C GLU C 18 -38.98 -26.12 45.01
N ASN C 19 -39.59 -26.72 43.99
CA ASN C 19 -38.85 -27.46 42.98
C ASN C 19 -38.11 -26.48 42.08
N ILE C 20 -36.78 -26.56 42.10
CA ILE C 20 -35.98 -25.59 41.36
C ILE C 20 -35.67 -26.09 39.95
N VAL C 21 -35.62 -27.41 39.75
CA VAL C 21 -35.33 -28.00 38.45
C VAL C 21 -36.44 -29.00 38.11
N GLU C 22 -37.04 -28.83 36.94
CA GLU C 22 -38.10 -29.72 36.48
C GLU C 22 -37.83 -30.13 35.04
N VAL C 23 -37.94 -31.43 34.77
CA VAL C 23 -37.68 -31.99 33.45
C VAL C 23 -38.87 -32.85 33.05
N HIS C 24 -39.35 -32.68 31.81
CA HIS C 24 -40.49 -33.44 31.30
C HIS C 24 -40.20 -33.90 29.89
N HIS C 25 -40.09 -35.21 29.70
CA HIS C 25 -39.96 -35.82 28.37
C HIS C 25 -38.80 -35.25 27.58
N LEU C 26 -37.67 -35.01 28.25
CA LEU C 26 -36.51 -34.46 27.56
C LEU C 26 -35.85 -35.54 26.70
N LYS C 27 -35.61 -35.21 25.44
CA LYS C 27 -34.97 -36.13 24.50
C LYS C 27 -33.89 -35.39 23.73
N LYS C 28 -32.84 -36.12 23.37
CA LYS C 28 -31.74 -35.56 22.59
C LYS C 28 -31.25 -36.58 21.59
N SER C 29 -31.03 -36.14 20.35
CA SER C 29 -30.53 -36.99 19.28
C SER C 29 -29.48 -36.22 18.51
N VAL C 30 -28.36 -36.88 18.19
CA VAL C 30 -27.25 -36.26 17.48
C VAL C 30 -26.99 -37.04 16.21
N GLY C 31 -26.70 -36.31 15.13
CA GLY C 31 -26.40 -36.93 13.86
C GLY C 31 -27.51 -36.78 12.84
N GLN C 32 -27.27 -37.31 11.64
CA GLN C 32 -28.25 -37.28 10.57
C GLN C 32 -28.20 -38.59 9.80
N GLY C 33 -29.37 -39.09 9.44
CA GLY C 33 -29.44 -40.31 8.65
C GLY C 33 -28.82 -41.49 9.38
N GLU C 34 -27.88 -42.16 8.71
CA GLU C 34 -27.15 -43.26 9.35
C GLU C 34 -26.34 -42.77 10.54
N HIS C 35 -25.75 -41.58 10.44
CA HIS C 35 -24.98 -41.01 11.53
C HIS C 35 -25.85 -40.61 12.71
N GLU C 36 -27.17 -40.58 12.55
CA GLU C 36 -28.06 -40.19 13.63
C GLU C 36 -27.97 -41.18 14.79
N LEU C 37 -27.93 -40.65 16.01
CA LEU C 37 -27.88 -41.45 17.22
C LEU C 37 -28.86 -40.89 18.23
N SER C 38 -29.63 -41.77 18.86
CA SER C 38 -30.58 -41.37 19.89
C SER C 38 -29.92 -41.49 21.26
N ILE C 39 -29.86 -40.36 21.97
CA ILE C 39 -29.20 -40.31 23.27
C ILE C 39 -30.19 -40.45 24.41
N LEU C 40 -31.30 -39.73 24.34
CA LEU C 40 -32.30 -39.72 25.41
C LEU C 40 -33.63 -40.26 24.89
N THR C 41 -34.38 -40.89 25.80
CA THR C 41 -35.67 -41.48 25.50
C THR C 41 -36.78 -40.92 26.39
N GLY C 42 -36.67 -39.65 26.77
CA GLY C 42 -37.65 -39.05 27.64
C GLY C 42 -37.19 -39.01 29.09
N VAL C 43 -36.99 -37.81 29.63
CA VAL C 43 -36.45 -37.64 30.97
C VAL C 43 -37.48 -36.92 31.83
N GLU C 44 -37.77 -37.49 33.00
CA GLU C 44 -38.63 -36.87 34.00
C GLU C 44 -37.83 -36.74 35.28
N LEU C 45 -37.65 -35.50 35.75
CA LEU C 45 -36.81 -35.24 36.91
C LEU C 45 -37.42 -34.13 37.76
N VAL C 46 -37.44 -34.34 39.07
CA VAL C 46 -37.94 -33.38 40.04
C VAL C 46 -36.86 -33.19 41.10
N VAL C 47 -36.35 -31.96 41.22
CA VAL C 47 -35.29 -31.64 42.17
C VAL C 47 -35.66 -30.34 42.89
N LYS C 48 -35.63 -30.38 44.22
CA LYS C 48 -35.87 -29.19 45.02
C LYS C 48 -34.54 -28.57 45.46
N ARG C 49 -34.63 -27.45 46.17
CA ARG C 49 -33.43 -26.77 46.65
C ARG C 49 -32.75 -27.56 47.76
N GLY C 50 -31.43 -27.47 47.81
CA GLY C 50 -30.65 -28.09 48.86
C GLY C 50 -30.33 -29.55 48.63
N GLU C 51 -30.82 -30.16 47.55
CA GLU C 51 -30.54 -31.56 47.29
C GLU C 51 -29.15 -31.75 46.68
N THR C 52 -28.55 -32.90 46.95
CA THR C 52 -27.30 -33.31 46.32
C THR C 52 -27.62 -34.49 45.41
N ILE C 53 -27.40 -34.32 44.12
CA ILE C 53 -27.79 -35.30 43.10
C ILE C 53 -26.52 -35.83 42.46
N ALA C 54 -26.34 -37.15 42.48
CA ALA C 54 -25.24 -37.80 41.81
C ALA C 54 -25.74 -38.55 40.58
N LEU C 55 -24.91 -38.56 39.53
CA LEU C 55 -25.24 -39.24 38.29
C LEU C 55 -24.19 -40.32 38.04
N VAL C 56 -24.65 -41.52 37.71
CA VAL C 56 -23.78 -42.66 37.50
C VAL C 56 -24.14 -43.35 36.19
N GLY C 57 -23.21 -44.16 35.71
CA GLY C 57 -23.35 -44.83 34.43
C GLY C 57 -21.98 -45.17 33.89
N GLU C 58 -21.96 -45.48 32.60
CA GLU C 58 -20.72 -45.78 31.89
C GLU C 58 -20.33 -44.60 30.99
N SER C 59 -19.11 -44.66 30.48
CA SER C 59 -18.64 -43.62 29.57
C SER C 59 -19.41 -43.70 28.26
N GLY C 60 -19.76 -42.52 27.73
CA GLY C 60 -20.55 -42.45 26.52
C GLY C 60 -22.04 -42.64 26.72
N SER C 61 -22.51 -42.75 27.96
CA SER C 61 -23.91 -42.98 28.24
C SER C 61 -24.77 -41.72 28.14
N GLY C 62 -24.14 -40.55 28.03
CA GLY C 62 -24.87 -39.31 27.90
C GLY C 62 -24.95 -38.47 29.15
N LYS C 63 -24.20 -38.79 30.20
CA LYS C 63 -24.28 -38.02 31.44
C LYS C 63 -23.84 -36.57 31.22
N SER C 64 -22.75 -36.37 30.47
CA SER C 64 -22.23 -35.03 30.27
C SER C 64 -23.22 -34.17 29.48
N THR C 65 -23.73 -34.69 28.37
CA THR C 65 -24.66 -33.91 27.56
C THR C 65 -25.97 -33.70 28.31
N LEU C 66 -26.42 -34.70 29.07
CA LEU C 66 -27.65 -34.53 29.85
C LEU C 66 -27.48 -33.44 30.89
N LEU C 67 -26.33 -33.42 31.59
CA LEU C 67 -26.08 -32.35 32.55
C LEU C 67 -25.99 -30.99 31.87
N ALA C 68 -25.35 -30.94 30.70
CA ALA C 68 -25.18 -29.68 29.99
C ALA C 68 -26.53 -29.11 29.55
N ILE C 69 -27.41 -29.96 28.99
CA ILE C 69 -28.73 -29.49 28.59
C ILE C 69 -29.58 -29.19 29.81
N LEU C 70 -29.33 -29.88 30.93
CA LEU C 70 -30.00 -29.53 32.18
C LEU C 70 -29.62 -28.12 32.62
N ALA C 71 -28.36 -27.75 32.43
CA ALA C 71 -27.92 -26.39 32.73
C ALA C 71 -28.50 -25.35 31.77
N GLY C 72 -29.17 -25.79 30.71
CA GLY C 72 -29.80 -24.87 29.78
C GLY C 72 -28.89 -24.30 28.71
N LEU C 73 -27.68 -24.85 28.57
CA LEU C 73 -26.77 -24.35 27.53
C LEU C 73 -27.10 -24.90 26.15
N ASP C 74 -27.92 -25.94 26.07
CA ASP C 74 -28.31 -26.52 24.80
C ASP C 74 -29.77 -26.91 24.84
N ASP C 75 -30.36 -27.10 23.67
CA ASP C 75 -31.76 -27.50 23.53
C ASP C 75 -31.83 -28.91 22.99
N GLY C 76 -32.60 -29.76 23.65
CA GLY C 76 -32.76 -31.14 23.23
C GLY C 76 -33.73 -31.27 22.07
N SER C 77 -33.96 -32.52 21.67
CA SER C 77 -34.90 -32.80 20.58
C SER C 77 -36.31 -32.36 20.94
N SER C 78 -36.73 -32.65 22.17
CA SER C 78 -38.05 -32.25 22.65
C SER C 78 -38.05 -32.33 24.17
N GLY C 79 -39.07 -31.73 24.77
CA GLY C 79 -39.26 -31.76 26.20
C GLY C 79 -39.37 -30.37 26.80
N GLU C 80 -39.69 -30.36 28.09
CA GLU C 80 -39.85 -29.13 28.86
C GLU C 80 -38.82 -29.11 29.97
N VAL C 81 -38.08 -28.00 30.07
CA VAL C 81 -37.08 -27.81 31.11
C VAL C 81 -37.40 -26.51 31.84
N SER C 82 -37.46 -26.57 33.17
CA SER C 82 -37.73 -25.40 33.99
C SER C 82 -36.64 -25.30 35.05
N LEU C 83 -35.95 -24.15 35.08
CA LEU C 83 -34.89 -23.89 36.05
C LEU C 83 -35.31 -22.69 36.89
N VAL C 84 -35.34 -22.89 38.21
CA VAL C 84 -35.79 -21.89 39.18
C VAL C 84 -37.15 -21.35 38.76
N GLY C 85 -37.99 -22.24 38.22
CA GLY C 85 -39.31 -21.84 37.77
C GLY C 85 -39.32 -20.90 36.58
N GLN C 86 -38.44 -21.13 35.61
CA GLN C 86 -38.43 -20.37 34.36
C GLN C 86 -38.27 -21.34 33.20
N PRO C 87 -39.13 -21.27 32.18
CA PRO C 87 -38.96 -22.15 31.01
C PRO C 87 -37.76 -21.71 30.17
N LEU C 88 -36.68 -22.50 30.23
CA LEU C 88 -35.46 -22.14 29.51
C LEU C 88 -35.66 -22.18 28.00
N HIS C 89 -36.43 -23.16 27.51
CA HIS C 89 -36.67 -23.26 26.08
C HIS C 89 -37.42 -22.04 25.55
N ASN C 90 -38.33 -21.49 26.34
CA ASN C 90 -39.08 -20.31 25.93
C ASN C 90 -38.24 -19.04 25.97
N MET C 91 -37.14 -19.04 26.71
CA MET C 91 -36.28 -17.86 26.79
C MET C 91 -35.28 -17.87 25.64
N ASP C 92 -34.65 -16.72 25.42
CA ASP C 92 -33.60 -16.58 24.41
C ASP C 92 -32.23 -16.81 25.06
N GLU C 93 -31.20 -16.71 24.23
CA GLU C 93 -29.84 -16.93 24.72
C GLU C 93 -29.44 -15.86 25.73
N GLU C 94 -29.93 -14.63 25.54
CA GLU C 94 -29.57 -13.55 26.46
C GLU C 94 -30.14 -13.78 27.85
N ALA C 95 -31.40 -14.21 27.94
CA ALA C 95 -32.00 -14.50 29.24
C ALA C 95 -31.29 -15.66 29.92
N ARG C 96 -30.93 -16.69 29.17
CA ARG C 96 -30.20 -17.81 29.74
C ARG C 96 -28.82 -17.37 30.24
N ALA C 97 -28.14 -16.51 29.48
CA ALA C 97 -26.85 -16.00 29.92
C ALA C 97 -26.99 -15.18 31.20
N LYS C 98 -28.04 -14.35 31.28
CA LYS C 98 -28.27 -13.59 32.50
C LYS C 98 -28.53 -14.51 33.69
N LEU C 99 -29.34 -15.55 33.48
CA LEU C 99 -29.62 -16.50 34.55
C LEU C 99 -28.35 -17.21 35.00
N ARG C 100 -27.49 -17.59 34.05
CA ARG C 100 -26.23 -18.24 34.40
C ARG C 100 -25.35 -17.30 35.20
N ALA C 101 -25.23 -16.04 34.76
CA ALA C 101 -24.43 -15.07 35.48
C ALA C 101 -25.02 -14.76 36.85
N LYS C 102 -26.31 -14.99 37.04
CA LYS C 102 -26.96 -14.67 38.31
C LYS C 102 -26.87 -15.81 39.32
N HIS C 103 -27.20 -17.04 38.91
CA HIS C 103 -27.36 -18.12 39.88
C HIS C 103 -26.78 -19.47 39.48
N VAL C 104 -26.07 -19.56 38.36
CA VAL C 104 -25.65 -20.86 37.83
C VAL C 104 -24.14 -20.89 37.68
N GLY C 105 -23.53 -21.99 38.14
CA GLY C 105 -22.13 -22.25 37.91
C GLY C 105 -21.94 -23.62 37.30
N PHE C 106 -20.89 -23.77 36.49
CA PHE C 106 -20.66 -25.01 35.77
C PHE C 106 -19.18 -25.38 35.81
N VAL C 107 -18.93 -26.68 35.88
CA VAL C 107 -17.58 -27.23 35.86
C VAL C 107 -17.52 -28.34 34.82
N PHE C 108 -16.65 -28.16 33.82
CA PHE C 108 -16.55 -29.07 32.69
C PHE C 108 -15.67 -30.27 33.05
N GLN C 109 -15.30 -31.04 32.02
CA GLN C 109 -14.36 -32.15 32.16
C GLN C 109 -12.93 -31.76 31.78
N SER C 110 -12.76 -30.99 30.72
CA SER C 110 -11.45 -30.53 30.28
C SER C 110 -11.09 -29.17 30.88
N PHE C 111 -11.94 -28.65 31.78
CA PHE C 111 -11.69 -27.47 32.60
C PHE C 111 -11.77 -26.17 31.82
N MET C 112 -11.85 -26.28 30.48
CA MET C 112 -12.11 -25.15 29.58
C MET C 112 -11.41 -23.86 30.03
N LEU C 113 -10.13 -23.97 30.34
CA LEU C 113 -9.39 -22.87 30.92
C LEU C 113 -8.77 -21.98 29.84
N ILE C 114 -8.51 -20.73 30.21
CA ILE C 114 -7.91 -19.75 29.31
C ILE C 114 -6.40 -19.98 29.24
N PRO C 115 -5.85 -20.25 28.06
CA PRO C 115 -4.40 -20.45 27.96
C PRO C 115 -3.58 -19.18 28.15
N THR C 116 -4.16 -18.02 27.90
CA THR C 116 -3.43 -16.75 27.97
C THR C 116 -3.59 -16.05 29.30
N LEU C 117 -4.09 -16.73 30.32
CA LEU C 117 -4.33 -16.12 31.63
C LEU C 117 -3.78 -17.02 32.72
N ASN C 118 -3.41 -16.40 33.85
CA ASN C 118 -2.93 -17.16 34.99
C ASN C 118 -4.11 -17.60 35.86
N ALA C 119 -3.81 -18.46 36.84
CA ALA C 119 -4.86 -19.03 37.68
C ALA C 119 -5.60 -17.94 38.45
N LEU C 120 -4.86 -16.99 39.03
CA LEU C 120 -5.50 -15.95 39.84
C LEU C 120 -6.45 -15.11 39.00
N GLU C 121 -6.01 -14.70 37.81
CA GLU C 121 -6.89 -13.94 36.93
C GLU C 121 -8.06 -14.79 36.44
N ASN C 122 -7.81 -16.07 36.17
CA ASN C 122 -8.87 -16.96 35.71
C ASN C 122 -9.99 -17.07 36.75
N VAL C 123 -9.63 -17.19 38.02
CA VAL C 123 -10.65 -17.30 39.06
C VAL C 123 -11.25 -15.93 39.39
N GLU C 124 -10.47 -14.85 39.27
CA GLU C 124 -11.00 -13.52 39.54
C GLU C 124 -11.92 -13.02 38.45
N LEU C 125 -11.83 -13.58 37.24
CA LEU C 125 -12.60 -13.07 36.10
C LEU C 125 -14.10 -13.01 36.32
N PRO C 126 -14.78 -14.02 36.86
CA PRO C 126 -16.23 -13.89 37.08
C PRO C 126 -16.61 -12.72 37.97
N ALA C 127 -15.84 -12.49 39.04
CA ALA C 127 -16.14 -11.37 39.93
C ALA C 127 -15.99 -10.04 39.19
N LEU C 128 -14.96 -9.92 38.34
CA LEU C 128 -14.81 -8.73 37.53
C LEU C 128 -15.97 -8.55 36.57
N LEU C 129 -16.41 -9.65 35.95
CA LEU C 129 -17.57 -9.58 35.05
C LEU C 129 -18.82 -9.17 35.81
N ARG C 130 -18.88 -9.46 37.11
CA ARG C 130 -20.01 -9.04 37.93
C ARG C 130 -19.90 -7.59 38.38
N GLY C 131 -18.89 -6.86 37.93
CA GLY C 131 -18.74 -5.47 38.27
C GLY C 131 -18.06 -5.19 39.59
N GLU C 132 -17.59 -6.22 40.29
CA GLU C 132 -16.92 -6.01 41.57
C GLU C 132 -15.57 -5.36 41.35
N SER C 133 -15.10 -4.64 42.38
CA SER C 133 -13.82 -3.97 42.29
C SER C 133 -12.67 -4.96 42.29
N SER C 134 -11.52 -4.51 41.79
CA SER C 134 -10.37 -5.40 41.63
C SER C 134 -9.86 -5.91 42.97
N ALA C 135 -9.84 -5.04 44.00
CA ALA C 135 -9.25 -5.42 45.27
C ALA C 135 -10.02 -6.56 45.95
N GLU C 136 -11.33 -6.41 46.10
CA GLU C 136 -12.12 -7.43 46.76
C GLU C 136 -12.15 -8.73 45.96
N SER C 137 -12.26 -8.62 44.64
CA SER C 137 -12.26 -9.80 43.79
C SER C 137 -10.93 -10.55 43.90
N ARG C 138 -9.82 -9.82 43.89
CA ARG C 138 -8.51 -10.46 44.01
C ARG C 138 -8.34 -11.10 45.38
N ASN C 139 -8.83 -10.44 46.43
CA ASN C 139 -8.73 -11.02 47.77
C ASN C 139 -9.53 -12.31 47.87
N GLY C 140 -10.75 -12.31 47.33
CA GLY C 140 -11.56 -13.53 47.35
C GLY C 140 -10.94 -14.63 46.52
N ALA C 141 -10.38 -14.30 45.35
CA ALA C 141 -9.71 -15.29 44.53
C ALA C 141 -8.50 -15.87 45.25
N LYS C 142 -7.73 -15.02 45.91
CA LYS C 142 -6.57 -15.50 46.66
C LYS C 142 -6.99 -16.42 47.79
N ALA C 143 -8.07 -16.07 48.50
CA ALA C 143 -8.57 -16.93 49.56
C ALA C 143 -9.00 -18.29 49.02
N LEU C 144 -9.73 -18.28 47.90
CA LEU C 144 -10.19 -19.54 47.31
C LEU C 144 -9.02 -20.40 46.83
N LEU C 145 -7.98 -19.76 46.28
CA LEU C 145 -6.82 -20.52 45.82
C LEU C 145 -6.02 -21.07 46.99
N GLU C 146 -5.82 -20.27 48.04
CA GLU C 146 -5.02 -20.72 49.17
C GLU C 146 -5.73 -21.80 49.96
N GLN C 147 -7.06 -21.73 50.06
CA GLN C 147 -7.79 -22.81 50.72
C GLN C 147 -7.77 -24.09 49.92
N LEU C 148 -7.48 -24.01 48.63
CA LEU C 148 -7.27 -25.18 47.78
C LEU C 148 -5.79 -25.55 47.66
N GLY C 149 -4.91 -24.85 48.35
CA GLY C 149 -3.48 -25.14 48.27
C GLY C 149 -2.81 -24.67 47.01
N LEU C 150 -3.39 -23.67 46.32
CA LEU C 150 -2.84 -23.15 45.08
C LEU C 150 -2.18 -21.79 45.25
N GLY C 151 -1.76 -21.44 46.46
CA GLY C 151 -1.17 -20.15 46.70
C GLY C 151 0.21 -19.95 46.11
N LYS C 152 0.89 -21.03 45.74
CA LYS C 152 2.23 -20.96 45.17
C LYS C 152 2.22 -20.98 43.64
N ARG C 153 1.04 -21.00 43.02
CA ARG C 153 0.92 -21.08 41.57
C ARG C 153 0.08 -19.91 41.04
N LEU C 154 0.15 -18.76 41.71
CA LEU C 154 -0.67 -17.62 41.31
C LEU C 154 -0.30 -17.14 39.91
N ASP C 155 1.00 -17.02 39.63
CA ASP C 155 1.45 -16.52 38.33
C ASP C 155 1.57 -17.61 37.28
N HIS C 156 1.40 -18.88 37.66
CA HIS C 156 1.57 -19.97 36.72
C HIS C 156 0.41 -20.03 35.74
N LEU C 157 0.69 -20.55 34.54
CA LEU C 157 -0.30 -20.70 33.49
C LEU C 157 -0.86 -22.12 33.49
N PRO C 158 -2.06 -22.31 32.97
CA PRO C 158 -2.62 -23.68 32.92
C PRO C 158 -1.74 -24.65 32.15
N ALA C 159 -1.12 -24.21 31.06
CA ALA C 159 -0.16 -25.05 30.36
C ALA C 159 1.04 -25.36 31.24
N GLN C 160 1.39 -24.45 32.15
CA GLN C 160 2.48 -24.68 33.08
C GLN C 160 2.07 -25.53 34.27
N LEU C 161 0.78 -25.85 34.39
CA LEU C 161 0.26 -26.54 35.56
C LEU C 161 -0.28 -27.91 35.17
N SER C 162 -0.45 -28.76 36.17
CA SER C 162 -0.92 -30.12 35.97
C SER C 162 -2.45 -30.15 35.79
N GLY C 163 -2.95 -31.32 35.42
CA GLY C 163 -4.38 -31.46 35.22
C GLY C 163 -5.17 -31.27 36.51
N GLY C 164 -4.66 -31.81 37.61
CA GLY C 164 -5.32 -31.58 38.89
C GLY C 164 -5.33 -30.12 39.30
N GLU C 165 -4.24 -29.41 39.02
CA GLU C 165 -4.19 -27.98 39.27
C GLU C 165 -5.23 -27.24 38.43
N GLN C 166 -5.38 -27.64 37.16
CA GLN C 166 -6.38 -27.00 36.32
C GLN C 166 -7.79 -27.30 36.82
N GLN C 167 -8.03 -28.52 37.29
CA GLN C 167 -9.33 -28.86 37.86
C GLN C 167 -9.61 -28.03 39.09
N ARG C 168 -8.61 -27.85 39.96
CA ARG C 168 -8.79 -27.01 41.13
C ARG C 168 -9.03 -25.56 40.74
N VAL C 169 -8.36 -25.07 39.68
CA VAL C 169 -8.59 -23.71 39.21
C VAL C 169 -10.03 -23.56 38.73
N ALA C 170 -10.54 -24.54 37.99
CA ALA C 170 -11.93 -24.48 37.53
C ALA C 170 -12.90 -24.50 38.71
N LEU C 171 -12.63 -25.34 39.71
CA LEU C 171 -13.48 -25.37 40.89
C LEU C 171 -13.44 -24.04 41.63
N ALA C 172 -12.26 -23.43 41.75
CA ALA C 172 -12.15 -22.14 42.40
C ALA C 172 -12.90 -21.06 41.63
N ARG C 173 -12.85 -21.10 40.30
CA ARG C 173 -13.62 -20.16 39.50
C ARG C 173 -15.11 -20.34 39.74
N ALA C 174 -15.57 -21.60 39.79
CA ALA C 174 -16.97 -21.85 40.08
C ALA C 174 -17.36 -21.32 41.46
N PHE C 175 -16.47 -21.49 42.44
CA PHE C 175 -16.73 -20.95 43.78
C PHE C 175 -16.79 -19.43 43.75
N ASN C 176 -15.89 -18.80 42.99
CA ASN C 176 -15.91 -17.35 42.86
C ASN C 176 -17.20 -16.86 42.22
N GLY C 177 -17.80 -17.68 41.35
CA GLY C 177 -19.10 -17.34 40.80
C GLY C 177 -20.17 -17.21 41.87
N ARG C 178 -20.03 -17.97 42.96
CA ARG C 178 -20.98 -17.97 44.07
C ARG C 178 -22.43 -18.14 43.61
N PRO C 179 -22.74 -19.24 42.92
CA PRO C 179 -24.09 -19.41 42.40
C PRO C 179 -24.99 -20.12 43.40
N ASP C 180 -26.30 -20.09 43.11
CA ASP C 180 -27.26 -20.86 43.88
C ASP C 180 -27.42 -22.28 43.37
N VAL C 181 -27.01 -22.55 42.13
CA VAL C 181 -27.01 -23.89 41.57
C VAL C 181 -25.66 -24.13 40.91
N LEU C 182 -25.09 -25.30 41.15
CA LEU C 182 -23.78 -25.65 40.62
C LEU C 182 -23.83 -27.03 39.98
N PHE C 183 -23.56 -27.08 38.67
CA PHE C 183 -23.44 -28.33 37.94
C PHE C 183 -21.95 -28.62 37.71
N ALA C 184 -21.52 -29.82 38.07
CA ALA C 184 -20.13 -30.20 37.91
C ALA C 184 -20.05 -31.59 37.28
N ASP C 185 -19.09 -31.76 36.36
CA ASP C 185 -18.83 -33.06 35.76
C ASP C 185 -17.42 -33.50 36.11
N GLU C 186 -17.30 -34.68 36.73
CA GLU C 186 -16.03 -35.26 37.14
C GLU C 186 -15.26 -34.29 38.02
N PRO C 187 -15.74 -33.98 39.23
CA PRO C 187 -15.05 -32.99 40.06
C PRO C 187 -13.76 -33.50 40.68
N THR C 188 -13.67 -34.80 40.94
CA THR C 188 -12.49 -35.37 41.58
C THR C 188 -11.88 -36.51 40.75
N GLY C 189 -12.08 -36.47 39.44
CA GLY C 189 -11.54 -37.53 38.59
C GLY C 189 -10.03 -37.54 38.54
N ASN C 190 -9.41 -36.37 38.49
CA ASN C 190 -7.96 -36.24 38.38
C ASN C 190 -7.31 -35.83 39.70
N LEU C 191 -7.84 -36.29 40.82
CA LEU C 191 -7.33 -35.95 42.13
C LEU C 191 -7.09 -37.23 42.94
N ASP C 192 -6.18 -37.14 43.89
CA ASP C 192 -5.92 -38.24 44.81
C ASP C 192 -7.02 -38.31 45.86
N ARG C 193 -6.92 -39.27 46.78
CA ARG C 193 -7.97 -39.46 47.77
C ARG C 193 -8.07 -38.26 48.70
N GLN C 194 -6.94 -37.73 49.15
CA GLN C 194 -6.96 -36.61 50.09
C GLN C 194 -7.56 -35.36 49.45
N THR C 195 -7.11 -35.02 48.25
CA THR C 195 -7.63 -33.84 47.57
C THR C 195 -9.11 -34.01 47.25
N GLY C 196 -9.51 -35.21 46.81
CA GLY C 196 -10.92 -35.45 46.56
C GLY C 196 -11.77 -35.31 47.81
N ASP C 197 -11.27 -35.83 48.94
CA ASP C 197 -11.99 -35.67 50.20
C ASP C 197 -12.12 -34.20 50.59
N LYS C 198 -11.04 -33.44 50.43
CA LYS C 198 -11.09 -32.01 50.75
C LYS C 198 -12.10 -31.29 49.87
N ILE C 199 -12.10 -31.60 48.57
CA ILE C 199 -13.04 -30.95 47.65
C ILE C 199 -14.48 -31.31 48.01
N ALA C 200 -14.72 -32.59 48.32
CA ALA C 200 -16.06 -33.01 48.69
C ALA C 200 -16.51 -32.33 49.99
N ASP C 201 -15.61 -32.21 50.96
CA ASP C 201 -15.95 -31.53 52.21
C ASP C 201 -16.29 -30.07 51.96
N LEU C 202 -15.49 -29.40 51.11
CA LEU C 202 -15.78 -28.00 50.80
C LEU C 202 -17.12 -27.86 50.10
N LEU C 203 -17.42 -28.74 49.15
CA LEU C 203 -18.69 -28.67 48.43
C LEU C 203 -19.87 -28.90 49.37
N PHE C 204 -19.76 -29.90 50.25
CA PHE C 204 -20.84 -30.17 51.19
C PHE C 204 -21.02 -29.01 52.17
N SER C 205 -19.91 -28.42 52.62
CA SER C 205 -20.01 -27.28 53.52
C SER C 205 -20.69 -26.10 52.83
N LEU C 206 -20.34 -25.83 51.57
CA LEU C 206 -20.99 -24.75 50.83
C LEU C 206 -22.48 -25.03 50.66
N ASN C 207 -22.84 -26.28 50.33
CA ASN C 207 -24.24 -26.62 50.16
C ASN C 207 -25.01 -26.47 51.46
N ARG C 208 -24.41 -26.86 52.58
CA ARG C 208 -25.11 -26.78 53.86
C ARG C 208 -25.20 -25.35 54.37
N GLU C 209 -24.21 -24.52 54.07
CA GLU C 209 -24.22 -23.14 54.55
C GLU C 209 -25.09 -22.24 53.67
N HIS C 210 -24.75 -22.14 52.39
CA HIS C 210 -25.44 -21.22 51.48
C HIS C 210 -26.69 -21.82 50.85
N GLY C 211 -26.98 -23.10 51.11
CA GLY C 211 -28.13 -23.72 50.49
C GLY C 211 -28.02 -23.91 49.00
N THR C 212 -26.81 -23.89 48.46
CA THR C 212 -26.62 -23.99 47.02
C THR C 212 -26.87 -25.43 46.56
N THR C 213 -27.77 -25.58 45.59
CA THR C 213 -28.01 -26.89 45.01
C THR C 213 -26.79 -27.36 44.23
N LEU C 214 -26.47 -28.65 44.38
CA LEU C 214 -25.30 -29.24 43.73
C LEU C 214 -25.74 -30.44 42.90
N ILE C 215 -25.28 -30.49 41.66
CA ILE C 215 -25.53 -31.62 40.77
C ILE C 215 -24.17 -32.05 40.23
N MET C 216 -23.66 -33.18 40.72
CA MET C 216 -22.34 -33.66 40.39
C MET C 216 -22.43 -34.97 39.62
N VAL C 217 -21.61 -35.09 38.58
CA VAL C 217 -21.48 -36.31 37.80
C VAL C 217 -20.07 -36.83 37.99
N THR C 218 -19.94 -38.03 38.57
CA THR C 218 -18.63 -38.60 38.84
C THR C 218 -18.77 -40.12 38.89
N HIS C 219 -17.64 -40.81 38.72
CA HIS C 219 -17.58 -42.26 38.79
C HIS C 219 -17.23 -42.77 40.17
N ASP C 220 -17.00 -41.89 41.14
CA ASP C 220 -16.68 -42.30 42.50
C ASP C 220 -17.94 -42.80 43.18
N LEU C 221 -17.95 -44.10 43.52
CA LEU C 221 -19.14 -44.68 44.15
C LEU C 221 -19.37 -44.10 45.54
N GLN C 222 -18.29 -43.88 46.30
CA GLN C 222 -18.44 -43.33 47.65
C GLN C 222 -19.01 -41.91 47.60
N LEU C 223 -18.47 -41.06 46.73
CA LEU C 223 -18.97 -39.70 46.62
C LEU C 223 -20.41 -39.68 46.12
N ALA C 224 -20.74 -40.57 45.18
CA ALA C 224 -22.13 -40.66 44.71
C ALA C 224 -23.06 -41.08 45.83
N ALA C 225 -22.63 -42.03 46.66
CA ALA C 225 -23.45 -42.46 47.79
C ALA C 225 -23.60 -41.34 48.81
N ARG C 226 -22.58 -40.48 48.94
CA ARG C 226 -22.67 -39.36 49.86
C ARG C 226 -23.78 -38.39 49.48
N CYS C 227 -24.18 -38.36 48.21
CA CYS C 227 -25.23 -37.46 47.77
C CYS C 227 -26.58 -37.91 48.28
N ASP C 228 -27.51 -36.95 48.36
CA ASP C 228 -28.86 -37.25 48.84
C ASP C 228 -29.57 -38.22 47.90
N ARG C 229 -29.44 -38.02 46.60
CA ARG C 229 -30.09 -38.87 45.61
C ARG C 229 -29.06 -39.31 44.56
N CYS C 230 -29.27 -40.51 44.03
CA CYS C 230 -28.38 -41.08 43.03
C CYS C 230 -29.21 -41.60 41.86
N LEU C 231 -28.85 -41.18 40.65
CA LEU C 231 -29.56 -41.59 39.44
C LEU C 231 -28.57 -42.21 38.47
N ARG C 232 -28.93 -43.37 37.94
CA ARG C 232 -28.14 -44.05 36.92
C ARG C 232 -28.77 -43.82 35.55
N LEU C 233 -27.92 -43.53 34.57
CA LEU C 233 -28.38 -43.25 33.21
C LEU C 233 -28.19 -44.50 32.36
N VAL C 234 -29.30 -45.18 32.07
CA VAL C 234 -29.29 -46.40 31.27
C VAL C 234 -30.29 -46.22 30.12
N ASN C 235 -29.85 -46.54 28.91
CA ASN C 235 -30.65 -46.47 27.68
C ASN C 235 -31.43 -45.17 27.58
N GLY C 236 -30.76 -44.06 27.86
CA GLY C 236 -31.39 -42.76 27.78
C GLY C 236 -32.51 -42.54 28.78
N GLN C 237 -32.38 -43.12 29.97
CA GLN C 237 -33.41 -43.02 31.00
C GLN C 237 -32.73 -42.98 32.36
N LEU C 238 -33.35 -42.26 33.29
CA LEU C 238 -32.83 -42.11 34.64
C LEU C 238 -33.54 -43.08 35.57
N GLN C 239 -32.75 -43.81 36.37
CA GLN C 239 -33.29 -44.76 37.34
C GLN C 239 -32.71 -44.45 38.70
N GLU C 240 -33.58 -44.38 39.72
CA GLU C 240 -33.12 -44.15 41.08
C GLU C 240 -32.32 -45.36 41.56
N GLU C 241 -31.15 -45.11 42.14
CA GLU C 241 -30.28 -46.17 42.61
C GLU C 241 -29.98 -46.08 44.10
N ALA C 242 -29.71 -44.89 44.62
CA ALA C 242 -29.40 -44.72 46.03
C ALA C 242 -29.91 -43.37 46.55
N ASP D 2 33.70 60.11 -31.63
CA ASP D 2 32.69 59.52 -32.51
C ASP D 2 32.09 58.27 -31.88
N THR D 3 30.76 58.14 -31.99
CA THR D 3 30.05 56.99 -31.45
C THR D 3 29.01 56.53 -32.46
N LEU D 4 28.86 55.21 -32.58
CA LEU D 4 27.91 54.61 -33.50
C LEU D 4 26.82 53.90 -32.70
N LEU D 5 25.58 54.31 -32.88
CA LEU D 5 24.43 53.73 -32.19
C LEU D 5 23.76 52.70 -33.08
N ILE D 6 23.40 51.56 -32.50
CA ILE D 6 22.79 50.46 -33.22
C ILE D 6 21.37 50.28 -32.69
N LEU D 7 20.40 50.30 -33.60
CA LEU D 7 18.99 50.19 -33.24
C LEU D 7 18.35 49.15 -34.17
N GLY D 8 18.11 47.97 -33.65
CA GLY D 8 17.56 46.88 -34.43
C GLY D 8 16.96 45.77 -33.60
N ASP D 9 17.07 44.56 -34.11
CA ASP D 9 16.49 43.36 -33.52
C ASP D 9 17.56 42.52 -32.83
N ALA D 10 17.20 41.29 -32.47
CA ALA D 10 18.13 40.37 -31.83
C ALA D 10 19.32 40.04 -32.73
N LEU D 11 19.22 40.30 -34.03
CA LEU D 11 20.38 40.15 -34.91
C LEU D 11 21.54 41.01 -34.41
N SER D 12 21.25 42.15 -33.81
CA SER D 12 22.26 42.98 -33.16
C SER D 12 22.10 43.04 -31.65
N ALA D 13 20.89 42.85 -31.13
CA ALA D 13 20.71 42.81 -29.68
C ALA D 13 21.42 41.61 -29.07
N GLY D 14 21.35 40.46 -29.75
CA GLY D 14 21.94 39.24 -29.23
C GLY D 14 20.90 38.28 -28.70
N TYR D 15 20.58 37.25 -29.49
CA TYR D 15 19.53 36.31 -29.12
C TYR D 15 20.10 35.23 -28.21
N ARG D 16 19.60 35.18 -26.98
CA ARG D 16 20.03 34.19 -25.98
C ARG D 16 21.54 34.21 -25.78
N MET D 17 22.10 35.41 -25.73
CA MET D 17 23.52 35.59 -25.47
C MET D 17 23.71 36.88 -24.69
N SER D 18 24.84 36.97 -24.01
CA SER D 18 25.13 38.14 -23.18
C SER D 18 25.33 39.38 -24.05
N ALA D 19 25.34 40.54 -23.40
CA ALA D 19 25.53 41.79 -24.12
C ALA D 19 26.89 41.83 -24.81
N SER D 20 27.94 41.37 -24.12
CA SER D 20 29.26 41.32 -24.74
C SER D 20 29.32 40.26 -25.84
N ALA D 21 28.46 39.24 -25.77
CA ALA D 21 28.48 38.19 -26.78
C ALA D 21 27.93 38.68 -28.12
N ALA D 22 27.09 39.71 -28.11
CA ALA D 22 26.53 40.24 -29.34
C ALA D 22 27.61 40.88 -30.21
N TRP D 23 27.39 40.84 -31.52
CA TRP D 23 28.37 41.41 -32.44
C TRP D 23 28.63 42.89 -32.24
N PRO D 24 27.66 43.77 -31.94
CA PRO D 24 28.01 45.18 -31.74
C PRO D 24 29.01 45.41 -30.63
N ALA D 25 28.95 44.61 -29.56
CA ALA D 25 29.97 44.71 -28.52
C ALA D 25 31.33 44.31 -29.06
N LEU D 26 31.38 43.28 -29.90
CA LEU D 26 32.64 42.89 -30.53
C LEU D 26 33.19 44.01 -31.41
N LEU D 27 32.32 44.67 -32.18
CA LEU D 27 32.76 45.77 -33.02
C LEU D 27 33.25 46.94 -32.16
N ASN D 28 32.57 47.21 -31.05
CA ASN D 28 33.04 48.25 -30.13
C ASN D 28 34.42 47.90 -29.58
N ASP D 29 34.63 46.63 -29.23
CA ASP D 29 35.95 46.20 -28.78
C ASP D 29 37.01 46.40 -29.87
N LYS D 30 36.64 46.11 -31.11
CA LYS D 30 37.57 46.33 -32.22
C LYS D 30 37.83 47.81 -32.46
N TRP D 31 36.87 48.67 -32.11
CA TRP D 31 36.94 50.10 -32.37
C TRP D 31 36.97 50.90 -31.06
N GLN D 32 37.64 50.38 -30.04
CA GLN D 32 37.74 51.09 -28.78
C GLN D 32 38.54 52.38 -28.93
N SER D 33 39.61 52.36 -29.72
CA SER D 33 40.54 53.48 -29.75
C SER D 33 39.91 54.73 -30.36
N LYS D 34 39.14 54.58 -31.45
CA LYS D 34 38.70 55.72 -32.23
C LYS D 34 37.21 55.99 -32.11
N THR D 35 36.36 55.01 -32.40
CA THR D 35 34.92 55.23 -32.48
C THR D 35 34.20 54.13 -31.73
N SER D 36 33.65 54.48 -30.56
CA SER D 36 32.92 53.50 -29.76
C SER D 36 31.61 53.09 -30.45
N VAL D 37 31.15 51.90 -30.12
CA VAL D 37 29.93 51.33 -30.67
C VAL D 37 29.02 50.98 -29.51
N VAL D 38 27.78 51.49 -29.53
CA VAL D 38 26.79 51.23 -28.50
C VAL D 38 25.58 50.60 -29.16
N ASN D 39 25.09 49.50 -28.58
CA ASN D 39 23.97 48.75 -29.12
C ASN D 39 22.72 49.03 -28.31
N ALA D 40 21.64 49.42 -29.00
CA ALA D 40 20.35 49.68 -28.37
C ALA D 40 19.26 48.80 -28.94
N SER D 41 19.63 47.74 -29.65
CA SER D 41 18.65 46.85 -30.27
C SER D 41 17.90 46.06 -29.20
N ILE D 42 16.61 45.82 -29.46
CA ILE D 42 15.76 45.02 -28.59
C ILE D 42 14.97 44.05 -29.46
N SER D 43 14.90 42.80 -29.03
CA SER D 43 14.23 41.76 -29.81
C SER D 43 12.72 41.97 -29.84
N GLY D 44 12.12 41.59 -30.96
CA GLY D 44 10.68 41.59 -31.10
C GLY D 44 10.04 42.95 -31.28
N ASP D 45 10.82 43.99 -31.51
CA ASP D 45 10.27 45.32 -31.64
C ASP D 45 9.53 45.49 -32.96
N THR D 46 8.51 46.33 -32.94
CA THR D 46 7.78 46.73 -34.14
C THR D 46 8.22 48.13 -34.56
N SER D 47 7.71 48.57 -35.71
CA SER D 47 8.00 49.91 -36.18
C SER D 47 7.47 50.96 -35.21
N GLN D 48 6.23 50.77 -34.73
CA GLN D 48 5.68 51.67 -33.73
C GLN D 48 6.45 51.59 -32.42
N GLN D 49 6.80 50.37 -32.00
CA GLN D 49 7.61 50.21 -30.79
C GLN D 49 8.99 50.82 -30.96
N GLY D 50 9.59 50.67 -32.15
CA GLY D 50 10.85 51.32 -32.43
C GLY D 50 10.74 52.83 -32.34
N LEU D 51 9.66 53.39 -32.89
CA LEU D 51 9.44 54.82 -32.79
C LEU D 51 9.28 55.25 -31.33
N ALA D 52 8.57 54.45 -30.54
CA ALA D 52 8.39 54.77 -29.13
C ALA D 52 9.73 54.77 -28.40
N ARG D 53 10.59 53.79 -28.69
CA ARG D 53 11.90 53.73 -28.03
C ARG D 53 12.88 54.76 -28.60
N LEU D 54 12.57 55.33 -29.77
CA LEU D 54 13.52 56.22 -30.43
C LEU D 54 13.90 57.45 -29.62
N PRO D 55 12.98 58.24 -29.06
CA PRO D 55 13.40 59.48 -28.39
C PRO D 55 14.33 59.26 -27.22
N ALA D 56 14.09 58.22 -26.43
CA ALA D 56 14.94 57.96 -25.27
C ALA D 56 16.37 57.65 -25.70
N LEU D 57 16.52 56.80 -26.72
CA LEU D 57 17.86 56.49 -27.22
C LEU D 57 18.52 57.71 -27.85
N LEU D 58 17.75 58.51 -28.59
CA LEU D 58 18.30 59.71 -29.22
C LEU D 58 18.82 60.68 -28.17
N LYS D 59 18.09 60.86 -27.08
CA LYS D 59 18.53 61.78 -26.05
C LYS D 59 19.67 61.21 -25.20
N GLN D 60 19.66 59.89 -24.97
CA GLN D 60 20.68 59.29 -24.10
C GLN D 60 22.02 59.15 -24.82
N HIS D 61 22.02 58.80 -26.10
CA HIS D 61 23.27 58.50 -26.80
C HIS D 61 23.81 59.71 -27.54
N GLN D 62 23.00 60.33 -28.39
CA GLN D 62 23.42 61.46 -29.23
C GLN D 62 24.67 61.14 -30.04
N PRO D 63 24.61 60.17 -30.94
CA PRO D 63 25.80 59.76 -31.68
C PRO D 63 25.94 60.50 -33.01
N ARG D 64 27.11 60.32 -33.63
CA ARG D 64 27.32 60.87 -34.97
C ARG D 64 26.53 60.10 -36.01
N TRP D 65 26.57 58.77 -35.94
CA TRP D 65 25.86 57.90 -36.88
C TRP D 65 24.92 56.99 -36.10
N VAL D 66 23.78 56.67 -36.70
CA VAL D 66 22.81 55.76 -36.11
C VAL D 66 22.56 54.62 -37.10
N LEU D 67 22.71 53.39 -36.62
CA LEU D 67 22.43 52.21 -37.42
C LEU D 67 20.97 51.81 -37.19
N VAL D 68 20.15 51.96 -38.23
CA VAL D 68 18.72 51.69 -38.16
C VAL D 68 18.44 50.47 -39.03
N GLU D 69 18.27 49.31 -38.38
CA GLU D 69 17.92 48.06 -39.06
C GLU D 69 16.65 47.52 -38.39
N LEU D 70 15.50 48.00 -38.85
CA LEU D 70 14.22 47.62 -38.28
C LEU D 70 13.25 47.31 -39.41
N GLY D 71 12.16 46.63 -39.04
CA GLY D 71 11.20 46.16 -40.00
C GLY D 71 11.47 44.76 -40.51
N GLY D 72 12.65 44.21 -40.27
CA GLY D 72 12.90 42.83 -40.65
C GLY D 72 12.01 41.86 -39.91
N ASN D 73 11.90 42.03 -38.59
CA ASN D 73 10.95 41.24 -37.82
C ASN D 73 9.51 41.59 -38.17
N ASP D 74 9.27 42.86 -38.50
CA ASP D 74 7.95 43.26 -38.96
C ASP D 74 7.58 42.55 -40.26
N GLY D 75 8.55 42.43 -41.17
CA GLY D 75 8.32 41.65 -42.38
C GLY D 75 8.13 40.17 -42.07
N LEU D 76 8.91 39.64 -41.12
CA LEU D 76 8.78 38.24 -40.74
C LEU D 76 7.39 37.94 -40.21
N ARG D 77 6.88 38.79 -39.32
CA ARG D 77 5.53 38.60 -38.79
C ARG D 77 4.48 38.99 -39.82
N GLY D 78 4.81 39.92 -40.71
CA GLY D 78 3.92 40.27 -41.80
C GLY D 78 3.16 41.56 -41.59
N PHE D 79 3.65 42.65 -42.19
CA PHE D 79 2.96 43.94 -42.19
C PHE D 79 2.63 44.33 -43.62
N GLN D 80 1.53 45.04 -43.79
CA GLN D 80 1.18 45.57 -45.10
C GLN D 80 2.23 46.59 -45.52
N PRO D 81 2.68 46.58 -46.79
CA PRO D 81 3.81 47.43 -47.17
C PRO D 81 3.59 48.92 -46.91
N GLN D 82 2.38 49.43 -47.12
CA GLN D 82 2.15 50.86 -47.01
C GLN D 82 2.36 51.35 -45.58
N GLN D 83 1.78 50.63 -44.61
CA GLN D 83 1.86 51.06 -43.21
C GLN D 83 3.30 51.05 -42.70
N THR D 84 4.01 49.93 -42.94
CA THR D 84 5.39 49.85 -42.47
C THR D 84 6.28 50.83 -43.21
N GLU D 85 6.02 51.05 -44.50
CA GLU D 85 6.79 52.04 -45.25
C GLU D 85 6.60 53.43 -44.67
N GLN D 86 5.36 53.80 -44.35
CA GLN D 86 5.10 55.12 -43.77
C GLN D 86 5.75 55.26 -42.40
N THR D 87 5.66 54.21 -41.57
CA THR D 87 6.25 54.28 -40.23
C THR D 87 7.76 54.40 -40.32
N LEU D 88 8.39 53.62 -41.20
CA LEU D 88 9.84 53.71 -41.37
C LEU D 88 10.24 55.05 -41.94
N ARG D 89 9.42 55.61 -42.84
CA ARG D 89 9.70 56.94 -43.37
C ARG D 89 9.68 57.98 -42.26
N GLN D 90 8.69 57.92 -41.38
CA GLN D 90 8.61 58.86 -40.27
C GLN D 90 9.80 58.68 -39.33
N ILE D 91 10.18 57.43 -39.06
CA ILE D 91 11.33 57.17 -38.18
C ILE D 91 12.60 57.75 -38.78
N LEU D 92 12.81 57.54 -40.09
CA LEU D 92 14.01 58.07 -40.73
C LEU D 92 14.01 59.59 -40.74
N GLN D 93 12.83 60.20 -40.96
CA GLN D 93 12.74 61.66 -40.91
C GLN D 93 13.10 62.17 -39.52
N ASP D 94 12.61 61.50 -38.48
CA ASP D 94 12.97 61.90 -37.11
C ASP D 94 14.46 61.73 -36.85
N VAL D 95 15.05 60.64 -37.33
CA VAL D 95 16.47 60.39 -37.11
C VAL D 95 17.31 61.45 -37.79
N LYS D 96 16.99 61.76 -39.05
CA LYS D 96 17.75 62.79 -39.77
C LYS D 96 17.51 64.18 -39.19
N ALA D 97 16.33 64.41 -38.61
CA ALA D 97 16.04 65.72 -38.03
C ALA D 97 16.94 66.02 -36.85
N ALA D 98 17.20 65.01 -36.01
CA ALA D 98 17.99 65.21 -34.79
C ALA D 98 19.48 65.01 -35.02
N ASN D 99 20.01 65.70 -36.04
CA ASN D 99 21.46 65.81 -36.28
C ASN D 99 22.16 64.45 -36.28
N ALA D 100 21.45 63.38 -36.65
CA ALA D 100 21.98 62.03 -36.60
C ALA D 100 21.92 61.41 -37.99
N GLU D 101 23.03 60.80 -38.41
CA GLU D 101 23.07 60.14 -39.70
C GLU D 101 22.50 58.73 -39.59
N PRO D 102 21.42 58.41 -40.30
CA PRO D 102 20.88 57.06 -40.24
C PRO D 102 21.63 56.11 -41.15
N LEU D 103 21.76 54.87 -40.70
CA LEU D 103 22.37 53.80 -41.48
C LEU D 103 21.33 52.72 -41.67
N LEU D 104 20.79 52.62 -42.89
CA LEU D 104 19.75 51.66 -43.22
C LEU D 104 20.39 50.41 -43.82
N MET D 105 19.99 49.25 -43.31
CA MET D 105 20.51 47.97 -43.75
C MET D 105 19.55 47.34 -44.75
N GLN D 106 20.05 47.00 -45.94
CA GLN D 106 19.24 46.30 -46.93
C GLN D 106 18.83 44.94 -46.38
N ILE D 107 17.53 44.76 -46.13
CA ILE D 107 17.01 43.52 -45.58
C ILE D 107 16.18 42.83 -46.66
N ARG D 108 16.48 41.56 -46.90
CA ARG D 108 15.75 40.74 -47.85
C ARG D 108 15.22 39.51 -47.12
N LEU D 109 13.92 39.28 -47.19
CA LEU D 109 13.33 38.14 -46.51
C LEU D 109 13.80 36.84 -47.17
N PRO D 110 13.85 35.75 -46.40
CA PRO D 110 14.28 34.48 -46.99
C PRO D 110 13.40 34.07 -48.15
N ALA D 111 14.01 33.42 -49.15
CA ALA D 111 13.34 33.13 -50.40
C ALA D 111 12.08 32.27 -50.21
N ASN D 112 12.02 31.48 -49.15
CA ASN D 112 10.83 30.68 -48.88
C ASN D 112 9.67 31.49 -48.34
N TYR D 113 9.90 32.76 -47.96
CA TYR D 113 8.85 33.59 -47.40
C TYR D 113 7.82 34.03 -48.42
N GLY D 114 8.10 33.86 -49.72
CA GLY D 114 7.20 34.33 -50.76
C GLY D 114 7.85 35.36 -51.66
N ARG D 115 8.02 35.01 -52.93
CA ARG D 115 8.83 35.83 -53.83
C ARG D 115 8.23 37.23 -54.00
N ARG D 116 6.92 37.32 -54.17
CA ARG D 116 6.28 38.61 -54.39
C ARG D 116 6.50 39.55 -53.21
N TYR D 117 6.17 39.08 -52.00
CA TYR D 117 6.34 39.93 -50.83
C TYR D 117 7.80 40.21 -50.54
N ASN D 118 8.68 39.21 -50.77
CA ASN D 118 10.10 39.43 -50.57
C ASN D 118 10.62 40.53 -51.49
N GLU D 119 10.24 40.49 -52.75
CA GLU D 119 10.66 41.53 -53.70
C GLU D 119 10.10 42.88 -53.30
N ALA D 120 8.81 42.93 -52.93
CA ALA D 120 8.20 44.21 -52.56
C ALA D 120 8.86 44.80 -51.32
N PHE D 121 9.20 43.96 -50.36
CA PHE D 121 9.83 44.43 -49.12
C PHE D 121 11.28 44.83 -49.35
N SER D 122 11.99 44.08 -50.19
CA SER D 122 13.39 44.40 -50.46
C SER D 122 13.53 45.66 -51.30
N ALA D 123 12.58 45.93 -52.19
CA ALA D 123 12.64 47.14 -52.99
C ALA D 123 12.44 48.41 -52.18
N ILE D 124 11.96 48.30 -50.93
CA ILE D 124 11.75 49.48 -50.10
C ILE D 124 13.10 50.12 -49.75
N TYR D 125 14.07 49.30 -49.35
CA TYR D 125 15.33 49.84 -48.83
C TYR D 125 16.08 50.70 -49.82
N PRO D 126 16.28 50.32 -51.10
CA PRO D 126 16.95 51.25 -52.02
C PRO D 126 16.19 52.55 -52.19
N LYS D 127 14.86 52.51 -52.18
CA LYS D 127 14.08 53.74 -52.30
C LYS D 127 14.33 54.67 -51.12
N LEU D 128 14.31 54.12 -49.90
CA LEU D 128 14.57 54.94 -48.72
C LEU D 128 15.99 55.48 -48.71
N ALA D 129 16.96 54.64 -49.10
CA ALA D 129 18.35 55.08 -49.14
C ALA D 129 18.55 56.21 -50.14
N LYS D 130 17.92 56.09 -51.32
CA LYS D 130 18.02 57.16 -52.31
C LYS D 130 17.32 58.43 -51.82
N GLU D 131 16.17 58.29 -51.17
CA GLU D 131 15.43 59.46 -50.70
C GLU D 131 16.20 60.21 -49.62
N PHE D 132 16.79 59.49 -48.67
CA PHE D 132 17.49 60.10 -47.56
C PHE D 132 18.99 60.20 -47.77
N ASP D 133 19.50 59.71 -48.90
CA ASP D 133 20.92 59.79 -49.25
C ASP D 133 21.80 59.17 -48.16
N VAL D 134 21.57 57.89 -47.91
CA VAL D 134 22.33 57.15 -46.90
C VAL D 134 22.83 55.84 -47.52
N PRO D 135 23.98 55.33 -47.08
CA PRO D 135 24.45 54.04 -47.60
C PRO D 135 23.52 52.91 -47.17
N LEU D 136 23.44 51.90 -48.03
CA LEU D 136 22.57 50.74 -47.83
C LEU D 136 23.44 49.49 -47.84
N LEU D 137 23.87 49.05 -46.64
CA LEU D 137 24.69 47.85 -46.55
C LEU D 137 23.86 46.62 -46.92
N PRO D 138 24.46 45.65 -47.60
CA PRO D 138 23.68 44.52 -48.12
C PRO D 138 23.27 43.56 -47.01
N PHE D 139 22.37 42.65 -47.39
CA PHE D 139 21.80 41.64 -46.50
C PHE D 139 22.85 40.55 -46.29
N PHE D 140 23.61 40.67 -45.22
CA PHE D 140 24.70 39.74 -44.96
C PHE D 140 24.23 38.43 -44.33
N MET D 141 22.97 38.32 -43.94
CA MET D 141 22.46 37.04 -43.48
C MET D 141 22.46 35.99 -44.58
N GLU D 142 22.48 36.42 -45.85
CA GLU D 142 22.72 35.48 -46.94
C GLU D 142 24.08 34.82 -46.80
N GLU D 143 25.09 35.57 -46.37
CA GLU D 143 26.39 34.98 -46.06
C GLU D 143 26.30 33.97 -44.93
N VAL D 144 25.24 34.02 -44.13
CA VAL D 144 24.98 33.01 -43.11
C VAL D 144 24.00 31.94 -43.59
N TYR D 145 23.34 32.15 -44.73
CA TYR D 145 22.38 31.18 -45.23
C TYR D 145 23.04 29.85 -45.53
N LEU D 146 24.22 29.87 -46.15
CA LEU D 146 24.93 28.65 -46.51
C LEU D 146 25.93 28.22 -45.45
N LYS D 147 25.75 28.64 -44.20
CA LYS D 147 26.68 28.36 -43.11
C LYS D 147 25.90 27.76 -41.94
N PRO D 148 25.61 26.46 -41.99
CA PRO D 148 24.91 25.83 -40.87
C PRO D 148 25.68 25.91 -39.55
N GLN D 149 27.01 25.90 -39.60
CA GLN D 149 27.79 26.04 -38.38
C GLN D 149 27.68 27.42 -37.76
N TRP D 150 27.25 28.41 -38.54
CA TRP D 150 27.05 29.77 -38.05
C TRP D 150 25.62 30.03 -37.59
N MET D 151 24.74 29.05 -37.69
CA MET D 151 23.34 29.20 -37.32
C MET D 151 23.02 28.35 -36.09
N GLN D 152 21.74 28.36 -35.72
CA GLN D 152 21.25 27.62 -34.57
C GLN D 152 20.22 26.59 -35.02
N ASP D 153 19.60 25.92 -34.04
CA ASP D 153 18.60 24.91 -34.35
C ASP D 153 17.37 25.53 -35.03
N ASP D 154 16.96 26.72 -34.58
CA ASP D 154 15.78 27.36 -35.14
C ASP D 154 16.02 27.79 -36.58
N GLY D 155 17.24 28.20 -36.90
CA GLY D 155 17.54 28.75 -38.20
C GLY D 155 17.17 30.21 -38.35
N ILE D 156 16.72 30.86 -37.29
CA ILE D 156 16.35 32.27 -37.34
C ILE D 156 17.50 33.15 -36.88
N HIS D 157 18.16 32.80 -35.78
CA HIS D 157 19.22 33.61 -35.24
C HIS D 157 20.57 32.89 -35.39
N PRO D 158 21.61 33.62 -35.78
CA PRO D 158 22.94 33.00 -35.84
C PRO D 158 23.47 32.68 -34.45
N ASN D 159 24.33 31.67 -34.39
CA ASN D 159 24.91 31.26 -33.13
C ASN D 159 26.00 32.24 -32.70
N ARG D 160 26.59 31.97 -31.53
CA ARG D 160 27.68 32.81 -31.05
C ARG D 160 28.90 32.73 -31.95
N ASP D 161 29.07 31.60 -32.66
CA ASP D 161 30.21 31.46 -33.56
C ASP D 161 30.13 32.44 -34.73
N ALA D 162 28.93 32.78 -35.18
CA ALA D 162 28.79 33.73 -36.27
C ALA D 162 29.00 35.17 -35.82
N GLN D 163 28.94 35.44 -34.52
CA GLN D 163 29.09 36.81 -34.03
C GLN D 163 30.43 37.43 -34.41
N PRO D 164 31.58 36.77 -34.25
CA PRO D 164 32.82 37.37 -34.78
C PRO D 164 32.76 37.61 -36.27
N PHE D 165 32.16 36.70 -37.04
CA PHE D 165 32.04 36.90 -38.48
C PHE D 165 31.17 38.11 -38.79
N ILE D 166 30.05 38.26 -38.07
CA ILE D 166 29.17 39.41 -38.28
C ILE D 166 29.90 40.71 -37.95
N ALA D 167 30.65 40.71 -36.84
CA ALA D 167 31.40 41.91 -36.46
C ALA D 167 32.46 42.25 -37.51
N ASP D 168 33.15 41.24 -38.03
CA ASP D 168 34.14 41.48 -39.09
C ASP D 168 33.48 42.04 -40.34
N TRP D 169 32.34 41.46 -40.75
CA TRP D 169 31.66 41.93 -41.94
C TRP D 169 31.19 43.37 -41.78
N MET D 170 30.66 43.71 -40.60
CA MET D 170 30.22 45.07 -40.36
C MET D 170 31.40 46.04 -40.31
N ALA D 171 32.55 45.60 -39.77
CA ALA D 171 33.75 46.42 -39.79
C ALA D 171 34.20 46.67 -41.22
N LYS D 172 34.10 45.67 -42.08
CA LYS D 172 34.40 45.88 -43.50
C LYS D 172 33.43 46.88 -44.11
N GLN D 173 32.16 46.80 -43.76
CA GLN D 173 31.16 47.73 -44.26
C GLN D 173 31.20 49.05 -43.47
PG ANP E . -1.22 -35.67 38.32
O1G ANP E . -0.56 -36.67 37.39
O2G ANP E . -2.27 -34.78 37.65
O3G ANP E . -1.66 -36.26 39.67
PB ANP E . 1.62 -34.77 39.14
O1B ANP E . 1.80 -34.82 40.62
O2B ANP E . 2.23 -35.84 38.29
N3B ANP E . 0.04 -34.45 38.73
PA ANP E . 3.00 -33.05 37.21
O1A ANP E . 4.16 -33.92 36.88
O2A ANP E . 1.86 -32.90 36.22
O3A ANP E . 2.40 -33.34 38.68
O5' ANP E . 3.66 -31.55 37.51
C5' ANP E . 4.38 -31.34 38.69
C4' ANP E . 4.48 -29.88 39.08
O4' ANP E . 5.66 -29.26 38.55
C3' ANP E . 3.36 -28.97 38.57
O3' ANP E . 2.13 -29.18 39.18
C2' ANP E . 3.98 -27.61 38.78
O2' ANP E . 3.94 -27.29 40.14
C1' ANP E . 5.41 -27.91 38.31
N9 ANP E . 5.59 -27.63 36.89
C8 ANP E . 5.56 -28.50 35.84
N7 ANP E . 5.75 -27.94 34.69
C5 ANP E . 5.94 -26.62 34.99
C6 ANP E . 6.19 -25.48 34.20
N6 ANP E . 6.30 -25.53 32.87
N1 ANP E . 6.32 -24.30 34.83
C2 ANP E . 6.20 -24.25 36.15
N3 ANP E . 5.98 -25.24 36.99
C4 ANP E . 5.84 -26.41 36.36
MG MG F . 0.98 -34.70 36.78
PG ANP G . -18.04 -39.01 30.22
O1G ANP G . -18.61 -37.77 30.91
O2G ANP G . -16.66 -38.80 29.60
O3G ANP G . -18.18 -40.29 31.04
PB ANP G . -20.70 -39.19 28.66
O1B ANP G . -21.32 -40.55 28.82
O2B ANP G . -21.27 -38.03 29.44
N3B ANP G . -19.05 -39.27 28.76
PA ANP G . -21.00 -37.31 26.44
O1A ANP G . -22.18 -36.54 26.93
O2A ANP G . -19.61 -36.69 26.52
O3A ANP G . -20.95 -38.81 27.03
O5' ANP G . -21.34 -37.68 24.87
C5' ANP G . -22.32 -38.65 24.57
C4' ANP G . -22.18 -39.26 23.19
O4' ANP G . -22.96 -38.54 22.23
C3' ANP G . -20.78 -39.22 22.59
O3' ANP G . -19.87 -40.09 23.19
C2' ANP G . -21.10 -39.50 21.14
O2' ANP G . -21.39 -40.85 20.97
C1' ANP G . -22.36 -38.62 20.98
N9 ANP G . -22.02 -37.27 20.52
C8 ANP G . -21.88 -36.14 21.26
N7 ANP G . -21.58 -35.10 20.55
C5 ANP G . -21.53 -35.56 19.26
C6 ANP G . -21.26 -34.95 18.03
N6 ANP G . -20.99 -33.65 17.90
N1 ANP G . -21.30 -35.72 16.93
C2 ANP G . -21.58 -37.01 17.04
N3 ANP G . -21.84 -37.69 18.14
C4 ANP G . -21.81 -36.92 19.23
MG MG H . -19.07 -37.15 28.70
#